data_1RCN
# 
_entry.id   1RCN 
# 
_audit_conform.dict_name       mmcif_pdbx.dic 
_audit_conform.dict_version    5.397 
_audit_conform.dict_location   http://mmcif.pdb.org/dictionaries/ascii/mmcif_pdbx.dic 
# 
loop_
_database_2.database_id 
_database_2.database_code 
_database_2.pdbx_database_accession 
_database_2.pdbx_DOI 
PDB   1RCN         pdb_00001rcn 10.2210/pdb1rcn/pdb 
RCSB  PDE0117      ?            ?                   
WWPDB D_1000176021 ?            ?                   
# 
loop_
_pdbx_audit_revision_history.ordinal 
_pdbx_audit_revision_history.data_content_type 
_pdbx_audit_revision_history.major_revision 
_pdbx_audit_revision_history.minor_revision 
_pdbx_audit_revision_history.revision_date 
1 'Structure model' 1 0 1994-09-30 
2 'Structure model' 1 1 2008-05-22 
3 'Structure model' 1 2 2011-07-13 
4 'Structure model' 1 3 2024-10-23 
# 
_pdbx_audit_revision_details.ordinal             1 
_pdbx_audit_revision_details.revision_ordinal    1 
_pdbx_audit_revision_details.data_content_type   'Structure model' 
_pdbx_audit_revision_details.provider            repository 
_pdbx_audit_revision_details.type                'Initial release' 
_pdbx_audit_revision_details.description         ? 
_pdbx_audit_revision_details.details             ? 
# 
loop_
_pdbx_audit_revision_group.ordinal 
_pdbx_audit_revision_group.revision_ordinal 
_pdbx_audit_revision_group.data_content_type 
_pdbx_audit_revision_group.group 
1 2 'Structure model' 'Version format compliance' 
2 3 'Structure model' 'Version format compliance' 
3 4 'Structure model' 'Data collection'           
4 4 'Structure model' 'Database references'       
5 4 'Structure model' 'Structure summary'         
# 
loop_
_pdbx_audit_revision_category.ordinal 
_pdbx_audit_revision_category.revision_ordinal 
_pdbx_audit_revision_category.data_content_type 
_pdbx_audit_revision_category.category 
1 4 'Structure model' chem_comp_atom            
2 4 'Structure model' chem_comp_bond            
3 4 'Structure model' database_2                
4 4 'Structure model' pdbx_entry_details        
5 4 'Structure model' pdbx_modification_feature 
# 
loop_
_pdbx_audit_revision_item.ordinal 
_pdbx_audit_revision_item.revision_ordinal 
_pdbx_audit_revision_item.data_content_type 
_pdbx_audit_revision_item.item 
1 4 'Structure model' '_database_2.pdbx_DOI'                
2 4 'Structure model' '_database_2.pdbx_database_accession' 
# 
_pdbx_database_status.status_code                     REL 
_pdbx_database_status.entry_id                        1RCN 
_pdbx_database_status.recvd_initial_deposition_date   1994-05-27 
_pdbx_database_status.deposit_site                    ? 
_pdbx_database_status.process_site                    NDB 
_pdbx_database_status.SG_entry                        . 
_pdbx_database_status.pdb_format_compatible           Y 
_pdbx_database_status.status_code_mr                  ? 
_pdbx_database_status.status_code_sf                  ? 
_pdbx_database_status.status_code_cs                  ? 
_pdbx_database_status.status_code_nmr_data            ? 
_pdbx_database_status.methods_development_category    ? 
# 
loop_
_audit_author.name 
_audit_author.pdbx_ordinal 
'Fontecilla-Camps, J.C.' 1 
'De Llorens, R.'         2 
'Le Du, M.H.'            3 
'Cuchillo, C.M.'         4 
# 
_citation.id                        primary 
_citation.title                     
'Crystal structure of ribonuclease A.d(ApTpApApG) complex. Direct evidence for extended substrate recognition.' 
_citation.journal_abbrev            J.Biol.Chem. 
_citation.journal_volume            269 
_citation.page_first                21526 
_citation.page_last                 21531 
_citation.year                      1994 
_citation.journal_id_ASTM           JBCHA3 
_citation.country                   US 
_citation.journal_id_ISSN           0021-9258 
_citation.journal_id_CSD            0071 
_citation.book_publisher            ? 
_citation.pdbx_database_id_PubMed   8063789 
_citation.pdbx_database_id_DOI      ? 
# 
loop_
_citation_author.citation_id 
_citation_author.name 
_citation_author.ordinal 
_citation_author.identifier_ORCID 
primary 'Fontecilla-Camps, J.C.' 1 ? 
primary 'de Llorens, R.'         2 ? 
primary 'le Du, M.H.'            3 ? 
primary 'Cuchillo, C.M.'         4 ? 
# 
loop_
_entity.id 
_entity.type 
_entity.src_method 
_entity.pdbx_description 
_entity.formula_weight 
_entity.pdbx_number_of_molecules 
_entity.pdbx_ec 
_entity.pdbx_mutation 
_entity.pdbx_fragment 
_entity.details 
1 polymer syn 
;DNA (5'-D(*AP*TP*AP*A)-3')
;
1198.856  1  ?        ? ? ? 
2 polymer nat 'PROTEIN (RIBONUCLEASE A (E.C.3.1.27.5))' 13708.326 1  3.1.27.5 ? ? ? 
3 water   nat water                                     18.015    68 ?        ? ? ? 
# 
loop_
_entity_poly.entity_id 
_entity_poly.type 
_entity_poly.nstd_linkage 
_entity_poly.nstd_monomer 
_entity_poly.pdbx_seq_one_letter_code 
_entity_poly.pdbx_seq_one_letter_code_can 
_entity_poly.pdbx_strand_id 
_entity_poly.pdbx_target_identifier 
1 polydeoxyribonucleotide no no '(DA)(DT)(DA)(DA)' ATAA D ? 
2 'polypeptide(L)'        no no 
;KETAAAKFERQHMDSSTSAASSSNYCNQMMKSRNLTKDRCKPVNTFVHESLADVQAVCSQKNVACKNGQTNCYQSYSTMS
ITDCRETGSSKYPNCAYKTTQANKHIIVACEGNPYVPVHFDASV
;
;KETAAAKFERQHMDSSTSAASSSNYCNQMMKSRNLTKDRCKPVNTFVHESLADVQAVCSQKNVACKNGQTNCYQSYSTMS
ITDCRETGSSKYPNCAYKTTQANKHIIVACEGNPYVPVHFDASV
;
E ? 
# 
_pdbx_entity_nonpoly.entity_id   3 
_pdbx_entity_nonpoly.name        water 
_pdbx_entity_nonpoly.comp_id     HOH 
# 
loop_
_entity_poly_seq.entity_id 
_entity_poly_seq.num 
_entity_poly_seq.mon_id 
_entity_poly_seq.hetero 
1 1   DA  n 
1 2   DT  n 
1 3   DA  n 
1 4   DA  n 
2 1   LYS n 
2 2   GLU n 
2 3   THR n 
2 4   ALA n 
2 5   ALA n 
2 6   ALA n 
2 7   LYS n 
2 8   PHE n 
2 9   GLU n 
2 10  ARG n 
2 11  GLN n 
2 12  HIS n 
2 13  MET n 
2 14  ASP n 
2 15  SER n 
2 16  SER n 
2 17  THR n 
2 18  SER n 
2 19  ALA n 
2 20  ALA n 
2 21  SER n 
2 22  SER n 
2 23  SER n 
2 24  ASN n 
2 25  TYR n 
2 26  CYS n 
2 27  ASN n 
2 28  GLN n 
2 29  MET n 
2 30  MET n 
2 31  LYS n 
2 32  SER n 
2 33  ARG n 
2 34  ASN n 
2 35  LEU n 
2 36  THR n 
2 37  LYS n 
2 38  ASP n 
2 39  ARG n 
2 40  CYS n 
2 41  LYS n 
2 42  PRO n 
2 43  VAL n 
2 44  ASN n 
2 45  THR n 
2 46  PHE n 
2 47  VAL n 
2 48  HIS n 
2 49  GLU n 
2 50  SER n 
2 51  LEU n 
2 52  ALA n 
2 53  ASP n 
2 54  VAL n 
2 55  GLN n 
2 56  ALA n 
2 57  VAL n 
2 58  CYS n 
2 59  SER n 
2 60  GLN n 
2 61  LYS n 
2 62  ASN n 
2 63  VAL n 
2 64  ALA n 
2 65  CYS n 
2 66  LYS n 
2 67  ASN n 
2 68  GLY n 
2 69  GLN n 
2 70  THR n 
2 71  ASN n 
2 72  CYS n 
2 73  TYR n 
2 74  GLN n 
2 75  SER n 
2 76  TYR n 
2 77  SER n 
2 78  THR n 
2 79  MET n 
2 80  SER n 
2 81  ILE n 
2 82  THR n 
2 83  ASP n 
2 84  CYS n 
2 85  ARG n 
2 86  GLU n 
2 87  THR n 
2 88  GLY n 
2 89  SER n 
2 90  SER n 
2 91  LYS n 
2 92  TYR n 
2 93  PRO n 
2 94  ASN n 
2 95  CYS n 
2 96  ALA n 
2 97  TYR n 
2 98  LYS n 
2 99  THR n 
2 100 THR n 
2 101 GLN n 
2 102 ALA n 
2 103 ASN n 
2 104 LYS n 
2 105 HIS n 
2 106 ILE n 
2 107 ILE n 
2 108 VAL n 
2 109 ALA n 
2 110 CYS n 
2 111 GLU n 
2 112 GLY n 
2 113 ASN n 
2 114 PRO n 
2 115 TYR n 
2 116 VAL n 
2 117 PRO n 
2 118 VAL n 
2 119 HIS n 
2 120 PHE n 
2 121 ASP n 
2 122 ALA n 
2 123 SER n 
2 124 VAL n 
# 
_entity_src_nat.entity_id                  2 
_entity_src_nat.pdbx_src_id                1 
_entity_src_nat.pdbx_alt_source_flag       sample 
_entity_src_nat.pdbx_beg_seq_num           ? 
_entity_src_nat.pdbx_end_seq_num           ? 
_entity_src_nat.common_name                cattle 
_entity_src_nat.pdbx_organism_scientific   'Bos taurus' 
_entity_src_nat.pdbx_ncbi_taxonomy_id      9913 
_entity_src_nat.genus                      Bos 
_entity_src_nat.species                    ? 
_entity_src_nat.strain                     ? 
_entity_src_nat.tissue                     ? 
_entity_src_nat.tissue_fraction            ? 
_entity_src_nat.pdbx_secretion             MILK 
_entity_src_nat.pdbx_fragment              ? 
_entity_src_nat.pdbx_variant               ? 
_entity_src_nat.pdbx_cell_line             ? 
_entity_src_nat.pdbx_atcc                  ? 
_entity_src_nat.pdbx_cellular_location     ? 
_entity_src_nat.pdbx_organ                 PANCREAS 
_entity_src_nat.pdbx_organelle             ? 
_entity_src_nat.pdbx_cell                  ? 
_entity_src_nat.pdbx_plasmid_name          ? 
_entity_src_nat.pdbx_plasmid_details       ? 
_entity_src_nat.details                    ? 
# 
loop_
_chem_comp.id 
_chem_comp.type 
_chem_comp.mon_nstd_flag 
_chem_comp.name 
_chem_comp.pdbx_synonyms 
_chem_comp.formula 
_chem_comp.formula_weight 
ALA 'L-peptide linking' y ALANINE                              ? 'C3 H7 N O2'      89.093  
ARG 'L-peptide linking' y ARGININE                             ? 'C6 H15 N4 O2 1'  175.209 
ASN 'L-peptide linking' y ASPARAGINE                           ? 'C4 H8 N2 O3'     132.118 
ASP 'L-peptide linking' y 'ASPARTIC ACID'                      ? 'C4 H7 N O4'      133.103 
CYS 'L-peptide linking' y CYSTEINE                             ? 'C3 H7 N O2 S'    121.158 
DA  'DNA linking'       y "2'-DEOXYADENOSINE-5'-MONOPHOSPHATE" ? 'C10 H14 N5 O6 P' 331.222 
DT  'DNA linking'       y "THYMIDINE-5'-MONOPHOSPHATE"         ? 'C10 H15 N2 O8 P' 322.208 
GLN 'L-peptide linking' y GLUTAMINE                            ? 'C5 H10 N2 O3'    146.144 
GLU 'L-peptide linking' y 'GLUTAMIC ACID'                      ? 'C5 H9 N O4'      147.129 
GLY 'peptide linking'   y GLYCINE                              ? 'C2 H5 N O2'      75.067  
HIS 'L-peptide linking' y HISTIDINE                            ? 'C6 H10 N3 O2 1'  156.162 
HOH non-polymer         . WATER                                ? 'H2 O'            18.015  
ILE 'L-peptide linking' y ISOLEUCINE                           ? 'C6 H13 N O2'     131.173 
LEU 'L-peptide linking' y LEUCINE                              ? 'C6 H13 N O2'     131.173 
LYS 'L-peptide linking' y LYSINE                               ? 'C6 H15 N2 O2 1'  147.195 
MET 'L-peptide linking' y METHIONINE                           ? 'C5 H11 N O2 S'   149.211 
PHE 'L-peptide linking' y PHENYLALANINE                        ? 'C9 H11 N O2'     165.189 
PRO 'L-peptide linking' y PROLINE                              ? 'C5 H9 N O2'      115.130 
SER 'L-peptide linking' y SERINE                               ? 'C3 H7 N O3'      105.093 
THR 'L-peptide linking' y THREONINE                            ? 'C4 H9 N O3'      119.119 
TYR 'L-peptide linking' y TYROSINE                             ? 'C9 H11 N O3'     181.189 
VAL 'L-peptide linking' y VALINE                               ? 'C5 H11 N O2'     117.146 
# 
loop_
_pdbx_poly_seq_scheme.asym_id 
_pdbx_poly_seq_scheme.entity_id 
_pdbx_poly_seq_scheme.seq_id 
_pdbx_poly_seq_scheme.mon_id 
_pdbx_poly_seq_scheme.ndb_seq_num 
_pdbx_poly_seq_scheme.pdb_seq_num 
_pdbx_poly_seq_scheme.auth_seq_num 
_pdbx_poly_seq_scheme.pdb_mon_id 
_pdbx_poly_seq_scheme.auth_mon_id 
_pdbx_poly_seq_scheme.pdb_strand_id 
_pdbx_poly_seq_scheme.pdb_ins_code 
_pdbx_poly_seq_scheme.hetero 
A 1 1   DA  1   1   1   DA  A   D . n 
A 1 2   DT  2   2   2   DT  T   D . n 
A 1 3   DA  3   3   3   DA  A   D . n 
A 1 4   DA  4   4   4   DA  A   D . n 
B 2 1   LYS 1   1   1   LYS LYS E . n 
B 2 2   GLU 2   2   2   GLU GLU E . n 
B 2 3   THR 3   3   3   THR THR E . n 
B 2 4   ALA 4   4   4   ALA ALA E . n 
B 2 5   ALA 5   5   5   ALA ALA E . n 
B 2 6   ALA 6   6   6   ALA ALA E . n 
B 2 7   LYS 7   7   7   LYS LYS E . n 
B 2 8   PHE 8   8   8   PHE PHE E . n 
B 2 9   GLU 9   9   9   GLU GLU E . n 
B 2 10  ARG 10  10  10  ARG ARG E . n 
B 2 11  GLN 11  11  11  GLN GLN E . n 
B 2 12  HIS 12  12  12  HIS HIS E . n 
B 2 13  MET 13  13  13  MET MET E . n 
B 2 14  ASP 14  14  14  ASP ASP E . n 
B 2 15  SER 15  15  15  SER SER E . n 
B 2 16  SER 16  16  16  SER SER E . n 
B 2 17  THR 17  17  17  THR THR E . n 
B 2 18  SER 18  18  18  SER SER E . n 
B 2 19  ALA 19  19  19  ALA ALA E . n 
B 2 20  ALA 20  20  20  ALA ALA E . n 
B 2 21  SER 21  21  21  SER SER E . n 
B 2 22  SER 22  22  22  SER SER E . n 
B 2 23  SER 23  23  23  SER SER E . n 
B 2 24  ASN 24  24  24  ASN ASN E . n 
B 2 25  TYR 25  25  25  TYR TYR E . n 
B 2 26  CYS 26  26  26  CYS CYS E . n 
B 2 27  ASN 27  27  27  ASN ASN E . n 
B 2 28  GLN 28  28  28  GLN GLN E . n 
B 2 29  MET 29  29  29  MET MET E . n 
B 2 30  MET 30  30  30  MET MET E . n 
B 2 31  LYS 31  31  31  LYS LYS E . n 
B 2 32  SER 32  32  32  SER SER E . n 
B 2 33  ARG 33  33  33  ARG ARG E . n 
B 2 34  ASN 34  34  34  ASN ASN E . n 
B 2 35  LEU 35  35  35  LEU LEU E . n 
B 2 36  THR 36  36  36  THR THR E . n 
B 2 37  LYS 37  37  37  LYS LYS E . n 
B 2 38  ASP 38  38  38  ASP ASP E . n 
B 2 39  ARG 39  39  39  ARG ARG E . n 
B 2 40  CYS 40  40  40  CYS CYS E . n 
B 2 41  LYS 41  41  41  LYS LYS E . n 
B 2 42  PRO 42  42  42  PRO PRO E . n 
B 2 43  VAL 43  43  43  VAL VAL E . n 
B 2 44  ASN 44  44  44  ASN ASN E . n 
B 2 45  THR 45  45  45  THR THR E . n 
B 2 46  PHE 46  46  46  PHE PHE E . n 
B 2 47  VAL 47  47  47  VAL VAL E . n 
B 2 48  HIS 48  48  48  HIS HIS E . n 
B 2 49  GLU 49  49  49  GLU GLU E . n 
B 2 50  SER 50  50  50  SER SER E . n 
B 2 51  LEU 51  51  51  LEU LEU E . n 
B 2 52  ALA 52  52  52  ALA ALA E . n 
B 2 53  ASP 53  53  53  ASP ASP E . n 
B 2 54  VAL 54  54  54  VAL VAL E . n 
B 2 55  GLN 55  55  55  GLN GLN E . n 
B 2 56  ALA 56  56  56  ALA ALA E . n 
B 2 57  VAL 57  57  57  VAL VAL E . n 
B 2 58  CYS 58  58  58  CYS CYS E . n 
B 2 59  SER 59  59  59  SER SER E . n 
B 2 60  GLN 60  60  60  GLN GLN E . n 
B 2 61  LYS 61  61  61  LYS LYS E . n 
B 2 62  ASN 62  62  62  ASN ASN E . n 
B 2 63  VAL 63  63  63  VAL VAL E . n 
B 2 64  ALA 64  64  64  ALA ALA E . n 
B 2 65  CYS 65  65  65  CYS CYS E . n 
B 2 66  LYS 66  66  66  LYS LYS E . n 
B 2 67  ASN 67  67  67  ASN ASN E . n 
B 2 68  GLY 68  68  68  GLY GLY E . n 
B 2 69  GLN 69  69  69  GLN GLN E . n 
B 2 70  THR 70  70  70  THR THR E . n 
B 2 71  ASN 71  71  71  ASN ASN E . n 
B 2 72  CYS 72  72  72  CYS CYS E . n 
B 2 73  TYR 73  73  73  TYR TYR E . n 
B 2 74  GLN 74  74  74  GLN GLN E . n 
B 2 75  SER 75  75  75  SER SER E . n 
B 2 76  TYR 76  76  76  TYR TYR E . n 
B 2 77  SER 77  77  77  SER SER E . n 
B 2 78  THR 78  78  78  THR THR E . n 
B 2 79  MET 79  79  79  MET MET E . n 
B 2 80  SER 80  80  80  SER SER E . n 
B 2 81  ILE 81  81  81  ILE ILE E . n 
B 2 82  THR 82  82  82  THR THR E . n 
B 2 83  ASP 83  83  83  ASP ASP E . n 
B 2 84  CYS 84  84  84  CYS CYS E . n 
B 2 85  ARG 85  85  85  ARG ARG E . n 
B 2 86  GLU 86  86  86  GLU GLU E . n 
B 2 87  THR 87  87  87  THR THR E . n 
B 2 88  GLY 88  88  88  GLY GLY E . n 
B 2 89  SER 89  89  89  SER SER E . n 
B 2 90  SER 90  90  90  SER SER E . n 
B 2 91  LYS 91  91  91  LYS LYS E . n 
B 2 92  TYR 92  92  92  TYR TYR E . n 
B 2 93  PRO 93  93  93  PRO PRO E . n 
B 2 94  ASN 94  94  94  ASN ASN E . n 
B 2 95  CYS 95  95  95  CYS CYS E . n 
B 2 96  ALA 96  96  96  ALA ALA E . n 
B 2 97  TYR 97  97  97  TYR TYR E . n 
B 2 98  LYS 98  98  98  LYS LYS E . n 
B 2 99  THR 99  99  99  THR THR E . n 
B 2 100 THR 100 100 100 THR THR E . n 
B 2 101 GLN 101 101 101 GLN GLN E . n 
B 2 102 ALA 102 102 102 ALA ALA E . n 
B 2 103 ASN 103 103 103 ASN ASN E . n 
B 2 104 LYS 104 104 104 LYS LYS E . n 
B 2 105 HIS 105 105 105 HIS HIS E . n 
B 2 106 ILE 106 106 106 ILE ILE E . n 
B 2 107 ILE 107 107 107 ILE ILE E . n 
B 2 108 VAL 108 108 108 VAL VAL E . n 
B 2 109 ALA 109 109 109 ALA ALA E . n 
B 2 110 CYS 110 110 110 CYS CYS E . n 
B 2 111 GLU 111 111 111 GLU GLU E . n 
B 2 112 GLY 112 112 112 GLY GLY E . n 
B 2 113 ASN 113 113 113 ASN ASN E . n 
B 2 114 PRO 114 114 114 PRO PRO E . n 
B 2 115 TYR 115 115 115 TYR TYR E . n 
B 2 116 VAL 116 116 116 VAL VAL E . n 
B 2 117 PRO 117 117 117 PRO PRO E . n 
B 2 118 VAL 118 118 118 VAL VAL E . n 
B 2 119 HIS 119 119 119 HIS HIS E . n 
B 2 120 PHE 120 120 120 PHE PHE E . n 
B 2 121 ASP 121 121 121 ASP ASP E . n 
B 2 122 ALA 122 122 122 ALA ALA E . n 
B 2 123 SER 123 123 123 SER SER E . n 
B 2 124 VAL 124 124 124 VAL VAL E . n 
# 
loop_
_pdbx_nonpoly_scheme.asym_id 
_pdbx_nonpoly_scheme.entity_id 
_pdbx_nonpoly_scheme.mon_id 
_pdbx_nonpoly_scheme.ndb_seq_num 
_pdbx_nonpoly_scheme.pdb_seq_num 
_pdbx_nonpoly_scheme.auth_seq_num 
_pdbx_nonpoly_scheme.pdb_mon_id 
_pdbx_nonpoly_scheme.auth_mon_id 
_pdbx_nonpoly_scheme.pdb_strand_id 
_pdbx_nonpoly_scheme.pdb_ins_code 
C 3 HOH 1  194 194 HOH HOH D . 
C 3 HOH 2  201 201 HOH HOH D . 
C 3 HOH 3  210 210 HOH HOH D . 
C 3 HOH 4  217 217 HOH HOH D . 
C 3 HOH 5  220 220 HOH HOH D . 
C 3 HOH 6  222 222 HOH HOH D . 
C 3 HOH 7  223 223 HOH HOH D . 
C 3 HOH 8  232 232 HOH HOH D . 
C 3 HOH 9  242 242 HOH HOH D . 
C 3 HOH 10 254 254 HOH HOH D . 
C 3 HOH 11 255 255 HOH HOH D . 
C 3 HOH 12 256 256 HOH HOH D . 
C 3 HOH 13 260 260 HOH HOH D . 
D 3 HOH 1  193 193 HOH HOH E . 
D 3 HOH 2  195 195 HOH HOH E . 
D 3 HOH 3  196 196 HOH HOH E . 
D 3 HOH 4  197 197 HOH HOH E . 
D 3 HOH 5  198 198 HOH HOH E . 
D 3 HOH 6  199 199 HOH HOH E . 
D 3 HOH 7  200 200 HOH HOH E . 
D 3 HOH 8  202 202 HOH HOH E . 
D 3 HOH 9  203 203 HOH HOH E . 
D 3 HOH 10 204 204 HOH HOH E . 
D 3 HOH 11 205 205 HOH HOH E . 
D 3 HOH 12 206 206 HOH HOH E . 
D 3 HOH 13 207 207 HOH HOH E . 
D 3 HOH 14 208 208 HOH HOH E . 
D 3 HOH 15 209 209 HOH HOH E . 
D 3 HOH 16 211 211 HOH HOH E . 
D 3 HOH 17 212 212 HOH HOH E . 
D 3 HOH 18 213 213 HOH HOH E . 
D 3 HOH 19 214 214 HOH HOH E . 
D 3 HOH 20 215 215 HOH HOH E . 
D 3 HOH 21 216 216 HOH HOH E . 
D 3 HOH 22 218 218 HOH HOH E . 
D 3 HOH 23 219 219 HOH HOH E . 
D 3 HOH 24 221 221 HOH HOH E . 
D 3 HOH 25 224 224 HOH HOH E . 
D 3 HOH 26 225 225 HOH HOH E . 
D 3 HOH 27 226 226 HOH HOH E . 
D 3 HOH 28 227 227 HOH HOH E . 
D 3 HOH 29 228 228 HOH HOH E . 
D 3 HOH 30 229 229 HOH HOH E . 
D 3 HOH 31 230 230 HOH HOH E . 
D 3 HOH 32 231 231 HOH HOH E . 
D 3 HOH 33 233 233 HOH HOH E . 
D 3 HOH 34 234 234 HOH HOH E . 
D 3 HOH 35 235 235 HOH HOH E . 
D 3 HOH 36 236 236 HOH HOH E . 
D 3 HOH 37 237 237 HOH HOH E . 
D 3 HOH 38 238 238 HOH HOH E . 
D 3 HOH 39 239 239 HOH HOH E . 
D 3 HOH 40 240 240 HOH HOH E . 
D 3 HOH 41 241 241 HOH HOH E . 
D 3 HOH 42 243 243 HOH HOH E . 
D 3 HOH 43 244 244 HOH HOH E . 
D 3 HOH 44 245 245 HOH HOH E . 
D 3 HOH 45 246 246 HOH HOH E . 
D 3 HOH 46 247 247 HOH HOH E . 
D 3 HOH 47 248 248 HOH HOH E . 
D 3 HOH 48 249 249 HOH HOH E . 
D 3 HOH 49 250 250 HOH HOH E . 
D 3 HOH 50 251 251 HOH HOH E . 
D 3 HOH 51 252 252 HOH HOH E . 
D 3 HOH 52 253 253 HOH HOH E . 
D 3 HOH 53 257 257 HOH HOH E . 
D 3 HOH 54 258 258 HOH HOH E . 
D 3 HOH 55 259 259 HOH HOH E . 
# 
_software.name             X-PLOR 
_software.classification   refinement 
_software.version          . 
_software.citation_id      ? 
_software.pdbx_ordinal     1 
# 
_cell.entry_id           1RCN 
_cell.length_a           71.860 
_cell.length_b           43.200 
_cell.length_c           43.830 
_cell.angle_alpha        90.00 
_cell.angle_beta         90.00 
_cell.angle_gamma        90.00 
_cell.Z_PDB              4 
_cell.pdbx_unique_axis   ? 
# 
_symmetry.entry_id                         1RCN 
_symmetry.space_group_name_H-M             'P 21 21 21' 
_symmetry.pdbx_full_space_group_name_H-M   ? 
_symmetry.cell_setting                     ? 
_symmetry.Int_Tables_number                19 
# 
_exptl.entry_id          1RCN 
_exptl.method            'X-RAY DIFFRACTION' 
_exptl.crystals_number   ? 
# 
_exptl_crystal.id                    1 
_exptl_crystal.density_meas          ? 
_exptl_crystal.density_Matthews      2.27 
_exptl_crystal.density_percent_sol   45.91 
_exptl_crystal.description           ? 
# 
_diffrn.id                     1 
_diffrn.ambient_temp           ? 
_diffrn.ambient_temp_details   ? 
_diffrn.crystal_id             1 
# 
_diffrn_radiation.diffrn_id                        1 
_diffrn_radiation.wavelength_id                    1 
_diffrn_radiation.pdbx_monochromatic_or_laue_m_l   M 
_diffrn_radiation.monochromator                    ? 
_diffrn_radiation.pdbx_diffrn_protocol             'SINGLE WAVELENGTH' 
_diffrn_radiation.pdbx_scattering_type             x-ray 
# 
_diffrn_radiation_wavelength.id           1 
_diffrn_radiation_wavelength.wavelength   . 
_diffrn_radiation_wavelength.wt           1.0 
# 
_refine.entry_id                                 1RCN 
_refine.ls_number_reflns_obs                     3795 
_refine.ls_number_reflns_all                     ? 
_refine.pdbx_ls_sigma_I                          ? 
_refine.pdbx_ls_sigma_F                          2.000 
_refine.pdbx_data_cutoff_high_absF               ? 
_refine.pdbx_data_cutoff_low_absF                ? 
_refine.pdbx_data_cutoff_high_rms_absF           ? 
_refine.ls_d_res_low                             8.000 
_refine.ls_d_res_high                            2.320 
_refine.ls_percent_reflns_obs                    ? 
_refine.ls_R_factor_obs                          0.172 
_refine.ls_R_factor_all                          ? 
_refine.ls_R_factor_R_work                       0.172 
_refine.ls_R_factor_R_free                       ? 
_refine.ls_R_factor_R_free_error                 ? 
_refine.ls_R_factor_R_free_error_details         ? 
_refine.ls_percent_reflns_R_free                 ? 
_refine.ls_number_reflns_R_free                  ? 
_refine.ls_number_parameters                     ? 
_refine.ls_number_restraints                     ? 
_refine.occupancy_min                            ? 
_refine.occupancy_max                            ? 
_refine.B_iso_mean                               ? 
_refine.aniso_B[1][1]                            ? 
_refine.aniso_B[2][2]                            ? 
_refine.aniso_B[3][3]                            ? 
_refine.aniso_B[1][2]                            ? 
_refine.aniso_B[1][3]                            ? 
_refine.aniso_B[2][3]                            ? 
_refine.solvent_model_details                    ? 
_refine.solvent_model_param_ksol                 ? 
_refine.solvent_model_param_bsol                 ? 
_refine.pdbx_ls_cross_valid_method               ? 
_refine.details                                  
;OLIGONUCLEOTIDE STEREOCHEMISTRY:
NUCLEOTIDE       SUGAR PUCKER      BASE
    A1             C2'-ENDO        SYN
    T2             C2'-ENDO        ANTI
    A3             C3'-ENDO        ANTI
    A4             C3'-ENDO        ANTI
;
_refine.pdbx_starting_model                      ? 
_refine.pdbx_method_to_determine_struct          ? 
_refine.pdbx_isotropic_thermal_model             ? 
_refine.pdbx_stereochemistry_target_values       ? 
_refine.pdbx_stereochem_target_val_spec_case     ? 
_refine.pdbx_R_Free_selection_details            ? 
_refine.pdbx_overall_ESU_R                       ? 
_refine.pdbx_overall_ESU_R_Free                  ? 
_refine.overall_SU_ML                            ? 
_refine.overall_SU_B                             ? 
_refine.ls_redundancy_reflns_obs                 ? 
_refine.correlation_coeff_Fo_to_Fc               ? 
_refine.correlation_coeff_Fo_to_Fc_free          ? 
_refine.overall_SU_R_Cruickshank_DPI             ? 
_refine.overall_SU_R_free                        ? 
_refine.pdbx_refine_id                           'X-RAY DIFFRACTION' 
_refine.pdbx_diffrn_id                           1 
_refine.pdbx_TLS_residual_ADP_flag               ? 
_refine.pdbx_solvent_vdw_probe_radii             ? 
_refine.pdbx_solvent_ion_probe_radii             ? 
_refine.pdbx_solvent_shrinkage_radii             ? 
_refine.pdbx_overall_phase_error                 ? 
_refine.pdbx_overall_SU_R_free_Cruickshank_DPI   ? 
_refine.pdbx_overall_SU_R_Blow_DPI               ? 
_refine.pdbx_overall_SU_R_free_Blow_DPI          ? 
# 
_refine_hist.pdbx_refine_id                   'X-RAY DIFFRACTION' 
_refine_hist.cycle_id                         LAST 
_refine_hist.pdbx_number_atoms_protein        951 
_refine_hist.pdbx_number_atoms_nucleic_acid   80 
_refine_hist.pdbx_number_atoms_ligand         0 
_refine_hist.number_atoms_solvent             68 
_refine_hist.number_atoms_total               1099 
_refine_hist.d_res_high                       2.320 
_refine_hist.d_res_low                        8.000 
# 
loop_
_refine_ls_restr.type 
_refine_ls_restr.dev_ideal 
_refine_ls_restr.dev_ideal_target 
_refine_ls_restr.weight 
_refine_ls_restr.number 
_refine_ls_restr.pdbx_refine_id 
_refine_ls_restr.pdbx_restraint_function 
x_bond_d                0.018 ? ? ? 'X-RAY DIFFRACTION' ? 
x_bond_d_na             ?     ? ? ? 'X-RAY DIFFRACTION' ? 
x_bond_d_prot           ?     ? ? ? 'X-RAY DIFFRACTION' ? 
x_angle_d               ?     ? ? ? 'X-RAY DIFFRACTION' ? 
x_angle_d_na            ?     ? ? ? 'X-RAY DIFFRACTION' ? 
x_angle_d_prot          ?     ? ? ? 'X-RAY DIFFRACTION' ? 
x_angle_deg             3.57  ? ? ? 'X-RAY DIFFRACTION' ? 
x_angle_deg_na          ?     ? ? ? 'X-RAY DIFFRACTION' ? 
x_angle_deg_prot        ?     ? ? ? 'X-RAY DIFFRACTION' ? 
x_dihedral_angle_d      ?     ? ? ? 'X-RAY DIFFRACTION' ? 
x_dihedral_angle_d_na   ?     ? ? ? 'X-RAY DIFFRACTION' ? 
x_dihedral_angle_d_prot ?     ? ? ? 'X-RAY DIFFRACTION' ? 
x_improper_angle_d      ?     ? ? ? 'X-RAY DIFFRACTION' ? 
x_improper_angle_d_na   ?     ? ? ? 'X-RAY DIFFRACTION' ? 
x_improper_angle_d_prot ?     ? ? ? 'X-RAY DIFFRACTION' ? 
x_mcbond_it             ?     ? ? ? 'X-RAY DIFFRACTION' ? 
x_mcangle_it            ?     ? ? ? 'X-RAY DIFFRACTION' ? 
x_scbond_it             ?     ? ? ? 'X-RAY DIFFRACTION' ? 
x_scangle_it            ?     ? ? ? 'X-RAY DIFFRACTION' ? 
# 
_struct.entry_id                  1RCN 
_struct.title                     
'CRYSTAL STRUCTURE OF THE RIBONUCLEASE A D(APTPAPAPG) COMPLEX : DIRECT EVIDENCE FOR EXTENDED SUBSTRATE RECOGNITION' 
_struct.pdbx_model_details        ? 
_struct.pdbx_CASP_flag            ? 
_struct.pdbx_model_type_details   ? 
# 
_struct_keywords.entry_id        1RCN 
_struct_keywords.pdbx_keywords   HYDROLASE/DNA 
_struct_keywords.text            'PROTEIN-DNA COMPLEX, HYDROLASE-DNA COMPLEX' 
# 
loop_
_struct_asym.id 
_struct_asym.pdbx_blank_PDB_chainid_flag 
_struct_asym.pdbx_modified 
_struct_asym.entity_id 
_struct_asym.details 
A N N 1 ? 
B N N 2 ? 
C N N 3 ? 
D N N 3 ? 
# 
loop_
_struct_ref.id 
_struct_ref.db_name 
_struct_ref.db_code 
_struct_ref.entity_id 
_struct_ref.pdbx_db_accession 
_struct_ref.pdbx_align_begin 
_struct_ref.pdbx_seq_one_letter_code 
_struct_ref.pdbx_db_isoform 
1 UNP RNAS1_BOVIN 2 P61823 ? ? ? 
2 PDB 1RCN        1 1RCN   ? ? ? 
# 
loop_
_struct_ref_seq.align_id 
_struct_ref_seq.ref_id 
_struct_ref_seq.pdbx_PDB_id_code 
_struct_ref_seq.pdbx_strand_id 
_struct_ref_seq.seq_align_beg 
_struct_ref_seq.pdbx_seq_align_beg_ins_code 
_struct_ref_seq.seq_align_end 
_struct_ref_seq.pdbx_seq_align_end_ins_code 
_struct_ref_seq.pdbx_db_accession 
_struct_ref_seq.db_align_beg 
_struct_ref_seq.pdbx_db_align_beg_ins_code 
_struct_ref_seq.db_align_end 
_struct_ref_seq.pdbx_db_align_end_ins_code 
_struct_ref_seq.pdbx_auth_seq_align_beg 
_struct_ref_seq.pdbx_auth_seq_align_end 
1 1 1RCN E 1 ? 124 ? P61823 27 ? 150 ? 1 124 
2 2 1RCN D 1 ? 4   ? 1RCN   1  ? 4   ? 1 4   
# 
_pdbx_struct_assembly.id                   1 
_pdbx_struct_assembly.details              author_defined_assembly 
_pdbx_struct_assembly.method_details       ? 
_pdbx_struct_assembly.oligomeric_details   dimeric 
_pdbx_struct_assembly.oligomeric_count     2 
# 
_pdbx_struct_assembly_gen.assembly_id       1 
_pdbx_struct_assembly_gen.oper_expression   1 
_pdbx_struct_assembly_gen.asym_id_list      A,B,C,D 
# 
_pdbx_struct_oper_list.id                   1 
_pdbx_struct_oper_list.type                 'identity operation' 
_pdbx_struct_oper_list.name                 1_555 
_pdbx_struct_oper_list.symmetry_operation   x,y,z 
_pdbx_struct_oper_list.matrix[1][1]         1.0000000000 
_pdbx_struct_oper_list.matrix[1][2]         0.0000000000 
_pdbx_struct_oper_list.matrix[1][3]         0.0000000000 
_pdbx_struct_oper_list.vector[1]            0.0000000000 
_pdbx_struct_oper_list.matrix[2][1]         0.0000000000 
_pdbx_struct_oper_list.matrix[2][2]         1.0000000000 
_pdbx_struct_oper_list.matrix[2][3]         0.0000000000 
_pdbx_struct_oper_list.vector[2]            0.0000000000 
_pdbx_struct_oper_list.matrix[3][1]         0.0000000000 
_pdbx_struct_oper_list.matrix[3][2]         0.0000000000 
_pdbx_struct_oper_list.matrix[3][3]         1.0000000000 
_pdbx_struct_oper_list.vector[3]            0.0000000000 
# 
_struct_biol.id                    1 
_struct_biol.pdbx_parent_biol_id   ? 
_struct_biol.details               ? 
# 
loop_
_struct_conf.conf_type_id 
_struct_conf.id 
_struct_conf.pdbx_PDB_helix_id 
_struct_conf.beg_label_comp_id 
_struct_conf.beg_label_asym_id 
_struct_conf.beg_label_seq_id 
_struct_conf.pdbx_beg_PDB_ins_code 
_struct_conf.end_label_comp_id 
_struct_conf.end_label_asym_id 
_struct_conf.end_label_seq_id 
_struct_conf.pdbx_end_PDB_ins_code 
_struct_conf.beg_auth_comp_id 
_struct_conf.beg_auth_asym_id 
_struct_conf.beg_auth_seq_id 
_struct_conf.end_auth_comp_id 
_struct_conf.end_auth_asym_id 
_struct_conf.end_auth_seq_id 
_struct_conf.pdbx_PDB_helix_class 
_struct_conf.details 
_struct_conf.pdbx_PDB_helix_length 
HELX_P HELX_P1 H1 THR B 3  ? MET B 13 ? THR E 3  MET E 13 1 ?                               11 
HELX_P HELX_P2 H2 ASN B 24 ? ASN B 34 ? ASN E 24 ASN E 34 1 'RESIDUE 34 IN 3/10 CONFIG'     11 
HELX_P HELX_P3 H3 SER B 50 ? GLN B 60 ? SER E 50 GLN E 60 1 'RESIDUES 56-60 IN 3/10 CONFIG' 11 
# 
_struct_conf_type.id          HELX_P 
_struct_conf_type.criteria    ? 
_struct_conf_type.reference   ? 
# 
loop_
_struct_conn.id 
_struct_conn.conn_type_id 
_struct_conn.pdbx_leaving_atom_flag 
_struct_conn.pdbx_PDB_id 
_struct_conn.ptnr1_label_asym_id 
_struct_conn.ptnr1_label_comp_id 
_struct_conn.ptnr1_label_seq_id 
_struct_conn.ptnr1_label_atom_id 
_struct_conn.pdbx_ptnr1_label_alt_id 
_struct_conn.pdbx_ptnr1_PDB_ins_code 
_struct_conn.pdbx_ptnr1_standard_comp_id 
_struct_conn.ptnr1_symmetry 
_struct_conn.ptnr2_label_asym_id 
_struct_conn.ptnr2_label_comp_id 
_struct_conn.ptnr2_label_seq_id 
_struct_conn.ptnr2_label_atom_id 
_struct_conn.pdbx_ptnr2_label_alt_id 
_struct_conn.pdbx_ptnr2_PDB_ins_code 
_struct_conn.ptnr1_auth_asym_id 
_struct_conn.ptnr1_auth_comp_id 
_struct_conn.ptnr1_auth_seq_id 
_struct_conn.ptnr2_auth_asym_id 
_struct_conn.ptnr2_auth_comp_id 
_struct_conn.ptnr2_auth_seq_id 
_struct_conn.ptnr2_symmetry 
_struct_conn.pdbx_ptnr3_label_atom_id 
_struct_conn.pdbx_ptnr3_label_seq_id 
_struct_conn.pdbx_ptnr3_label_comp_id 
_struct_conn.pdbx_ptnr3_label_asym_id 
_struct_conn.pdbx_ptnr3_label_alt_id 
_struct_conn.pdbx_ptnr3_PDB_ins_code 
_struct_conn.details 
_struct_conn.pdbx_dist_value 
_struct_conn.pdbx_value_order 
_struct_conn.pdbx_role 
disulf1 disulf ? ? B CYS 26 SG ? ? ? 1_555 B CYS 84  SG ? ? E CYS 26 E CYS 84  1_555 ? ? ? ? ? ? ? 2.017 ? ? 
disulf2 disulf ? ? B CYS 40 SG ? ? ? 1_555 B CYS 95  SG ? ? E CYS 40 E CYS 95  1_555 ? ? ? ? ? ? ? 1.993 ? ? 
disulf3 disulf ? ? B CYS 58 SG ? ? ? 1_555 B CYS 110 SG ? ? E CYS 58 E CYS 110 1_555 ? ? ? ? ? ? ? 2.049 ? ? 
disulf4 disulf ? ? B CYS 65 SG ? ? ? 1_555 B CYS 72  SG ? ? E CYS 65 E CYS 72  1_555 ? ? ? ? ? ? ? 2.022 ? ? 
# 
_struct_conn_type.id          disulf 
_struct_conn_type.criteria    ? 
_struct_conn_type.reference   ? 
# 
loop_
_pdbx_modification_feature.ordinal 
_pdbx_modification_feature.label_comp_id 
_pdbx_modification_feature.label_asym_id 
_pdbx_modification_feature.label_seq_id 
_pdbx_modification_feature.label_alt_id 
_pdbx_modification_feature.modified_residue_label_comp_id 
_pdbx_modification_feature.modified_residue_label_asym_id 
_pdbx_modification_feature.modified_residue_label_seq_id 
_pdbx_modification_feature.modified_residue_label_alt_id 
_pdbx_modification_feature.auth_comp_id 
_pdbx_modification_feature.auth_asym_id 
_pdbx_modification_feature.auth_seq_id 
_pdbx_modification_feature.PDB_ins_code 
_pdbx_modification_feature.symmetry 
_pdbx_modification_feature.modified_residue_auth_comp_id 
_pdbx_modification_feature.modified_residue_auth_asym_id 
_pdbx_modification_feature.modified_residue_auth_seq_id 
_pdbx_modification_feature.modified_residue_PDB_ins_code 
_pdbx_modification_feature.modified_residue_symmetry 
_pdbx_modification_feature.comp_id_linking_atom 
_pdbx_modification_feature.modified_residue_id_linking_atom 
_pdbx_modification_feature.modified_residue_id 
_pdbx_modification_feature.ref_pcm_id 
_pdbx_modification_feature.ref_comp_id 
_pdbx_modification_feature.type 
_pdbx_modification_feature.category 
1 CYS B 26 ? CYS B 84  ? CYS E 26 ? 1_555 CYS E 84  ? 1_555 SG SG . . . None 'Disulfide bridge' 
2 CYS B 40 ? CYS B 95  ? CYS E 40 ? 1_555 CYS E 95  ? 1_555 SG SG . . . None 'Disulfide bridge' 
3 CYS B 58 ? CYS B 110 ? CYS E 58 ? 1_555 CYS E 110 ? 1_555 SG SG . . . None 'Disulfide bridge' 
4 CYS B 65 ? CYS B 72  ? CYS E 65 ? 1_555 CYS E 72  ? 1_555 SG SG . . . None 'Disulfide bridge' 
# 
loop_
_struct_mon_prot_cis.pdbx_id 
_struct_mon_prot_cis.label_comp_id 
_struct_mon_prot_cis.label_seq_id 
_struct_mon_prot_cis.label_asym_id 
_struct_mon_prot_cis.label_alt_id 
_struct_mon_prot_cis.pdbx_PDB_ins_code 
_struct_mon_prot_cis.auth_comp_id 
_struct_mon_prot_cis.auth_seq_id 
_struct_mon_prot_cis.auth_asym_id 
_struct_mon_prot_cis.pdbx_label_comp_id_2 
_struct_mon_prot_cis.pdbx_label_seq_id_2 
_struct_mon_prot_cis.pdbx_label_asym_id_2 
_struct_mon_prot_cis.pdbx_PDB_ins_code_2 
_struct_mon_prot_cis.pdbx_auth_comp_id_2 
_struct_mon_prot_cis.pdbx_auth_seq_id_2 
_struct_mon_prot_cis.pdbx_auth_asym_id_2 
_struct_mon_prot_cis.pdbx_PDB_model_num 
_struct_mon_prot_cis.pdbx_omega_angle 
1 TYR 92  B . ? TYR 92  E PRO 93  B ? PRO 93  E 1 12.52 
2 ASN 113 B . ? ASN 113 E PRO 114 B ? PRO 114 E 1 0.30  
# 
loop_
_struct_sheet.id 
_struct_sheet.type 
_struct_sheet.number_strands 
_struct_sheet.details 
S1A ? 3 ? 
S1B ? 3 ? 
S2A ? 4 ? 
S2B ? 4 ? 
# 
loop_
_struct_sheet_order.sheet_id 
_struct_sheet_order.range_id_1 
_struct_sheet_order.range_id_2 
_struct_sheet_order.offset 
_struct_sheet_order.sense 
S1A 1 2 ? anti-parallel 
S1A 2 3 ? anti-parallel 
S1B 1 2 ? anti-parallel 
S1B 2 3 ? anti-parallel 
S2A 1 2 ? anti-parallel 
S2A 2 3 ? anti-parallel 
S2A 3 4 ? anti-parallel 
S2B 1 2 ? anti-parallel 
S2B 2 3 ? anti-parallel 
S2B 3 4 ? anti-parallel 
# 
loop_
_struct_sheet_range.sheet_id 
_struct_sheet_range.id 
_struct_sheet_range.beg_label_comp_id 
_struct_sheet_range.beg_label_asym_id 
_struct_sheet_range.beg_label_seq_id 
_struct_sheet_range.pdbx_beg_PDB_ins_code 
_struct_sheet_range.end_label_comp_id 
_struct_sheet_range.end_label_asym_id 
_struct_sheet_range.end_label_seq_id 
_struct_sheet_range.pdbx_end_PDB_ins_code 
_struct_sheet_range.beg_auth_comp_id 
_struct_sheet_range.beg_auth_asym_id 
_struct_sheet_range.beg_auth_seq_id 
_struct_sheet_range.end_auth_comp_id 
_struct_sheet_range.end_auth_asym_id 
_struct_sheet_range.end_auth_seq_id 
S1A 1 LYS B 41  ? HIS B 48  ? LYS E 41  HIS E 48  
S1A 2 MET B 79  ? THR B 87  ? MET E 79  THR E 87  
S1A 3 ASN B 94  ? LYS B 104 ? ASN E 94  LYS E 104 
S1B 1 LYS B 41  ? HIS B 48  ? LYS E 41  HIS E 48  
S1B 2 SER B 90  ? LYS B 91  ? SER E 90  LYS E 91  
S1B 3 ASN B 94  ? LYS B 104 ? ASN E 94  LYS E 104 
S2A 1 LYS B 61  ? ALA B 64  ? LYS E 61  ALA E 64  
S2A 2 ASN B 71  ? SER B 75  ? ASN E 71  SER E 75  
S2A 3 HIS B 105 ? ASN B 113 ? HIS E 105 ASN E 113 
S2A 4 PRO B 114 ? HIS B 119 ? PRO E 114 HIS E 119 
S2B 1 LYS B 61  ? ALA B 64  ? LYS E 61  ALA E 64  
S2B 2 ASN B 71  ? SER B 75  ? ASN E 71  SER E 75  
S2B 3 HIS B 105 ? ASN B 113 ? HIS E 105 ASN E 113 
S2B 4 ASP B 121 ? VAL B 124 ? ASP E 121 VAL E 124 
# 
loop_
_pdbx_struct_sheet_hbond.sheet_id 
_pdbx_struct_sheet_hbond.range_id_1 
_pdbx_struct_sheet_hbond.range_id_2 
_pdbx_struct_sheet_hbond.range_1_label_atom_id 
_pdbx_struct_sheet_hbond.range_1_label_comp_id 
_pdbx_struct_sheet_hbond.range_1_label_asym_id 
_pdbx_struct_sheet_hbond.range_1_label_seq_id 
_pdbx_struct_sheet_hbond.range_1_PDB_ins_code 
_pdbx_struct_sheet_hbond.range_1_auth_atom_id 
_pdbx_struct_sheet_hbond.range_1_auth_comp_id 
_pdbx_struct_sheet_hbond.range_1_auth_asym_id 
_pdbx_struct_sheet_hbond.range_1_auth_seq_id 
_pdbx_struct_sheet_hbond.range_2_label_atom_id 
_pdbx_struct_sheet_hbond.range_2_label_comp_id 
_pdbx_struct_sheet_hbond.range_2_label_asym_id 
_pdbx_struct_sheet_hbond.range_2_label_seq_id 
_pdbx_struct_sheet_hbond.range_2_PDB_ins_code 
_pdbx_struct_sheet_hbond.range_2_auth_atom_id 
_pdbx_struct_sheet_hbond.range_2_auth_comp_id 
_pdbx_struct_sheet_hbond.range_2_auth_asym_id 
_pdbx_struct_sheet_hbond.range_2_auth_seq_id 
S1A 1 2 O PRO B 42  ? O PRO E 42  N GLU B 86  ? N GLU E 86  
S1A 2 3 N MET B 79  ? N MET E 79  O LYS B 104 ? O LYS E 104 
S1B 2 3 N LYS B 91  ? N LYS E 91  O ASN B 94  ? O ASN E 94  
S2A 1 2 N VAL B 63  ? N VAL E 63  O CYS B 72  ? O CYS E 72  
S2A 2 3 N TYR B 73  ? N TYR E 73  O VAL B 108 ? O VAL E 108 
S2A 3 4 N GLU B 111 ? N GLU E 111 O VAL B 116 ? O VAL E 116 
S2B 1 2 N VAL B 63  ? N VAL E 63  O CYS B 72  ? O CYS E 72  
S2B 2 3 N TYR B 73  ? N TYR E 73  O VAL B 108 ? O VAL E 108 
S2B 3 4 O HIS B 105 ? O HIS E 105 N VAL B 124 ? N VAL E 124 
# 
_pdbx_entry_details.entry_id                   1RCN 
_pdbx_entry_details.compound_details           ? 
_pdbx_entry_details.source_details             ? 
_pdbx_entry_details.nonpolymer_details         ? 
_pdbx_entry_details.sequence_details           ? 
_pdbx_entry_details.has_ligand_of_interest     ? 
_pdbx_entry_details.has_protein_modification   Y 
# 
loop_
_pdbx_validate_rmsd_bond.id 
_pdbx_validate_rmsd_bond.PDB_model_num 
_pdbx_validate_rmsd_bond.auth_atom_id_1 
_pdbx_validate_rmsd_bond.auth_asym_id_1 
_pdbx_validate_rmsd_bond.auth_comp_id_1 
_pdbx_validate_rmsd_bond.auth_seq_id_1 
_pdbx_validate_rmsd_bond.PDB_ins_code_1 
_pdbx_validate_rmsd_bond.label_alt_id_1 
_pdbx_validate_rmsd_bond.auth_atom_id_2 
_pdbx_validate_rmsd_bond.auth_asym_id_2 
_pdbx_validate_rmsd_bond.auth_comp_id_2 
_pdbx_validate_rmsd_bond.auth_seq_id_2 
_pdbx_validate_rmsd_bond.PDB_ins_code_2 
_pdbx_validate_rmsd_bond.label_alt_id_2 
_pdbx_validate_rmsd_bond.bond_value 
_pdbx_validate_rmsd_bond.bond_target_value 
_pdbx_validate_rmsd_bond.bond_deviation 
_pdbx_validate_rmsd_bond.bond_standard_deviation 
_pdbx_validate_rmsd_bond.linker_flag 
1  1 C2    D DA  1   ? ? N3    D DA  1   ? ? 1.424 1.331 0.093  0.009 N 
2  1 C8    D DA  1   ? ? N9    D DA  1   ? ? 1.436 1.373 0.063  0.008 N 
3  1 N9    D DA  1   ? ? C4    D DA  1   ? ? 1.317 1.374 -0.057 0.006 N 
4  1 C5    D DT  2   ? ? C6    D DT  2   ? ? 1.404 1.339 0.065  0.007 N 
5  1 C2    D DT  2   ? ? O2    D DT  2   ? ? 1.275 1.220 0.055  0.008 N 
6  1 C4    D DT  2   ? ? O4    D DT  2   ? ? 1.291 1.228 0.063  0.009 N 
7  1 C5    D DT  2   ? ? C7    D DT  2   ? ? 1.570 1.496 0.074  0.006 N 
8  1 "C3'" D DA  3   ? ? "C2'" D DA  3   ? ? 1.467 1.516 -0.049 0.008 N 
9  1 C2    D DA  3   ? ? N3    D DA  3   ? ? 1.414 1.331 0.083  0.009 N 
10 1 C5    D DA  3   ? ? N7    D DA  3   ? ? 1.320 1.388 -0.068 0.006 N 
11 1 N7    D DA  3   ? ? C8    D DA  3   ? ? 1.448 1.311 0.137  0.007 N 
12 1 C8    D DA  3   ? ? N9    D DA  3   ? ? 1.509 1.373 0.136  0.008 N 
13 1 "C5'" D DA  4   ? ? "C4'" D DA  4   ? ? 1.578 1.512 0.066  0.007 N 
14 1 C2    D DA  4   ? ? N3    D DA  4   ? ? 1.206 1.331 -0.125 0.009 N 
15 1 C4    D DA  4   ? ? C5    D DA  4   ? ? 1.453 1.383 0.070  0.007 N 
16 1 NE2   E HIS 105 ? ? CD2   E HIS 105 ? ? 1.302 1.373 -0.071 0.011 N 
17 1 NE2   E HIS 119 ? ? CD2   E HIS 119 ? ? 1.302 1.373 -0.071 0.011 N 
# 
loop_
_pdbx_validate_rmsd_angle.id 
_pdbx_validate_rmsd_angle.PDB_model_num 
_pdbx_validate_rmsd_angle.auth_atom_id_1 
_pdbx_validate_rmsd_angle.auth_asym_id_1 
_pdbx_validate_rmsd_angle.auth_comp_id_1 
_pdbx_validate_rmsd_angle.auth_seq_id_1 
_pdbx_validate_rmsd_angle.PDB_ins_code_1 
_pdbx_validate_rmsd_angle.label_alt_id_1 
_pdbx_validate_rmsd_angle.auth_atom_id_2 
_pdbx_validate_rmsd_angle.auth_asym_id_2 
_pdbx_validate_rmsd_angle.auth_comp_id_2 
_pdbx_validate_rmsd_angle.auth_seq_id_2 
_pdbx_validate_rmsd_angle.PDB_ins_code_2 
_pdbx_validate_rmsd_angle.label_alt_id_2 
_pdbx_validate_rmsd_angle.auth_atom_id_3 
_pdbx_validate_rmsd_angle.auth_asym_id_3 
_pdbx_validate_rmsd_angle.auth_comp_id_3 
_pdbx_validate_rmsd_angle.auth_seq_id_3 
_pdbx_validate_rmsd_angle.PDB_ins_code_3 
_pdbx_validate_rmsd_angle.label_alt_id_3 
_pdbx_validate_rmsd_angle.angle_value 
_pdbx_validate_rmsd_angle.angle_target_value 
_pdbx_validate_rmsd_angle.angle_deviation 
_pdbx_validate_rmsd_angle.angle_standard_deviation 
_pdbx_validate_rmsd_angle.linker_flag 
1  1 C6    D DA  1  ? ? N1    D DA  1  ? ? C2    D DA  1  ? ? 127.46 118.60 8.86   0.60 N 
2  1 N1    D DA  1  ? ? C2    D DA  1  ? ? N3    D DA  1  ? ? 117.08 129.30 -12.22 0.50 N 
3  1 C2    D DA  1  ? ? N3    D DA  1  ? ? C4    D DA  1  ? ? 115.92 110.60 5.32   0.50 N 
4  1 C4    D DA  1  ? ? C5    D DA  1  ? ? N7    D DA  1  ? ? 107.05 110.70 -3.65  0.50 N 
5  1 C5    D DA  1  ? ? N7    D DA  1  ? ? C8    D DA  1  ? ? 108.10 103.90 4.20   0.50 N 
6  1 N7    D DA  1  ? ? C8    D DA  1  ? ? N9    D DA  1  ? ? 107.18 113.80 -6.62  0.50 N 
7  1 C8    D DA  1  ? ? N9    D DA  1  ? ? C4    D DA  1  ? ? 108.52 105.80 2.72   0.40 N 
8  1 N9    D DA  1  ? ? C4    D DA  1  ? ? C5    D DA  1  ? ? 109.15 105.80 3.35   0.40 N 
9  1 N1    D DA  1  ? ? C6    D DA  1  ? ? N6    D DA  1  ? ? 126.24 118.60 7.64   0.60 N 
10 1 C5    D DA  1  ? ? C6    D DA  1  ? ? N6    D DA  1  ? ? 118.09 123.70 -5.61  0.80 N 
11 1 "C3'" D DA  1  ? ? "O3'" D DA  1  ? ? P     D DT  2  ? ? 127.23 119.70 7.53   1.20 Y 
12 1 "O4'" D DT  2  ? ? "C4'" D DT  2  ? ? "C3'" D DT  2  ? ? 109.73 106.00 3.73   0.60 N 
13 1 "C4'" D DT  2  ? ? "C3'" D DT  2  ? ? "C2'" D DT  2  ? ? 97.92  102.20 -4.28  0.70 N 
14 1 "O4'" D DT  2  ? ? "C1'" D DT  2  ? ? N1    D DT  2  ? ? 116.88 108.30 8.58   0.30 N 
15 1 N1    D DT  2  ? ? C2    D DT  2  ? ? N3    D DT  2  ? ? 123.14 114.60 8.54   0.60 N 
16 1 C2    D DT  2  ? ? N3    D DT  2  ? ? C4    D DT  2  ? ? 118.15 127.20 -9.05  0.60 N 
17 1 N3    D DT  2  ? ? C4    D DT  2  ? ? C5    D DT  2  ? ? 120.30 115.20 5.10   0.60 N 
18 1 N3    D DT  2  ? ? C2    D DT  2  ? ? O2    D DT  2  ? ? 115.61 122.30 -6.69  0.60 N 
19 1 N3    D DT  2  ? ? C4    D DT  2  ? ? O4    D DT  2  ? ? 114.12 119.90 -5.78  0.60 N 
20 1 "C4'" D DA  3  ? ? "C3'" D DA  3  ? ? "C2'" D DA  3  ? ? 96.58  102.20 -5.62  0.70 N 
21 1 N1    D DA  3  ? ? C2    D DA  3  ? ? N3    D DA  3  ? ? 121.95 129.30 -7.35  0.50 N 
22 1 C2    D DA  3  ? ? N3    D DA  3  ? ? C4    D DA  3  ? ? 114.71 110.60 4.11   0.50 N 
23 1 C4    D DA  3  ? ? C5    D DA  3  ? ? C6    D DA  3  ? ? 120.33 117.00 3.33   0.50 N 
24 1 C5    D DA  3  ? ? N7    D DA  3  ? ? C8    D DA  3  ? ? 108.66 103.90 4.76   0.50 N 
25 1 N7    D DA  3  ? ? C8    D DA  3  ? ? N9    D DA  3  ? ? 102.88 113.80 -10.92 0.50 N 
26 1 N9    D DA  3  ? ? C4    D DA  3  ? ? C5    D DA  3  ? ? 109.37 105.80 3.57   0.40 N 
27 1 C6    D DA  3  ? ? C5    D DA  3  ? ? N7    D DA  3  ? ? 127.54 132.30 -4.76  0.70 N 
28 1 N1    D DA  3  ? ? C6    D DA  3  ? ? N6    D DA  3  ? ? 125.03 118.60 6.43   0.60 N 
29 1 C5    D DA  3  ? ? C6    D DA  3  ? ? N6    D DA  3  ? ? 116.97 123.70 -6.73  0.80 N 
30 1 "C3'" D DA  3  ? ? "O3'" D DA  3  ? ? P     D DA  4  ? ? 130.75 119.70 11.05  1.20 Y 
31 1 "O4'" D DA  4  ? ? "C1'" D DA  4  ? ? N9    D DA  4  ? ? 113.98 108.30 5.68   0.30 N 
32 1 C2    D DA  4  ? ? N3    D DA  4  ? ? C4    D DA  4  ? ? 118.23 110.60 7.63   0.50 N 
33 1 N3    D DA  4  ? ? C4    D DA  4  ? ? C5    D DA  4  ? ? 118.46 126.80 -8.34  0.70 N 
34 1 C8    D DA  4  ? ? N9    D DA  4  ? ? C4    D DA  4  ? ? 108.51 105.80 2.71   0.40 N 
35 1 N3    D DA  4  ? ? C4    D DA  4  ? ? N9    D DA  4  ? ? 137.04 127.40 9.64   0.80 N 
36 1 NE    E ARG 33 ? ? CZ    E ARG 33 ? ? NH1   E ARG 33 ? ? 123.90 120.30 3.60   0.50 N 
37 1 CA    E CYS 40 ? ? CB    E CYS 40 ? ? SG    E CYS 40 ? ? 120.96 114.20 6.76   1.10 N 
38 1 CG    E MET 79 ? ? SD    E MET 79 ? ? CE    E MET 79 ? ? 90.59  100.20 -9.61  1.60 N 
# 
loop_
_pdbx_validate_torsion.id 
_pdbx_validate_torsion.PDB_model_num 
_pdbx_validate_torsion.auth_comp_id 
_pdbx_validate_torsion.auth_asym_id 
_pdbx_validate_torsion.auth_seq_id 
_pdbx_validate_torsion.PDB_ins_code 
_pdbx_validate_torsion.label_alt_id 
_pdbx_validate_torsion.phi 
_pdbx_validate_torsion.psi 
1 1 ASP E 14 ? ? -152.60 86.01   
2 1 ASN E 34 ? ? 70.73   34.81   
3 1 HIS E 48 ? ? -110.36 63.35   
4 1 GLN E 60 ? ? -114.13 -131.29 
5 1 ASN E 94 ? ? -103.01 71.11   
# 
loop_
_chem_comp_atom.comp_id 
_chem_comp_atom.atom_id 
_chem_comp_atom.type_symbol 
_chem_comp_atom.pdbx_aromatic_flag 
_chem_comp_atom.pdbx_stereo_config 
_chem_comp_atom.pdbx_ordinal 
ALA N      N N N 1   
ALA CA     C N S 2   
ALA C      C N N 3   
ALA O      O N N 4   
ALA CB     C N N 5   
ALA OXT    O N N 6   
ALA H      H N N 7   
ALA H2     H N N 8   
ALA HA     H N N 9   
ALA HB1    H N N 10  
ALA HB2    H N N 11  
ALA HB3    H N N 12  
ALA HXT    H N N 13  
ARG N      N N N 14  
ARG CA     C N S 15  
ARG C      C N N 16  
ARG O      O N N 17  
ARG CB     C N N 18  
ARG CG     C N N 19  
ARG CD     C N N 20  
ARG NE     N N N 21  
ARG CZ     C N N 22  
ARG NH1    N N N 23  
ARG NH2    N N N 24  
ARG OXT    O N N 25  
ARG H      H N N 26  
ARG H2     H N N 27  
ARG HA     H N N 28  
ARG HB2    H N N 29  
ARG HB3    H N N 30  
ARG HG2    H N N 31  
ARG HG3    H N N 32  
ARG HD2    H N N 33  
ARG HD3    H N N 34  
ARG HE     H N N 35  
ARG HH11   H N N 36  
ARG HH12   H N N 37  
ARG HH21   H N N 38  
ARG HH22   H N N 39  
ARG HXT    H N N 40  
ASN N      N N N 41  
ASN CA     C N S 42  
ASN C      C N N 43  
ASN O      O N N 44  
ASN CB     C N N 45  
ASN CG     C N N 46  
ASN OD1    O N N 47  
ASN ND2    N N N 48  
ASN OXT    O N N 49  
ASN H      H N N 50  
ASN H2     H N N 51  
ASN HA     H N N 52  
ASN HB2    H N N 53  
ASN HB3    H N N 54  
ASN HD21   H N N 55  
ASN HD22   H N N 56  
ASN HXT    H N N 57  
ASP N      N N N 58  
ASP CA     C N S 59  
ASP C      C N N 60  
ASP O      O N N 61  
ASP CB     C N N 62  
ASP CG     C N N 63  
ASP OD1    O N N 64  
ASP OD2    O N N 65  
ASP OXT    O N N 66  
ASP H      H N N 67  
ASP H2     H N N 68  
ASP HA     H N N 69  
ASP HB2    H N N 70  
ASP HB3    H N N 71  
ASP HD2    H N N 72  
ASP HXT    H N N 73  
CYS N      N N N 74  
CYS CA     C N R 75  
CYS C      C N N 76  
CYS O      O N N 77  
CYS CB     C N N 78  
CYS SG     S N N 79  
CYS OXT    O N N 80  
CYS H      H N N 81  
CYS H2     H N N 82  
CYS HA     H N N 83  
CYS HB2    H N N 84  
CYS HB3    H N N 85  
CYS HG     H N N 86  
CYS HXT    H N N 87  
DA  OP3    O N N 88  
DA  P      P N N 89  
DA  OP1    O N N 90  
DA  OP2    O N N 91  
DA  "O5'"  O N N 92  
DA  "C5'"  C N N 93  
DA  "C4'"  C N R 94  
DA  "O4'"  O N N 95  
DA  "C3'"  C N S 96  
DA  "O3'"  O N N 97  
DA  "C2'"  C N N 98  
DA  "C1'"  C N R 99  
DA  N9     N Y N 100 
DA  C8     C Y N 101 
DA  N7     N Y N 102 
DA  C5     C Y N 103 
DA  C6     C Y N 104 
DA  N6     N N N 105 
DA  N1     N Y N 106 
DA  C2     C Y N 107 
DA  N3     N Y N 108 
DA  C4     C Y N 109 
DA  HOP3   H N N 110 
DA  HOP2   H N N 111 
DA  "H5'"  H N N 112 
DA  "H5''" H N N 113 
DA  "H4'"  H N N 114 
DA  "H3'"  H N N 115 
DA  "HO3'" H N N 116 
DA  "H2'"  H N N 117 
DA  "H2''" H N N 118 
DA  "H1'"  H N N 119 
DA  H8     H N N 120 
DA  H61    H N N 121 
DA  H62    H N N 122 
DA  H2     H N N 123 
DT  OP3    O N N 124 
DT  P      P N N 125 
DT  OP1    O N N 126 
DT  OP2    O N N 127 
DT  "O5'"  O N N 128 
DT  "C5'"  C N N 129 
DT  "C4'"  C N R 130 
DT  "O4'"  O N N 131 
DT  "C3'"  C N S 132 
DT  "O3'"  O N N 133 
DT  "C2'"  C N N 134 
DT  "C1'"  C N R 135 
DT  N1     N N N 136 
DT  C2     C N N 137 
DT  O2     O N N 138 
DT  N3     N N N 139 
DT  C4     C N N 140 
DT  O4     O N N 141 
DT  C5     C N N 142 
DT  C7     C N N 143 
DT  C6     C N N 144 
DT  HOP3   H N N 145 
DT  HOP2   H N N 146 
DT  "H5'"  H N N 147 
DT  "H5''" H N N 148 
DT  "H4'"  H N N 149 
DT  "H3'"  H N N 150 
DT  "HO3'" H N N 151 
DT  "H2'"  H N N 152 
DT  "H2''" H N N 153 
DT  "H1'"  H N N 154 
DT  H3     H N N 155 
DT  H71    H N N 156 
DT  H72    H N N 157 
DT  H73    H N N 158 
DT  H6     H N N 159 
GLN N      N N N 160 
GLN CA     C N S 161 
GLN C      C N N 162 
GLN O      O N N 163 
GLN CB     C N N 164 
GLN CG     C N N 165 
GLN CD     C N N 166 
GLN OE1    O N N 167 
GLN NE2    N N N 168 
GLN OXT    O N N 169 
GLN H      H N N 170 
GLN H2     H N N 171 
GLN HA     H N N 172 
GLN HB2    H N N 173 
GLN HB3    H N N 174 
GLN HG2    H N N 175 
GLN HG3    H N N 176 
GLN HE21   H N N 177 
GLN HE22   H N N 178 
GLN HXT    H N N 179 
GLU N      N N N 180 
GLU CA     C N S 181 
GLU C      C N N 182 
GLU O      O N N 183 
GLU CB     C N N 184 
GLU CG     C N N 185 
GLU CD     C N N 186 
GLU OE1    O N N 187 
GLU OE2    O N N 188 
GLU OXT    O N N 189 
GLU H      H N N 190 
GLU H2     H N N 191 
GLU HA     H N N 192 
GLU HB2    H N N 193 
GLU HB3    H N N 194 
GLU HG2    H N N 195 
GLU HG3    H N N 196 
GLU HE2    H N N 197 
GLU HXT    H N N 198 
GLY N      N N N 199 
GLY CA     C N N 200 
GLY C      C N N 201 
GLY O      O N N 202 
GLY OXT    O N N 203 
GLY H      H N N 204 
GLY H2     H N N 205 
GLY HA2    H N N 206 
GLY HA3    H N N 207 
GLY HXT    H N N 208 
HIS N      N N N 209 
HIS CA     C N S 210 
HIS C      C N N 211 
HIS O      O N N 212 
HIS CB     C N N 213 
HIS CG     C Y N 214 
HIS ND1    N Y N 215 
HIS CD2    C Y N 216 
HIS CE1    C Y N 217 
HIS NE2    N Y N 218 
HIS OXT    O N N 219 
HIS H      H N N 220 
HIS H2     H N N 221 
HIS HA     H N N 222 
HIS HB2    H N N 223 
HIS HB3    H N N 224 
HIS HD1    H N N 225 
HIS HD2    H N N 226 
HIS HE1    H N N 227 
HIS HE2    H N N 228 
HIS HXT    H N N 229 
HOH O      O N N 230 
HOH H1     H N N 231 
HOH H2     H N N 232 
ILE N      N N N 233 
ILE CA     C N S 234 
ILE C      C N N 235 
ILE O      O N N 236 
ILE CB     C N S 237 
ILE CG1    C N N 238 
ILE CG2    C N N 239 
ILE CD1    C N N 240 
ILE OXT    O N N 241 
ILE H      H N N 242 
ILE H2     H N N 243 
ILE HA     H N N 244 
ILE HB     H N N 245 
ILE HG12   H N N 246 
ILE HG13   H N N 247 
ILE HG21   H N N 248 
ILE HG22   H N N 249 
ILE HG23   H N N 250 
ILE HD11   H N N 251 
ILE HD12   H N N 252 
ILE HD13   H N N 253 
ILE HXT    H N N 254 
LEU N      N N N 255 
LEU CA     C N S 256 
LEU C      C N N 257 
LEU O      O N N 258 
LEU CB     C N N 259 
LEU CG     C N N 260 
LEU CD1    C N N 261 
LEU CD2    C N N 262 
LEU OXT    O N N 263 
LEU H      H N N 264 
LEU H2     H N N 265 
LEU HA     H N N 266 
LEU HB2    H N N 267 
LEU HB3    H N N 268 
LEU HG     H N N 269 
LEU HD11   H N N 270 
LEU HD12   H N N 271 
LEU HD13   H N N 272 
LEU HD21   H N N 273 
LEU HD22   H N N 274 
LEU HD23   H N N 275 
LEU HXT    H N N 276 
LYS N      N N N 277 
LYS CA     C N S 278 
LYS C      C N N 279 
LYS O      O N N 280 
LYS CB     C N N 281 
LYS CG     C N N 282 
LYS CD     C N N 283 
LYS CE     C N N 284 
LYS NZ     N N N 285 
LYS OXT    O N N 286 
LYS H      H N N 287 
LYS H2     H N N 288 
LYS HA     H N N 289 
LYS HB2    H N N 290 
LYS HB3    H N N 291 
LYS HG2    H N N 292 
LYS HG3    H N N 293 
LYS HD2    H N N 294 
LYS HD3    H N N 295 
LYS HE2    H N N 296 
LYS HE3    H N N 297 
LYS HZ1    H N N 298 
LYS HZ2    H N N 299 
LYS HZ3    H N N 300 
LYS HXT    H N N 301 
MET N      N N N 302 
MET CA     C N S 303 
MET C      C N N 304 
MET O      O N N 305 
MET CB     C N N 306 
MET CG     C N N 307 
MET SD     S N N 308 
MET CE     C N N 309 
MET OXT    O N N 310 
MET H      H N N 311 
MET H2     H N N 312 
MET HA     H N N 313 
MET HB2    H N N 314 
MET HB3    H N N 315 
MET HG2    H N N 316 
MET HG3    H N N 317 
MET HE1    H N N 318 
MET HE2    H N N 319 
MET HE3    H N N 320 
MET HXT    H N N 321 
PHE N      N N N 322 
PHE CA     C N S 323 
PHE C      C N N 324 
PHE O      O N N 325 
PHE CB     C N N 326 
PHE CG     C Y N 327 
PHE CD1    C Y N 328 
PHE CD2    C Y N 329 
PHE CE1    C Y N 330 
PHE CE2    C Y N 331 
PHE CZ     C Y N 332 
PHE OXT    O N N 333 
PHE H      H N N 334 
PHE H2     H N N 335 
PHE HA     H N N 336 
PHE HB2    H N N 337 
PHE HB3    H N N 338 
PHE HD1    H N N 339 
PHE HD2    H N N 340 
PHE HE1    H N N 341 
PHE HE2    H N N 342 
PHE HZ     H N N 343 
PHE HXT    H N N 344 
PRO N      N N N 345 
PRO CA     C N S 346 
PRO C      C N N 347 
PRO O      O N N 348 
PRO CB     C N N 349 
PRO CG     C N N 350 
PRO CD     C N N 351 
PRO OXT    O N N 352 
PRO H      H N N 353 
PRO HA     H N N 354 
PRO HB2    H N N 355 
PRO HB3    H N N 356 
PRO HG2    H N N 357 
PRO HG3    H N N 358 
PRO HD2    H N N 359 
PRO HD3    H N N 360 
PRO HXT    H N N 361 
SER N      N N N 362 
SER CA     C N S 363 
SER C      C N N 364 
SER O      O N N 365 
SER CB     C N N 366 
SER OG     O N N 367 
SER OXT    O N N 368 
SER H      H N N 369 
SER H2     H N N 370 
SER HA     H N N 371 
SER HB2    H N N 372 
SER HB3    H N N 373 
SER HG     H N N 374 
SER HXT    H N N 375 
THR N      N N N 376 
THR CA     C N S 377 
THR C      C N N 378 
THR O      O N N 379 
THR CB     C N R 380 
THR OG1    O N N 381 
THR CG2    C N N 382 
THR OXT    O N N 383 
THR H      H N N 384 
THR H2     H N N 385 
THR HA     H N N 386 
THR HB     H N N 387 
THR HG1    H N N 388 
THR HG21   H N N 389 
THR HG22   H N N 390 
THR HG23   H N N 391 
THR HXT    H N N 392 
TYR N      N N N 393 
TYR CA     C N S 394 
TYR C      C N N 395 
TYR O      O N N 396 
TYR CB     C N N 397 
TYR CG     C Y N 398 
TYR CD1    C Y N 399 
TYR CD2    C Y N 400 
TYR CE1    C Y N 401 
TYR CE2    C Y N 402 
TYR CZ     C Y N 403 
TYR OH     O N N 404 
TYR OXT    O N N 405 
TYR H      H N N 406 
TYR H2     H N N 407 
TYR HA     H N N 408 
TYR HB2    H N N 409 
TYR HB3    H N N 410 
TYR HD1    H N N 411 
TYR HD2    H N N 412 
TYR HE1    H N N 413 
TYR HE2    H N N 414 
TYR HH     H N N 415 
TYR HXT    H N N 416 
VAL N      N N N 417 
VAL CA     C N S 418 
VAL C      C N N 419 
VAL O      O N N 420 
VAL CB     C N N 421 
VAL CG1    C N N 422 
VAL CG2    C N N 423 
VAL OXT    O N N 424 
VAL H      H N N 425 
VAL H2     H N N 426 
VAL HA     H N N 427 
VAL HB     H N N 428 
VAL HG11   H N N 429 
VAL HG12   H N N 430 
VAL HG13   H N N 431 
VAL HG21   H N N 432 
VAL HG22   H N N 433 
VAL HG23   H N N 434 
VAL HXT    H N N 435 
# 
loop_
_chem_comp_bond.comp_id 
_chem_comp_bond.atom_id_1 
_chem_comp_bond.atom_id_2 
_chem_comp_bond.value_order 
_chem_comp_bond.pdbx_aromatic_flag 
_chem_comp_bond.pdbx_stereo_config 
_chem_comp_bond.pdbx_ordinal 
ALA N     CA     sing N N 1   
ALA N     H      sing N N 2   
ALA N     H2     sing N N 3   
ALA CA    C      sing N N 4   
ALA CA    CB     sing N N 5   
ALA CA    HA     sing N N 6   
ALA C     O      doub N N 7   
ALA C     OXT    sing N N 8   
ALA CB    HB1    sing N N 9   
ALA CB    HB2    sing N N 10  
ALA CB    HB3    sing N N 11  
ALA OXT   HXT    sing N N 12  
ARG N     CA     sing N N 13  
ARG N     H      sing N N 14  
ARG N     H2     sing N N 15  
ARG CA    C      sing N N 16  
ARG CA    CB     sing N N 17  
ARG CA    HA     sing N N 18  
ARG C     O      doub N N 19  
ARG C     OXT    sing N N 20  
ARG CB    CG     sing N N 21  
ARG CB    HB2    sing N N 22  
ARG CB    HB3    sing N N 23  
ARG CG    CD     sing N N 24  
ARG CG    HG2    sing N N 25  
ARG CG    HG3    sing N N 26  
ARG CD    NE     sing N N 27  
ARG CD    HD2    sing N N 28  
ARG CD    HD3    sing N N 29  
ARG NE    CZ     sing N N 30  
ARG NE    HE     sing N N 31  
ARG CZ    NH1    sing N N 32  
ARG CZ    NH2    doub N N 33  
ARG NH1   HH11   sing N N 34  
ARG NH1   HH12   sing N N 35  
ARG NH2   HH21   sing N N 36  
ARG NH2   HH22   sing N N 37  
ARG OXT   HXT    sing N N 38  
ASN N     CA     sing N N 39  
ASN N     H      sing N N 40  
ASN N     H2     sing N N 41  
ASN CA    C      sing N N 42  
ASN CA    CB     sing N N 43  
ASN CA    HA     sing N N 44  
ASN C     O      doub N N 45  
ASN C     OXT    sing N N 46  
ASN CB    CG     sing N N 47  
ASN CB    HB2    sing N N 48  
ASN CB    HB3    sing N N 49  
ASN CG    OD1    doub N N 50  
ASN CG    ND2    sing N N 51  
ASN ND2   HD21   sing N N 52  
ASN ND2   HD22   sing N N 53  
ASN OXT   HXT    sing N N 54  
ASP N     CA     sing N N 55  
ASP N     H      sing N N 56  
ASP N     H2     sing N N 57  
ASP CA    C      sing N N 58  
ASP CA    CB     sing N N 59  
ASP CA    HA     sing N N 60  
ASP C     O      doub N N 61  
ASP C     OXT    sing N N 62  
ASP CB    CG     sing N N 63  
ASP CB    HB2    sing N N 64  
ASP CB    HB3    sing N N 65  
ASP CG    OD1    doub N N 66  
ASP CG    OD2    sing N N 67  
ASP OD2   HD2    sing N N 68  
ASP OXT   HXT    sing N N 69  
CYS N     CA     sing N N 70  
CYS N     H      sing N N 71  
CYS N     H2     sing N N 72  
CYS CA    C      sing N N 73  
CYS CA    CB     sing N N 74  
CYS CA    HA     sing N N 75  
CYS C     O      doub N N 76  
CYS C     OXT    sing N N 77  
CYS CB    SG     sing N N 78  
CYS CB    HB2    sing N N 79  
CYS CB    HB3    sing N N 80  
CYS SG    HG     sing N N 81  
CYS OXT   HXT    sing N N 82  
DA  OP3   P      sing N N 83  
DA  OP3   HOP3   sing N N 84  
DA  P     OP1    doub N N 85  
DA  P     OP2    sing N N 86  
DA  P     "O5'"  sing N N 87  
DA  OP2   HOP2   sing N N 88  
DA  "O5'" "C5'"  sing N N 89  
DA  "C5'" "C4'"  sing N N 90  
DA  "C5'" "H5'"  sing N N 91  
DA  "C5'" "H5''" sing N N 92  
DA  "C4'" "O4'"  sing N N 93  
DA  "C4'" "C3'"  sing N N 94  
DA  "C4'" "H4'"  sing N N 95  
DA  "O4'" "C1'"  sing N N 96  
DA  "C3'" "O3'"  sing N N 97  
DA  "C3'" "C2'"  sing N N 98  
DA  "C3'" "H3'"  sing N N 99  
DA  "O3'" "HO3'" sing N N 100 
DA  "C2'" "C1'"  sing N N 101 
DA  "C2'" "H2'"  sing N N 102 
DA  "C2'" "H2''" sing N N 103 
DA  "C1'" N9     sing N N 104 
DA  "C1'" "H1'"  sing N N 105 
DA  N9    C8     sing Y N 106 
DA  N9    C4     sing Y N 107 
DA  C8    N7     doub Y N 108 
DA  C8    H8     sing N N 109 
DA  N7    C5     sing Y N 110 
DA  C5    C6     sing Y N 111 
DA  C5    C4     doub Y N 112 
DA  C6    N6     sing N N 113 
DA  C6    N1     doub Y N 114 
DA  N6    H61    sing N N 115 
DA  N6    H62    sing N N 116 
DA  N1    C2     sing Y N 117 
DA  C2    N3     doub Y N 118 
DA  C2    H2     sing N N 119 
DA  N3    C4     sing Y N 120 
DT  OP3   P      sing N N 121 
DT  OP3   HOP3   sing N N 122 
DT  P     OP1    doub N N 123 
DT  P     OP2    sing N N 124 
DT  P     "O5'"  sing N N 125 
DT  OP2   HOP2   sing N N 126 
DT  "O5'" "C5'"  sing N N 127 
DT  "C5'" "C4'"  sing N N 128 
DT  "C5'" "H5'"  sing N N 129 
DT  "C5'" "H5''" sing N N 130 
DT  "C4'" "O4'"  sing N N 131 
DT  "C4'" "C3'"  sing N N 132 
DT  "C4'" "H4'"  sing N N 133 
DT  "O4'" "C1'"  sing N N 134 
DT  "C3'" "O3'"  sing N N 135 
DT  "C3'" "C2'"  sing N N 136 
DT  "C3'" "H3'"  sing N N 137 
DT  "O3'" "HO3'" sing N N 138 
DT  "C2'" "C1'"  sing N N 139 
DT  "C2'" "H2'"  sing N N 140 
DT  "C2'" "H2''" sing N N 141 
DT  "C1'" N1     sing N N 142 
DT  "C1'" "H1'"  sing N N 143 
DT  N1    C2     sing N N 144 
DT  N1    C6     sing N N 145 
DT  C2    O2     doub N N 146 
DT  C2    N3     sing N N 147 
DT  N3    C4     sing N N 148 
DT  N3    H3     sing N N 149 
DT  C4    O4     doub N N 150 
DT  C4    C5     sing N N 151 
DT  C5    C7     sing N N 152 
DT  C5    C6     doub N N 153 
DT  C7    H71    sing N N 154 
DT  C7    H72    sing N N 155 
DT  C7    H73    sing N N 156 
DT  C6    H6     sing N N 157 
GLN N     CA     sing N N 158 
GLN N     H      sing N N 159 
GLN N     H2     sing N N 160 
GLN CA    C      sing N N 161 
GLN CA    CB     sing N N 162 
GLN CA    HA     sing N N 163 
GLN C     O      doub N N 164 
GLN C     OXT    sing N N 165 
GLN CB    CG     sing N N 166 
GLN CB    HB2    sing N N 167 
GLN CB    HB3    sing N N 168 
GLN CG    CD     sing N N 169 
GLN CG    HG2    sing N N 170 
GLN CG    HG3    sing N N 171 
GLN CD    OE1    doub N N 172 
GLN CD    NE2    sing N N 173 
GLN NE2   HE21   sing N N 174 
GLN NE2   HE22   sing N N 175 
GLN OXT   HXT    sing N N 176 
GLU N     CA     sing N N 177 
GLU N     H      sing N N 178 
GLU N     H2     sing N N 179 
GLU CA    C      sing N N 180 
GLU CA    CB     sing N N 181 
GLU CA    HA     sing N N 182 
GLU C     O      doub N N 183 
GLU C     OXT    sing N N 184 
GLU CB    CG     sing N N 185 
GLU CB    HB2    sing N N 186 
GLU CB    HB3    sing N N 187 
GLU CG    CD     sing N N 188 
GLU CG    HG2    sing N N 189 
GLU CG    HG3    sing N N 190 
GLU CD    OE1    doub N N 191 
GLU CD    OE2    sing N N 192 
GLU OE2   HE2    sing N N 193 
GLU OXT   HXT    sing N N 194 
GLY N     CA     sing N N 195 
GLY N     H      sing N N 196 
GLY N     H2     sing N N 197 
GLY CA    C      sing N N 198 
GLY CA    HA2    sing N N 199 
GLY CA    HA3    sing N N 200 
GLY C     O      doub N N 201 
GLY C     OXT    sing N N 202 
GLY OXT   HXT    sing N N 203 
HIS N     CA     sing N N 204 
HIS N     H      sing N N 205 
HIS N     H2     sing N N 206 
HIS CA    C      sing N N 207 
HIS CA    CB     sing N N 208 
HIS CA    HA     sing N N 209 
HIS C     O      doub N N 210 
HIS C     OXT    sing N N 211 
HIS CB    CG     sing N N 212 
HIS CB    HB2    sing N N 213 
HIS CB    HB3    sing N N 214 
HIS CG    ND1    sing Y N 215 
HIS CG    CD2    doub Y N 216 
HIS ND1   CE1    doub Y N 217 
HIS ND1   HD1    sing N N 218 
HIS CD2   NE2    sing Y N 219 
HIS CD2   HD2    sing N N 220 
HIS CE1   NE2    sing Y N 221 
HIS CE1   HE1    sing N N 222 
HIS NE2   HE2    sing N N 223 
HIS OXT   HXT    sing N N 224 
HOH O     H1     sing N N 225 
HOH O     H2     sing N N 226 
ILE N     CA     sing N N 227 
ILE N     H      sing N N 228 
ILE N     H2     sing N N 229 
ILE CA    C      sing N N 230 
ILE CA    CB     sing N N 231 
ILE CA    HA     sing N N 232 
ILE C     O      doub N N 233 
ILE C     OXT    sing N N 234 
ILE CB    CG1    sing N N 235 
ILE CB    CG2    sing N N 236 
ILE CB    HB     sing N N 237 
ILE CG1   CD1    sing N N 238 
ILE CG1   HG12   sing N N 239 
ILE CG1   HG13   sing N N 240 
ILE CG2   HG21   sing N N 241 
ILE CG2   HG22   sing N N 242 
ILE CG2   HG23   sing N N 243 
ILE CD1   HD11   sing N N 244 
ILE CD1   HD12   sing N N 245 
ILE CD1   HD13   sing N N 246 
ILE OXT   HXT    sing N N 247 
LEU N     CA     sing N N 248 
LEU N     H      sing N N 249 
LEU N     H2     sing N N 250 
LEU CA    C      sing N N 251 
LEU CA    CB     sing N N 252 
LEU CA    HA     sing N N 253 
LEU C     O      doub N N 254 
LEU C     OXT    sing N N 255 
LEU CB    CG     sing N N 256 
LEU CB    HB2    sing N N 257 
LEU CB    HB3    sing N N 258 
LEU CG    CD1    sing N N 259 
LEU CG    CD2    sing N N 260 
LEU CG    HG     sing N N 261 
LEU CD1   HD11   sing N N 262 
LEU CD1   HD12   sing N N 263 
LEU CD1   HD13   sing N N 264 
LEU CD2   HD21   sing N N 265 
LEU CD2   HD22   sing N N 266 
LEU CD2   HD23   sing N N 267 
LEU OXT   HXT    sing N N 268 
LYS N     CA     sing N N 269 
LYS N     H      sing N N 270 
LYS N     H2     sing N N 271 
LYS CA    C      sing N N 272 
LYS CA    CB     sing N N 273 
LYS CA    HA     sing N N 274 
LYS C     O      doub N N 275 
LYS C     OXT    sing N N 276 
LYS CB    CG     sing N N 277 
LYS CB    HB2    sing N N 278 
LYS CB    HB3    sing N N 279 
LYS CG    CD     sing N N 280 
LYS CG    HG2    sing N N 281 
LYS CG    HG3    sing N N 282 
LYS CD    CE     sing N N 283 
LYS CD    HD2    sing N N 284 
LYS CD    HD3    sing N N 285 
LYS CE    NZ     sing N N 286 
LYS CE    HE2    sing N N 287 
LYS CE    HE3    sing N N 288 
LYS NZ    HZ1    sing N N 289 
LYS NZ    HZ2    sing N N 290 
LYS NZ    HZ3    sing N N 291 
LYS OXT   HXT    sing N N 292 
MET N     CA     sing N N 293 
MET N     H      sing N N 294 
MET N     H2     sing N N 295 
MET CA    C      sing N N 296 
MET CA    CB     sing N N 297 
MET CA    HA     sing N N 298 
MET C     O      doub N N 299 
MET C     OXT    sing N N 300 
MET CB    CG     sing N N 301 
MET CB    HB2    sing N N 302 
MET CB    HB3    sing N N 303 
MET CG    SD     sing N N 304 
MET CG    HG2    sing N N 305 
MET CG    HG3    sing N N 306 
MET SD    CE     sing N N 307 
MET CE    HE1    sing N N 308 
MET CE    HE2    sing N N 309 
MET CE    HE3    sing N N 310 
MET OXT   HXT    sing N N 311 
PHE N     CA     sing N N 312 
PHE N     H      sing N N 313 
PHE N     H2     sing N N 314 
PHE CA    C      sing N N 315 
PHE CA    CB     sing N N 316 
PHE CA    HA     sing N N 317 
PHE C     O      doub N N 318 
PHE C     OXT    sing N N 319 
PHE CB    CG     sing N N 320 
PHE CB    HB2    sing N N 321 
PHE CB    HB3    sing N N 322 
PHE CG    CD1    doub Y N 323 
PHE CG    CD2    sing Y N 324 
PHE CD1   CE1    sing Y N 325 
PHE CD1   HD1    sing N N 326 
PHE CD2   CE2    doub Y N 327 
PHE CD2   HD2    sing N N 328 
PHE CE1   CZ     doub Y N 329 
PHE CE1   HE1    sing N N 330 
PHE CE2   CZ     sing Y N 331 
PHE CE2   HE2    sing N N 332 
PHE CZ    HZ     sing N N 333 
PHE OXT   HXT    sing N N 334 
PRO N     CA     sing N N 335 
PRO N     CD     sing N N 336 
PRO N     H      sing N N 337 
PRO CA    C      sing N N 338 
PRO CA    CB     sing N N 339 
PRO CA    HA     sing N N 340 
PRO C     O      doub N N 341 
PRO C     OXT    sing N N 342 
PRO CB    CG     sing N N 343 
PRO CB    HB2    sing N N 344 
PRO CB    HB3    sing N N 345 
PRO CG    CD     sing N N 346 
PRO CG    HG2    sing N N 347 
PRO CG    HG3    sing N N 348 
PRO CD    HD2    sing N N 349 
PRO CD    HD3    sing N N 350 
PRO OXT   HXT    sing N N 351 
SER N     CA     sing N N 352 
SER N     H      sing N N 353 
SER N     H2     sing N N 354 
SER CA    C      sing N N 355 
SER CA    CB     sing N N 356 
SER CA    HA     sing N N 357 
SER C     O      doub N N 358 
SER C     OXT    sing N N 359 
SER CB    OG     sing N N 360 
SER CB    HB2    sing N N 361 
SER CB    HB3    sing N N 362 
SER OG    HG     sing N N 363 
SER OXT   HXT    sing N N 364 
THR N     CA     sing N N 365 
THR N     H      sing N N 366 
THR N     H2     sing N N 367 
THR CA    C      sing N N 368 
THR CA    CB     sing N N 369 
THR CA    HA     sing N N 370 
THR C     O      doub N N 371 
THR C     OXT    sing N N 372 
THR CB    OG1    sing N N 373 
THR CB    CG2    sing N N 374 
THR CB    HB     sing N N 375 
THR OG1   HG1    sing N N 376 
THR CG2   HG21   sing N N 377 
THR CG2   HG22   sing N N 378 
THR CG2   HG23   sing N N 379 
THR OXT   HXT    sing N N 380 
TYR N     CA     sing N N 381 
TYR N     H      sing N N 382 
TYR N     H2     sing N N 383 
TYR CA    C      sing N N 384 
TYR CA    CB     sing N N 385 
TYR CA    HA     sing N N 386 
TYR C     O      doub N N 387 
TYR C     OXT    sing N N 388 
TYR CB    CG     sing N N 389 
TYR CB    HB2    sing N N 390 
TYR CB    HB3    sing N N 391 
TYR CG    CD1    doub Y N 392 
TYR CG    CD2    sing Y N 393 
TYR CD1   CE1    sing Y N 394 
TYR CD1   HD1    sing N N 395 
TYR CD2   CE2    doub Y N 396 
TYR CD2   HD2    sing N N 397 
TYR CE1   CZ     doub Y N 398 
TYR CE1   HE1    sing N N 399 
TYR CE2   CZ     sing Y N 400 
TYR CE2   HE2    sing N N 401 
TYR CZ    OH     sing N N 402 
TYR OH    HH     sing N N 403 
TYR OXT   HXT    sing N N 404 
VAL N     CA     sing N N 405 
VAL N     H      sing N N 406 
VAL N     H2     sing N N 407 
VAL CA    C      sing N N 408 
VAL CA    CB     sing N N 409 
VAL CA    HA     sing N N 410 
VAL C     O      doub N N 411 
VAL C     OXT    sing N N 412 
VAL CB    CG1    sing N N 413 
VAL CB    CG2    sing N N 414 
VAL CB    HB     sing N N 415 
VAL CG1   HG11   sing N N 416 
VAL CG1   HG12   sing N N 417 
VAL CG1   HG13   sing N N 418 
VAL CG2   HG21   sing N N 419 
VAL CG2   HG22   sing N N 420 
VAL CG2   HG23   sing N N 421 
VAL OXT   HXT    sing N N 422 
# 
_atom_sites.entry_id                    1RCN 
_atom_sites.fract_transf_matrix[1][1]   0.00017421 
_atom_sites.fract_transf_matrix[1][2]   0.00341267 
_atom_sites.fract_transf_matrix[1][3]   -0.01348994 
_atom_sites.fract_transf_matrix[2][1]   -0.01680254 
_atom_sites.fract_transf_matrix[2][2]   0.01548580 
_atom_sites.fract_transf_matrix[2][3]   0.00370059 
_atom_sites.fract_transf_matrix[3][1]   0.01569018 
_atom_sites.fract_transf_matrix[3][2]   0.01600812 
_atom_sites.fract_transf_matrix[3][3]   0.00425235 
_atom_sites.fract_transf_vector[1]      0.516605 
_atom_sites.fract_transf_vector[2]      -0.035206 
_atom_sites.fract_transf_vector[3]      0.563201 
# 
loop_
_atom_type.symbol 
C 
N 
O 
P 
S 
# 
loop_
_atom_site.group_PDB 
_atom_site.id 
_atom_site.type_symbol 
_atom_site.label_atom_id 
_atom_site.label_alt_id 
_atom_site.label_comp_id 
_atom_site.label_asym_id 
_atom_site.label_entity_id 
_atom_site.label_seq_id 
_atom_site.pdbx_PDB_ins_code 
_atom_site.Cartn_x 
_atom_site.Cartn_y 
_atom_site.Cartn_z 
_atom_site.occupancy 
_atom_site.B_iso_or_equiv 
_atom_site.pdbx_formal_charge 
_atom_site.auth_seq_id 
_atom_site.auth_comp_id 
_atom_site.auth_asym_id 
_atom_site.auth_atom_id 
_atom_site.pdbx_PDB_model_num 
ATOM   1    O "O5'" . DA  A 1 1   ? 9.521   -6.200  2.671   1.00 28.79 ? 1   DA  D "O5'" 1 
ATOM   2    C "C5'" . DA  A 1 1   ? 9.844   -7.564  2.740   1.00 27.86 ? 1   DA  D "C5'" 1 
ATOM   3    C "C4'" . DA  A 1 1   ? 9.558   -8.299  1.425   1.00 27.28 ? 1   DA  D "C4'" 1 
ATOM   4    O "O4'" . DA  A 1 1   ? 9.888   -9.706  1.550   1.00 28.80 ? 1   DA  D "O4'" 1 
ATOM   5    C "C3'" . DA  A 1 1   ? 8.089   -8.228  1.049   1.00 26.14 ? 1   DA  D "C3'" 1 
ATOM   6    O "O3'" . DA  A 1 1   ? 8.047   -8.485  -0.353  1.00 25.15 ? 1   DA  D "O3'" 1 
ATOM   7    C "C2'" . DA  A 1 1   ? 7.524   -9.408  1.821   1.00 25.86 ? 1   DA  D "C2'" 1 
ATOM   8    C "C1'" . DA  A 1 1   ? 8.650   -10.436 1.689   1.00 29.14 ? 1   DA  D "C1'" 1 
ATOM   9    N N9    . DA  A 1 1   ? 8.839   -11.416 2.831   1.00 30.58 ? 1   DA  D N9    1 
ATOM   10   C C8    . DA  A 1 1   ? 9.277   -12.760 2.577   1.00 32.10 ? 1   DA  D C8    1 
ATOM   11   N N7    . DA  A 1 1   ? 9.387   -13.374 3.769   1.00 31.38 ? 1   DA  D N7    1 
ATOM   12   C C5    . DA  A 1 1   ? 9.029   -12.451 4.772   1.00 30.64 ? 1   DA  D C5    1 
ATOM   13   C C6    . DA  A 1 1   ? 8.951   -12.514 6.171   1.00 32.02 ? 1   DA  D C6    1 
ATOM   14   N N6    . DA  A 1 1   ? 9.241   -13.655 6.757   1.00 33.12 ? 1   DA  D N6    1 
ATOM   15   N N1    . DA  A 1 1   ? 8.535   -11.423 6.765   1.00 34.01 ? 1   DA  D N1    1 
ATOM   16   C C2    . DA  A 1 1   ? 8.225   -10.207 6.174   1.00 31.86 ? 1   DA  D C2    1 
ATOM   17   N N3    . DA  A 1 1   ? 8.348   -10.125 4.757   1.00 30.79 ? 1   DA  D N3    1 
ATOM   18   C C4    . DA  A 1 1   ? 8.696   -11.261 4.131   1.00 30.87 ? 1   DA  D C4    1 
ATOM   19   P P     . DT  A 1 2   ? 8.374   -7.447  -1.550  1.00 18.95 ? 2   DT  D P     1 
ATOM   20   O OP1   . DT  A 1 2   ? 8.682   -8.257  -2.745  1.00 19.72 ? 2   DT  D OP1   1 
ATOM   21   O OP2   . DT  A 1 2   ? 9.339   -6.390  -1.118  1.00 21.89 ? 2   DT  D OP2   1 
ATOM   22   O "O5'" . DT  A 1 2   ? 6.914   -6.772  -1.728  1.00 17.56 ? 2   DT  D "O5'" 1 
ATOM   23   C "C5'" . DT  A 1 2   ? 5.811   -7.674  -1.954  1.00 14.74 ? 2   DT  D "C5'" 1 
ATOM   24   C "C4'" . DT  A 1 2   ? 4.434   -7.015  -1.903  1.00 11.91 ? 2   DT  D "C4'" 1 
ATOM   25   O "O4'" . DT  A 1 2   ? 4.484   -6.296  -0.677  1.00 10.41 ? 2   DT  D "O4'" 1 
ATOM   26   C "C3'" . DT  A 1 2   ? 4.026   -6.055  -3.061  1.00 11.13 ? 2   DT  D "C3'" 1 
ATOM   27   O "O3'" . DT  A 1 2   ? 2.611   -6.056  -3.408  1.00 10.64 ? 2   DT  D "O3'" 1 
ATOM   28   C "C2'" . DT  A 1 2   ? 4.355   -4.769  -2.387  1.00 10.80 ? 2   DT  D "C2'" 1 
ATOM   29   C "C1'" . DT  A 1 2   ? 4.036   -4.979  -0.929  1.00 9.86  ? 2   DT  D "C1'" 1 
ATOM   30   N N1    . DT  A 1 2   ? 4.682   -3.921  -0.197  1.00 10.07 ? 2   DT  D N1    1 
ATOM   31   C C2    . DT  A 1 2   ? 4.057   -2.908  0.509   1.00 9.71  ? 2   DT  D C2    1 
ATOM   32   O O2    . DT  A 1 2   ? 2.789   -2.770  0.482   1.00 6.33  ? 2   DT  D O2    1 
ATOM   33   N N3    . DT  A 1 2   ? 4.738   -2.037  1.350   1.00 12.45 ? 2   DT  D N3    1 
ATOM   34   C C4    . DT  A 1 2   ? 6.128   -2.172  1.457   1.00 12.48 ? 2   DT  D C4    1 
ATOM   35   O O4    . DT  A 1 2   ? 6.680   -1.327  2.261   1.00 11.09 ? 2   DT  D O4    1 
ATOM   36   C C5    . DT  A 1 2   ? 6.799   -3.180  0.742   1.00 12.11 ? 2   DT  D C5    1 
ATOM   37   C C7    . DT  A 1 2   ? 8.358   -3.297  0.886   1.00 13.19 ? 2   DT  D C7    1 
ATOM   38   C C6    . DT  A 1 2   ? 6.071   -4.052  -0.083  1.00 8.13  ? 2   DT  D C6    1 
ATOM   39   P P     . DA  A 1 3   ? 1.951   -5.169  -4.572  1.00 12.71 ? 3   DA  D P     1 
ATOM   40   O OP1   . DA  A 1 3   ? 2.449   -3.770  -4.587  1.00 6.13  ? 3   DA  D OP1   1 
ATOM   41   O OP2   . DA  A 1 3   ? 0.482   -5.381  -4.504  1.00 12.08 ? 3   DA  D OP2   1 
ATOM   42   O "O5'" . DA  A 1 3   ? 2.573   -5.860  -5.870  1.00 14.57 ? 3   DA  D "O5'" 1 
ATOM   43   C "C5'" . DA  A 1 3   ? 1.563   -6.398  -6.751  1.00 20.69 ? 3   DA  D "C5'" 1 
ATOM   44   C "C4'" . DA  A 1 3   ? 1.923   -6.644  -8.192  1.00 20.24 ? 3   DA  D "C4'" 1 
ATOM   45   O "O4'" . DA  A 1 3   ? 2.539   -5.472  -8.676  1.00 19.65 ? 3   DA  D "O4'" 1 
ATOM   46   C "C3'" . DA  A 1 3   ? 2.928   -7.731  -8.462  1.00 23.17 ? 3   DA  D "C3'" 1 
ATOM   47   O "O3'" . DA  A 1 3   ? 2.493   -9.105  -8.428  1.00 32.03 ? 3   DA  D "O3'" 1 
ATOM   48   C "C2'" . DA  A 1 3   ? 3.203   -7.362  -9.855  1.00 21.48 ? 3   DA  D "C2'" 1 
ATOM   49   C "C1'" . DA  A 1 3   ? 3.154   -5.863  -9.883  1.00 19.40 ? 3   DA  D "C1'" 1 
ATOM   50   N N9    . DA  A 1 3   ? 4.499   -5.334  -9.937  1.00 18.93 ? 3   DA  D N9    1 
ATOM   51   C C8    . DA  A 1 3   ? 5.647   -5.602  -8.995  1.00 18.47 ? 3   DA  D C8    1 
ATOM   52   N N7    . DA  A 1 3   ? 6.682   -4.717  -9.489  1.00 19.32 ? 3   DA  D N7    1 
ATOM   53   C C5    . DA  A 1 3   ? 6.202   -4.033  -10.510 1.00 20.03 ? 3   DA  D C5    1 
ATOM   54   C C6    . DA  A 1 3   ? 6.854   -3.103  -11.270 1.00 19.48 ? 3   DA  D C6    1 
ATOM   55   N N6    . DA  A 1 3   ? 8.096   -2.807  -10.921 1.00 19.72 ? 3   DA  D N6    1 
ATOM   56   N N1    . DA  A 1 3   ? 6.152   -2.504  -12.311 1.00 18.43 ? 3   DA  D N1    1 
ATOM   57   C C2    . DA  A 1 3   ? 4.859   -2.851  -12.573 1.00 17.26 ? 3   DA  D C2    1 
ATOM   58   N N3    . DA  A 1 3   ? 4.174   -3.822  -11.806 1.00 15.53 ? 3   DA  D N3    1 
ATOM   59   C C4    . DA  A 1 3   ? 4.905   -4.363  -10.786 1.00 18.65 ? 3   DA  D C4    1 
ATOM   60   P P     . DA  A 1 4   ? 1.105   -9.792  -8.926  1.00 38.32 ? 4   DA  D P     1 
ATOM   61   O OP1   . DA  A 1 4   ? -0.010  -9.331  -8.061  1.00 37.92 ? 4   DA  D OP1   1 
ATOM   62   O OP2   . DA  A 1 4   ? 1.404   -11.238 -9.035  1.00 38.86 ? 4   DA  D OP2   1 
ATOM   63   O "O5'" . DA  A 1 4   ? 0.846   -9.255  -10.439 1.00 42.84 ? 4   DA  D "O5'" 1 
ATOM   64   C "C5'" . DA  A 1 4   ? -0.327  -9.542  -11.246 1.00 48.75 ? 4   DA  D "C5'" 1 
ATOM   65   C "C4'" . DA  A 1 4   ? -0.057  -9.526  -12.801 1.00 52.69 ? 4   DA  D "C4'" 1 
ATOM   66   O "O4'" . DA  A 1 4   ? 0.780   -8.390  -13.151 1.00 53.33 ? 4   DA  D "O4'" 1 
ATOM   67   C "C3'" . DA  A 1 4   ? 0.581   -10.814 -13.453 1.00 54.65 ? 4   DA  D "C3'" 1 
ATOM   68   O "O3'" . DA  A 1 4   ? -0.380  -11.705 -14.051 1.00 57.35 ? 4   DA  D "O3'" 1 
ATOM   69   C "C2'" . DA  A 1 4   ? 1.397   -10.227 -14.585 1.00 53.61 ? 4   DA  D "C2'" 1 
ATOM   70   C "C1'" . DA  A 1 4   ? 1.832   -8.863  -14.054 1.00 52.59 ? 4   DA  D "C1'" 1 
ATOM   71   N N9    . DA  A 1 4   ? 3.187   -8.917  -13.431 1.00 48.71 ? 4   DA  D N9    1 
ATOM   72   C C8    . DA  A 1 4   ? 3.783   -9.825  -12.612 1.00 47.51 ? 4   DA  D C8    1 
ATOM   73   N N7    . DA  A 1 4   ? 4.938   -9.442  -12.140 1.00 47.03 ? 4   DA  D N7    1 
ATOM   74   C C5    . DA  A 1 4   ? 5.149   -8.200  -12.736 1.00 45.48 ? 4   DA  D C5    1 
ATOM   75   C C6    . DA  A 1 4   ? 6.167   -7.239  -12.610 1.00 45.12 ? 4   DA  D C6    1 
ATOM   76   N N6    . DA  A 1 4   ? 7.260   -7.408  -11.907 1.00 44.89 ? 4   DA  D N6    1 
ATOM   77   N N1    . DA  A 1 4   ? 6.033   -6.120  -13.329 1.00 45.93 ? 4   DA  D N1    1 
ATOM   78   C C2    . DA  A 1 4   ? 4.936   -5.940  -14.060 1.00 46.62 ? 4   DA  D C2    1 
ATOM   79   N N3    . DA  A 1 4   ? 3.961   -6.645  -14.141 1.00 45.85 ? 4   DA  D N3    1 
ATOM   80   C C4    . DA  A 1 4   ? 4.012   -7.871  -13.580 1.00 46.43 ? 4   DA  D C4    1 
ATOM   81   N N     . LYS B 2 1   ? -11.553 -9.430  -15.801 1.00 31.19 ? 1   LYS E N     1 
ATOM   82   C CA    . LYS B 2 1   ? -10.528 -9.930  -14.889 1.00 28.63 ? 1   LYS E CA    1 
ATOM   83   C C     . LYS B 2 1   ? -10.292 -8.784  -13.894 1.00 29.63 ? 1   LYS E C     1 
ATOM   84   O O     . LYS B 2 1   ? -10.897 -7.733  -14.186 1.00 31.39 ? 1   LYS E O     1 
ATOM   85   C CB    . LYS B 2 1   ? -9.294  -10.245 -15.715 1.00 28.93 ? 1   LYS E CB    1 
ATOM   86   C CG    . LYS B 2 1   ? -8.661  -9.098  -16.534 1.00 31.17 ? 1   LYS E CG    1 
ATOM   87   C CD    . LYS B 2 1   ? -7.211  -8.894  -16.046 1.00 31.00 ? 1   LYS E CD    1 
ATOM   88   C CE    . LYS B 2 1   ? -6.600  -7.599  -16.553 1.00 31.61 ? 1   LYS E CE    1 
ATOM   89   N NZ    . LYS B 2 1   ? -7.482  -6.456  -16.358 1.00 30.02 ? 1   LYS E NZ    1 
ATOM   90   N N     . GLU B 2 2   ? -9.533  -8.865  -12.771 1.00 26.93 ? 2   GLU E N     1 
ATOM   91   C CA    . GLU B 2 2   ? -9.306  -7.674  -11.928 1.00 21.75 ? 2   GLU E CA    1 
ATOM   92   C C     . GLU B 2 2   ? -8.091  -6.993  -12.534 1.00 18.51 ? 2   GLU E C     1 
ATOM   93   O O     . GLU B 2 2   ? -7.080  -7.657  -12.806 1.00 14.87 ? 2   GLU E O     1 
ATOM   94   C CB    . GLU B 2 2   ? -8.964  -8.015  -10.464 1.00 22.79 ? 2   GLU E CB    1 
ATOM   95   C CG    . GLU B 2 2   ? -8.875  -6.829  -9.460  1.00 20.25 ? 2   GLU E CG    1 
ATOM   96   C CD    . GLU B 2 2   ? -8.461  -7.188  -8.025  1.00 18.99 ? 2   GLU E CD    1 
ATOM   97   O OE1   . GLU B 2 2   ? -7.840  -8.227  -7.829  1.00 17.97 ? 2   GLU E OE1   1 
ATOM   98   O OE2   . GLU B 2 2   ? -8.715  -6.418  -7.094  1.00 18.58 ? 2   GLU E OE2   1 
ATOM   99   N N     . THR B 2 3   ? -8.231  -5.697  -12.805 1.00 14.01 ? 3   THR E N     1 
ATOM   100  C CA    . THR B 2 3   ? -7.133  -4.943  -13.390 1.00 12.98 ? 3   THR E CA    1 
ATOM   101  C C     . THR B 2 3   ? -6.111  -4.664  -12.279 1.00 13.88 ? 3   THR E C     1 
ATOM   102  O O     . THR B 2 3   ? -6.549  -4.421  -11.132 1.00 12.82 ? 3   THR E O     1 
ATOM   103  C CB    . THR B 2 3   ? -7.633  -3.587  -13.978 1.00 9.09  ? 3   THR E CB    1 
ATOM   104  O OG1   . THR B 2 3   ? -8.581  -3.153  -13.031 1.00 9.60  ? 3   THR E OG1   1 
ATOM   105  C CG2   . THR B 2 3   ? -8.247  -3.615  -15.354 1.00 7.75  ? 3   THR E CG2   1 
ATOM   106  N N     . ALA B 2 4   ? -4.786  -4.683  -12.573 1.00 11.49 ? 4   ALA E N     1 
ATOM   107  C CA    . ALA B 2 4   ? -3.722  -4.230  -11.653 1.00 6.63  ? 4   ALA E CA    1 
ATOM   108  C C     . ALA B 2 4   ? -4.031  -2.894  -10.978 1.00 7.82  ? 4   ALA E C     1 
ATOM   109  O O     . ALA B 2 4   ? -3.777  -2.770  -9.781  1.00 4.23  ? 4   ALA E O     1 
ATOM   110  C CB    . ALA B 2 4   ? -2.404  -4.017  -12.360 1.00 5.26  ? 4   ALA E CB    1 
ATOM   111  N N     . ALA B 2 5   ? -4.600  -1.905  -11.714 1.00 6.33  ? 5   ALA E N     1 
ATOM   112  C CA    . ALA B 2 5   ? -5.032  -0.638  -11.140 1.00 6.31  ? 5   ALA E CA    1 
ATOM   113  C C     . ALA B 2 5   ? -5.997  -0.796  -9.984  1.00 4.53  ? 5   ALA E C     1 
ATOM   114  O O     . ALA B 2 5   ? -5.826  -0.157  -8.937  1.00 9.77  ? 5   ALA E O     1 
ATOM   115  C CB    . ALA B 2 5   ? -5.761  0.258   -12.145 1.00 6.63  ? 5   ALA E CB    1 
ATOM   116  N N     . ALA B 2 6   ? -6.988  -1.663  -10.151 1.00 2.47  ? 6   ALA E N     1 
ATOM   117  C CA    . ALA B 2 6   ? -8.039  -1.868  -9.163  1.00 2.01  ? 6   ALA E CA    1 
ATOM   118  C C     . ALA B 2 6   ? -7.545  -2.694  -7.998  1.00 2.68  ? 6   ALA E C     1 
ATOM   119  O O     . ALA B 2 6   ? -7.867  -2.486  -6.819  1.00 7.90  ? 6   ALA E O     1 
ATOM   120  C CB    . ALA B 2 6   ? -9.199  -2.586  -9.764  1.00 2.00  ? 6   ALA E CB    1 
ATOM   121  N N     . LYS B 2 7   ? -6.690  -3.626  -8.340  1.00 4.02  ? 7   LYS E N     1 
ATOM   122  C CA    . LYS B 2 7   ? -5.986  -4.402  -7.339  1.00 4.41  ? 7   LYS E CA    1 
ATOM   123  C C     . LYS B 2 7   ? -5.124  -3.461  -6.500  1.00 2.00  ? 7   LYS E C     1 
ATOM   124  O O     . LYS B 2 7   ? -5.041  -3.698  -5.294  1.00 2.01  ? 7   LYS E O     1 
ATOM   125  C CB    . LYS B 2 7   ? -5.145  -5.449  -8.044  1.00 2.00  ? 7   LYS E CB    1 
ATOM   126  C CG    . LYS B 2 7   ? -4.984  -6.594  -7.106  1.00 3.73  ? 7   LYS E CG    1 
ATOM   127  C CD    . LYS B 2 7   ? -3.979  -7.613  -7.603  1.00 8.05  ? 7   LYS E CD    1 
ATOM   128  C CE    . LYS B 2 7   ? -3.729  -8.695  -6.547  1.00 8.02  ? 7   LYS E CE    1 
ATOM   129  N NZ    . LYS B 2 7   ? -2.896  -9.727  -7.141  1.00 12.39 ? 7   LYS E NZ    1 
ATOM   130  N N     . PHE B 2 8   ? -4.505  -2.387  -7.042  1.00 2.69  ? 8   PHE E N     1 
ATOM   131  C CA    . PHE B 2 8   ? -3.729  -1.448  -6.228  1.00 2.67  ? 8   PHE E CA    1 
ATOM   132  C C     . PHE B 2 8   ? -4.704  -0.704  -5.330  1.00 2.01  ? 8   PHE E C     1 
ATOM   133  O O     . PHE B 2 8   ? -4.426  -0.574  -4.136  1.00 2.01  ? 8   PHE E O     1 
ATOM   134  C CB    . PHE B 2 8   ? -2.939  -0.382  -7.055  1.00 2.02  ? 8   PHE E CB    1 
ATOM   135  C CG    . PHE B 2 8   ? -2.128  0.649   -6.226  1.00 3.59  ? 8   PHE E CG    1 
ATOM   136  C CD1   . PHE B 2 8   ? -2.730  1.805   -5.718  1.00 4.21  ? 8   PHE E CD1   1 
ATOM   137  C CD2   . PHE B 2 8   ? -0.791  0.431   -5.946  1.00 2.00  ? 8   PHE E CD2   1 
ATOM   138  C CE1   . PHE B 2 8   ? -2.012  2.710   -4.949  1.00 2.01  ? 8   PHE E CE1   1 
ATOM   139  C CE2   . PHE B 2 8   ? -0.088  1.328   -5.182  1.00 2.01  ? 8   PHE E CE2   1 
ATOM   140  C CZ    . PHE B 2 8   ? -0.687  2.463   -4.685  1.00 2.00  ? 8   PHE E CZ    1 
ATOM   141  N N     . GLU B 2 9   ? -5.818  -0.193  -5.857  1.00 2.00  ? 9   GLU E N     1 
ATOM   142  C CA    . GLU B 2 9   ? -6.790  0.502   -5.055  1.00 2.22  ? 9   GLU E CA    1 
ATOM   143  C C     . GLU B 2 9   ? -7.317  -0.353  -3.898  1.00 5.28  ? 9   GLU E C     1 
ATOM   144  O O     . GLU B 2 9   ? -7.327  0.194   -2.788  1.00 2.01  ? 9   GLU E O     1 
ATOM   145  C CB    . GLU B 2 9   ? -7.907  0.927   -5.934  1.00 6.67  ? 9   GLU E CB    1 
ATOM   146  C CG    . GLU B 2 9   ? -7.609  2.218   -6.691  1.00 10.81 ? 9   GLU E CG    1 
ATOM   147  C CD    . GLU B 2 9   ? -8.610  2.572   -7.798  1.00 15.53 ? 9   GLU E CD    1 
ATOM   148  O OE1   . GLU B 2 9   ? -9.788  2.193   -7.738  1.00 18.17 ? 9   GLU E OE1   1 
ATOM   149  O OE2   . GLU B 2 9   ? -8.229  3.232   -8.752  1.00 18.39 ? 9   GLU E OE2   1 
ATOM   150  N N     . ARG B 2 10  ? -7.699  -1.637  -4.081  1.00 2.00  ? 10  ARG E N     1 
ATOM   151  C CA    . ARG B 2 10  ? -8.165  -2.512  -3.015  1.00 3.93  ? 10  ARG E CA    1 
ATOM   152  C C     . ARG B 2 10  ? -7.121  -2.857  -1.975  1.00 3.38  ? 10  ARG E C     1 
ATOM   153  O O     . ARG B 2 10  ? -7.431  -2.976  -0.809  1.00 3.65  ? 10  ARG E O     1 
ATOM   154  C CB    . ARG B 2 10  ? -8.705  -3.852  -3.580  1.00 6.44  ? 10  ARG E CB    1 
ATOM   155  C CG    . ARG B 2 10  ? -9.094  -4.947  -2.569  1.00 4.96  ? 10  ARG E CG    1 
ATOM   156  C CD    . ARG B 2 10  ? -9.600  -6.283  -3.134  1.00 4.85  ? 10  ARG E CD    1 
ATOM   157  N NE    . ARG B 2 10  ? -8.780  -6.889  -4.178  1.00 8.71  ? 10  ARG E NE    1 
ATOM   158  C CZ    . ARG B 2 10  ? -7.634  -7.535  -3.945  1.00 10.98 ? 10  ARG E CZ    1 
ATOM   159  N NH1   . ARG B 2 10  ? -7.150  -7.677  -2.719  1.00 13.15 ? 10  ARG E NH1   1 
ATOM   160  N NH2   . ARG B 2 10  ? -6.939  -8.050  -4.957  1.00 8.23  ? 10  ARG E NH2   1 
ATOM   161  N N     . GLN B 2 11  ? -5.866  -3.063  -2.334  1.00 6.28  ? 11  GLN E N     1 
ATOM   162  C CA    . GLN B 2 11  ? -4.875  -3.449  -1.358  1.00 3.53  ? 11  GLN E CA    1 
ATOM   163  C C     . GLN B 2 11  ? -4.159  -2.253  -0.757  1.00 5.73  ? 11  GLN E C     1 
ATOM   164  O O     . GLN B 2 11  ? -3.613  -2.350  0.355   1.00 6.70  ? 11  GLN E O     1 
ATOM   165  C CB    . GLN B 2 11  ? -3.833  -4.355  -1.984  1.00 4.70  ? 11  GLN E CB    1 
ATOM   166  C CG    . GLN B 2 11  ? -4.409  -5.526  -2.749  1.00 7.01  ? 11  GLN E CG    1 
ATOM   167  C CD    . GLN B 2 11  ? -3.313  -6.301  -3.435  1.00 8.37  ? 11  GLN E CD    1 
ATOM   168  O OE1   . GLN B 2 11  ? -2.806  -7.303  -2.961  1.00 11.65 ? 11  GLN E OE1   1 
ATOM   169  N NE2   . GLN B 2 11  ? -2.870  -5.847  -4.584  1.00 13.67 ? 11  GLN E NE2   1 
ATOM   170  N N     . HIS B 2 12  ? -4.064  -1.107  -1.429  1.00 2.33  ? 12  HIS E N     1 
ATOM   171  C CA    . HIS B 2 12  ? -3.248  -0.079  -0.818  1.00 3.10  ? 12  HIS E CA    1 
ATOM   172  C C     . HIS B 2 12  ? -3.979  1.217   -0.555  1.00 3.11  ? 12  HIS E C     1 
ATOM   173  O O     . HIS B 2 12  ? -3.385  2.092   0.057   1.00 6.88  ? 12  HIS E O     1 
ATOM   174  C CB    . HIS B 2 12  ? -2.000  0.184   -1.681  1.00 2.04  ? 12  HIS E CB    1 
ATOM   175  C CG    . HIS B 2 12  ? -1.111  -1.052  -1.897  1.00 5.66  ? 12  HIS E CG    1 
ATOM   176  N ND1   . HIS B 2 12  ? -0.375  -1.743  -1.023  1.00 3.36  ? 12  HIS E ND1   1 
ATOM   177  C CD2   . HIS B 2 12  ? -0.973  -1.692  -3.112  1.00 4.00  ? 12  HIS E CD2   1 
ATOM   178  C CE1   . HIS B 2 12  ? 0.192   -2.754  -1.635  1.00 3.08  ? 12  HIS E CE1   1 
ATOM   179  N NE2   . HIS B 2 12  ? -0.183  -2.712  -2.897  1.00 7.04  ? 12  HIS E NE2   1 
ATOM   180  N N     . MET B 2 13  ? -5.225  1.471   -0.894  1.00 3.07  ? 13  MET E N     1 
ATOM   181  C CA    . MET B 2 13  ? -5.765  2.804   -0.680  1.00 2.40  ? 13  MET E CA    1 
ATOM   182  C C     . MET B 2 13  ? -6.790  2.707   0.432   1.00 3.40  ? 13  MET E C     1 
ATOM   183  O O     . MET B 2 13  ? -7.435  1.666   0.588   1.00 2.00  ? 13  MET E O     1 
ATOM   184  C CB    . MET B 2 13  ? -6.394  3.310   -1.984  1.00 3.06  ? 13  MET E CB    1 
ATOM   185  C CG    . MET B 2 13  ? -5.382  3.740   -3.037  1.00 2.00  ? 13  MET E CG    1 
ATOM   186  S SD    . MET B 2 13  ? -4.555  5.290   -2.593  1.00 5.93  ? 13  MET E SD    1 
ATOM   187  C CE    . MET B 2 13  ? -5.913  6.382   -2.314  1.00 2.00  ? 13  MET E CE    1 
ATOM   188  N N     . ASP B 2 14  ? -6.777  3.724   1.311   1.00 2.83  ? 14  ASP E N     1 
ATOM   189  C CA    . ASP B 2 14  ? -7.774  3.897   2.343   1.00 4.56  ? 14  ASP E CA    1 
ATOM   190  C C     . ASP B 2 14  ? -7.807  5.395   2.603   1.00 5.86  ? 14  ASP E C     1 
ATOM   191  O O     . ASP B 2 14  ? -7.085  5.907   3.443   1.00 5.59  ? 14  ASP E O     1 
ATOM   192  C CB    . ASP B 2 14  ? -7.423  3.154   3.654   1.00 7.49  ? 14  ASP E CB    1 
ATOM   193  C CG    . ASP B 2 14  ? -8.468  3.332   4.775   1.00 11.66 ? 14  ASP E CG    1 
ATOM   194  O OD1   . ASP B 2 14  ? -9.660  3.474   4.496   1.00 11.96 ? 14  ASP E OD1   1 
ATOM   195  O OD2   . ASP B 2 14  ? -8.086  3.332   5.945   1.00 13.19 ? 14  ASP E OD2   1 
ATOM   196  N N     . SER B 2 15  ? -8.621  6.078   1.782   1.00 8.24  ? 15  SER E N     1 
ATOM   197  C CA    . SER B 2 15  ? -8.865  7.520   1.779   1.00 7.63  ? 15  SER E CA    1 
ATOM   198  C C     . SER B 2 15  ? -9.721  8.104   2.896   1.00 8.47  ? 15  SER E C     1 
ATOM   199  O O     . SER B 2 15  ? -9.533  9.274   3.277   1.00 11.05 ? 15  SER E O     1 
ATOM   200  C CB    . SER B 2 15  ? -9.512  7.879   0.450   1.00 5.80  ? 15  SER E CB    1 
ATOM   201  O OG    . SER B 2 15  ? -8.805  7.256   -0.620  1.00 8.93  ? 15  SER E OG    1 
ATOM   202  N N     . SER B 2 16  ? -10.707 7.292   3.350   1.00 5.76  ? 16  SER E N     1 
ATOM   203  C CA    . SER B 2 16  ? -11.670 7.633   4.396   1.00 5.92  ? 16  SER E CA    1 
ATOM   204  C C     . SER B 2 16  ? -11.107 8.148   5.733   1.00 4.79  ? 16  SER E C     1 
ATOM   205  O O     . SER B 2 16  ? -11.739 8.816   6.560   1.00 7.60  ? 16  SER E O     1 
ATOM   206  C CB    . SER B 2 16  ? -12.488 6.422   4.692   1.00 4.22  ? 16  SER E CB    1 
ATOM   207  O OG    . SER B 2 16  ? -11.600 5.506   5.332   1.00 12.45 ? 16  SER E OG    1 
ATOM   208  N N     . THR B 2 17  ? -9.971  7.593   6.045   1.00 3.13  ? 17  THR E N     1 
ATOM   209  C CA    . THR B 2 17  ? -9.294  7.997   7.224   1.00 7.61  ? 17  THR E CA    1 
ATOM   210  C C     . THR B 2 17  ? -7.960  8.515   6.760   1.00 5.21  ? 17  THR E C     1 
ATOM   211  O O     . THR B 2 17  ? -7.401  8.149   5.723   1.00 2.00  ? 17  THR E O     1 
ATOM   212  C CB    . THR B 2 17  ? -9.147  6.805   8.171   1.00 7.30  ? 17  THR E CB    1 
ATOM   213  O OG1   . THR B 2 17  ? -8.840  5.661   7.386   1.00 10.76 ? 17  THR E OG1   1 
ATOM   214  C CG2   . THR B 2 17  ? -10.426 6.603   8.989   1.00 10.80 ? 17  THR E CG2   1 
ATOM   215  N N     . SER B 2 18  ? -7.491  9.362   7.637   1.00 2.01  ? 18  SER E N     1 
ATOM   216  C CA    . SER B 2 18  ? -6.260  10.047  7.486   1.00 4.36  ? 18  SER E CA    1 
ATOM   217  C C     . SER B 2 18  ? -5.196  9.307   8.266   1.00 3.49  ? 18  SER E C     1 
ATOM   218  O O     . SER B 2 18  ? -4.034  9.704   8.192   1.00 6.92  ? 18  SER E O     1 
ATOM   219  C CB    . SER B 2 18  ? -6.436  11.468  8.004   1.00 4.63  ? 18  SER E CB    1 
ATOM   220  O OG    . SER B 2 18  ? -7.075  11.367  9.272   1.00 3.78  ? 18  SER E OG    1 
ATOM   221  N N     . ALA B 2 19  ? -5.549  8.248   9.000   1.00 2.01  ? 19  ALA E N     1 
ATOM   222  C CA    . ALA B 2 19  ? -4.601  7.552   9.803   1.00 2.91  ? 19  ALA E CA    1 
ATOM   223  C C     . ALA B 2 19  ? -5.296  6.334   10.368  1.00 4.75  ? 19  ALA E C     1 
ATOM   224  O O     . ALA B 2 19  ? -6.508  6.160   10.284  1.00 3.03  ? 19  ALA E O     1 
ATOM   225  C CB    . ALA B 2 19  ? -4.118  8.470   10.914  1.00 4.09  ? 19  ALA E CB    1 
ATOM   226  N N     . ALA B 2 20  ? -4.447  5.407   10.782  1.00 9.23  ? 20  ALA E N     1 
ATOM   227  C CA    . ALA B 2 20  ? -4.842  4.149   11.366  1.00 12.01 ? 20  ALA E CA    1 
ATOM   228  C C     . ALA B 2 20  ? -5.280  4.408   12.779  1.00 14.58 ? 20  ALA E C     1 
ATOM   229  O O     . ALA B 2 20  ? -4.569  4.913   13.654  1.00 12.46 ? 20  ALA E O     1 
ATOM   230  C CB    . ALA B 2 20  ? -3.688  3.167   11.435  1.00 16.22 ? 20  ALA E CB    1 
ATOM   231  N N     . SER B 2 21  ? -6.512  3.950   12.902  1.00 17.48 ? 21  SER E N     1 
ATOM   232  C CA    . SER B 2 21  ? -7.303  4.073   14.101  1.00 17.76 ? 21  SER E CA    1 
ATOM   233  C C     . SER B 2 21  ? -6.821  3.380   15.379  1.00 15.83 ? 21  SER E C     1 
ATOM   234  O O     . SER B 2 21  ? -6.627  4.017   16.420  1.00 12.91 ? 21  SER E O     1 
ATOM   235  C CB    . SER B 2 21  ? -8.729  3.600   13.701  1.00 22.14 ? 21  SER E CB    1 
ATOM   236  O OG    . SER B 2 21  ? -8.831  3.037   12.377  1.00 24.91 ? 21  SER E OG    1 
ATOM   237  N N     . SER B 2 22  ? -6.626  2.065   15.311  1.00 14.22 ? 22  SER E N     1 
ATOM   238  C CA    . SER B 2 22  ? -6.348  1.246   16.468  1.00 14.12 ? 22  SER E CA    1 
ATOM   239  C C     . SER B 2 22  ? -5.142  0.424   16.135  1.00 14.56 ? 22  SER E C     1 
ATOM   240  O O     . SER B 2 22  ? -4.833  0.289   14.955  1.00 18.59 ? 22  SER E O     1 
ATOM   241  C CB    . SER B 2 22  ? -7.513  0.309   16.724  1.00 11.48 ? 22  SER E CB    1 
ATOM   242  O OG    . SER B 2 22  ? -7.862  -0.439  15.557  1.00 13.52 ? 22  SER E OG    1 
ATOM   243  N N     . SER B 2 23  ? -4.528  -0.242  17.105  1.00 17.71 ? 23  SER E N     1 
ATOM   244  C CA    . SER B 2 23  ? -3.467  -1.222  16.848  1.00 17.96 ? 23  SER E CA    1 
ATOM   245  C C     . SER B 2 23  ? -4.004  -2.442  16.089  1.00 18.64 ? 23  SER E C     1 
ATOM   246  O O     . SER B 2 23  ? -3.279  -3.247  15.483  1.00 19.24 ? 23  SER E O     1 
ATOM   247  C CB    . SER B 2 23  ? -2.859  -1.649  18.194  1.00 19.64 ? 23  SER E CB    1 
ATOM   248  O OG    . SER B 2 23  ? -3.835  -1.894  19.227  1.00 19.67 ? 23  SER E OG    1 
ATOM   249  N N     . ASN B 2 24  ? -5.339  -2.552  16.111  1.00 18.82 ? 24  ASN E N     1 
ATOM   250  C CA    . ASN B 2 24  ? -6.067  -3.632  15.469  1.00 18.51 ? 24  ASN E CA    1 
ATOM   251  C C     . ASN B 2 24  ? -6.535  -3.286  14.065  1.00 14.75 ? 24  ASN E C     1 
ATOM   252  O O     . ASN B 2 24  ? -7.115  -4.144  13.387  1.00 11.94 ? 24  ASN E O     1 
ATOM   253  C CB    . ASN B 2 24  ? -7.244  -3.987  16.372  1.00 22.11 ? 24  ASN E CB    1 
ATOM   254  C CG    . ASN B 2 24  ? -7.754  -5.410  16.167  1.00 26.46 ? 24  ASN E CG    1 
ATOM   255  O OD1   . ASN B 2 24  ? -7.170  -6.387  16.634  1.00 28.89 ? 24  ASN E OD1   1 
ATOM   256  N ND2   . ASN B 2 24  ? -8.852  -5.627  15.462  1.00 28.57 ? 24  ASN E ND2   1 
ATOM   257  N N     . TYR B 2 25  ? -6.249  -2.057  13.602  1.00 13.18 ? 25  TYR E N     1 
ATOM   258  C CA    . TYR B 2 25  ? -6.573  -1.554  12.260  1.00 9.67  ? 25  TYR E CA    1 
ATOM   259  C C     . TYR B 2 25  ? -6.156  -2.551  11.222  1.00 6.81  ? 25  TYR E C     1 
ATOM   260  O O     . TYR B 2 25  ? -6.944  -2.930  10.359  1.00 14.63 ? 25  TYR E O     1 
ATOM   261  C CB    . TYR B 2 25  ? -5.842  -0.237  11.910  1.00 6.59  ? 25  TYR E CB    1 
ATOM   262  C CG    . TYR B 2 25  ? -5.836  0.219   10.427  1.00 6.26  ? 25  TYR E CG    1 
ATOM   263  C CD1   . TYR B 2 25  ? -6.874  0.983   9.945   1.00 6.06  ? 25  TYR E CD1   1 
ATOM   264  C CD2   . TYR B 2 25  ? -4.788  -0.082  9.570   1.00 4.73  ? 25  TYR E CD2   1 
ATOM   265  C CE1   . TYR B 2 25  ? -6.860  1.431   8.639   1.00 5.94  ? 25  TYR E CE1   1 
ATOM   266  C CE2   . TYR B 2 25  ? -4.775  0.354   8.268   1.00 2.00  ? 25  TYR E CE2   1 
ATOM   267  C CZ    . TYR B 2 25  ? -5.807  1.131   7.807   1.00 4.97  ? 25  TYR E CZ    1 
ATOM   268  O OH    . TYR B 2 25  ? -5.752  1.754   6.560   1.00 4.02  ? 25  TYR E OH    1 
ATOM   269  N N     . CYS B 2 26  ? -4.926  -2.988  11.272  1.00 5.33  ? 26  CYS E N     1 
ATOM   270  C CA    . CYS B 2 26  ? -4.461  -3.917  10.263  1.00 9.91  ? 26  CYS E CA    1 
ATOM   271  C C     . CYS B 2 26  ? -5.128  -5.276  10.332  1.00 10.76 ? 26  CYS E C     1 
ATOM   272  O O     . CYS B 2 26  ? -5.263  -5.908  9.299   1.00 13.04 ? 26  CYS E O     1 
ATOM   273  C CB    . CYS B 2 26  ? -2.935  -4.123  10.352  1.00 8.31  ? 26  CYS E CB    1 
ATOM   274  S SG    . CYS B 2 26  ? -1.856  -2.771  9.798   1.00 6.43  ? 26  CYS E SG    1 
ATOM   275  N N     . ASN B 2 27  ? -5.624  -5.767  11.471  1.00 15.56 ? 27  ASN E N     1 
ATOM   276  C CA    . ASN B 2 27  ? -6.178  -7.116  11.526  1.00 14.14 ? 27  ASN E CA    1 
ATOM   277  C C     . ASN B 2 27  ? -7.530  -7.142  10.858  1.00 13.56 ? 27  ASN E C     1 
ATOM   278  O O     . ASN B 2 27  ? -7.857  -8.104  10.149  1.00 14.06 ? 27  ASN E O     1 
ATOM   279  C CB    . ASN B 2 27  ? -6.292  -7.584  12.977  1.00 15.78 ? 27  ASN E CB    1 
ATOM   280  C CG    . ASN B 2 27  ? -4.944  -7.993  13.564  1.00 16.44 ? 27  ASN E CG    1 
ATOM   281  O OD1   . ASN B 2 27  ? -4.091  -8.632  12.942  1.00 16.22 ? 27  ASN E OD1   1 
ATOM   282  N ND2   . ASN B 2 27  ? -4.694  -7.646  14.818  1.00 18.19 ? 27  ASN E ND2   1 
ATOM   283  N N     . GLN B 2 28  ? -8.311  -6.076  11.046  1.00 11.15 ? 28  GLN E N     1 
ATOM   284  C CA    . GLN B 2 28  ? -9.573  -5.974  10.312  1.00 15.42 ? 28  GLN E CA    1 
ATOM   285  C C     . GLN B 2 28  ? -9.358  -5.581  8.847   1.00 13.90 ? 28  GLN E C     1 
ATOM   286  O O     . GLN B 2 28  ? -9.739  -6.346  7.967   1.00 10.93 ? 28  GLN E O     1 
ATOM   287  C CB    . GLN B 2 28  ? -10.542 -4.960  10.976  1.00 19.13 ? 28  GLN E CB    1 
ATOM   288  C CG    . GLN B 2 28  ? -10.107 -3.561  11.480  1.00 23.29 ? 28  GLN E CG    1 
ATOM   289  C CD    . GLN B 2 28  ? -10.444 -3.282  12.961  1.00 25.56 ? 28  GLN E CD    1 
ATOM   290  O OE1   . GLN B 2 28  ? -10.109 -2.256  13.562  1.00 27.68 ? 28  GLN E OE1   1 
ATOM   291  N NE2   . GLN B 2 28  ? -11.087 -4.168  13.714  1.00 26.98 ? 28  GLN E NE2   1 
ATOM   292  N N     . MET B 2 29  ? -8.690  -4.472  8.528   1.00 12.97 ? 29  MET E N     1 
ATOM   293  C CA    . MET B 2 29  ? -8.480  -4.033  7.159   1.00 10.13 ? 29  MET E CA    1 
ATOM   294  C C     . MET B 2 29  ? -7.852  -5.098  6.268   1.00 10.96 ? 29  MET E C     1 
ATOM   295  O O     . MET B 2 29  ? -8.353  -5.414  5.189   1.00 7.53  ? 29  MET E O     1 
ATOM   296  C CB    . MET B 2 29  ? -7.636  -2.788  7.246   1.00 10.52 ? 29  MET E CB    1 
ATOM   297  C CG    . MET B 2 29  ? -7.865  -1.765  6.133   1.00 12.81 ? 29  MET E CG    1 
ATOM   298  S SD    . MET B 2 29  ? -9.544  -1.118  5.883   1.00 8.04  ? 29  MET E SD    1 
ATOM   299  C CE    . MET B 2 29  ? -9.964  -0.463  7.478   1.00 7.85  ? 29  MET E CE    1 
ATOM   300  N N     . MET B 2 30  ? -6.805  -5.789  6.687   1.00 11.10 ? 30  MET E N     1 
ATOM   301  C CA    . MET B 2 30  ? -6.231  -6.842  5.870   1.00 10.68 ? 30  MET E CA    1 
ATOM   302  C C     . MET B 2 30  ? -7.184  -8.009  5.599   1.00 9.60  ? 30  MET E C     1 
ATOM   303  O O     . MET B 2 30  ? -7.045  -8.729  4.598   1.00 11.54 ? 30  MET E O     1 
ATOM   304  C CB    . MET B 2 30  ? -4.990  -7.389  6.538   1.00 11.50 ? 30  MET E CB    1 
ATOM   305  C CG    . MET B 2 30  ? -3.984  -7.854  5.516   1.00 9.37  ? 30  MET E CG    1 
ATOM   306  S SD    . MET B 2 30  ? -2.808  -6.515  5.251   1.00 9.05  ? 30  MET E SD    1 
ATOM   307  C CE    . MET B 2 30  ? -1.410  -7.533  4.929   1.00 5.97  ? 30  MET E CE    1 
ATOM   308  N N     . LYS B 2 31  ? -8.171  -8.229  6.455   1.00 6.84  ? 31  LYS E N     1 
ATOM   309  C CA    . LYS B 2 31  ? -9.077  -9.338  6.304   1.00 9.81  ? 31  LYS E CA    1 
ATOM   310  C C     . LYS B 2 31  ? -10.200 -8.821  5.409   1.00 11.64 ? 31  LYS E C     1 
ATOM   311  O O     . LYS B 2 31  ? -10.534 -9.481  4.433   1.00 9.62  ? 31  LYS E O     1 
ATOM   312  C CB    . LYS B 2 31  ? -9.484  -9.717  7.730   1.00 12.65 ? 31  LYS E CB    1 
ATOM   313  C CG    . LYS B 2 31  ? -10.053 -11.080 8.069   1.00 14.23 ? 31  LYS E CG    1 
ATOM   314  C CD    . LYS B 2 31  ? -11.522 -11.115 7.754   1.00 22.35 ? 31  LYS E CD    1 
ATOM   315  C CE    . LYS B 2 31  ? -12.343 -12.060 8.655   1.00 27.11 ? 31  LYS E CE    1 
ATOM   316  N NZ    . LYS B 2 31  ? -12.109 -13.465 8.371   1.00 28.82 ? 31  LYS E NZ    1 
ATOM   317  N N     . SER B 2 32  ? -10.712 -7.602  5.619   1.00 12.18 ? 32  SER E N     1 
ATOM   318  C CA    . SER B 2 32  ? -11.765 -7.031  4.793   1.00 12.65 ? 32  SER E CA    1 
ATOM   319  C C     . SER B 2 32  ? -11.291 -6.705  3.408   1.00 11.00 ? 32  SER E C     1 
ATOM   320  O O     . SER B 2 32  ? -12.134 -6.638  2.536   1.00 15.54 ? 32  SER E O     1 
ATOM   321  C CB    . SER B 2 32  ? -12.325 -5.747  5.375   1.00 14.28 ? 32  SER E CB    1 
ATOM   322  O OG    . SER B 2 32  ? -11.405 -5.130  6.278   1.00 16.91 ? 32  SER E OG    1 
ATOM   323  N N     . ARG B 2 33  ? -10.001 -6.501  3.121   1.00 13.51 ? 33  ARG E N     1 
ATOM   324  C CA    . ARG B 2 33  ? -9.531  -6.243  1.758   1.00 10.67 ? 33  ARG E CA    1 
ATOM   325  C C     . ARG B 2 33  ? -9.160  -7.545  1.063   1.00 10.96 ? 33  ARG E C     1 
ATOM   326  O O     . ARG B 2 33  ? -8.878  -7.584  -0.124  1.00 7.93  ? 33  ARG E O     1 
ATOM   327  C CB    . ARG B 2 33  ? -8.323  -5.321  1.774   1.00 9.59  ? 33  ARG E CB    1 
ATOM   328  C CG    . ARG B 2 33  ? -8.533  -4.047  2.582   1.00 9.17  ? 33  ARG E CG    1 
ATOM   329  C CD    . ARG B 2 33  ? -9.778  -3.259  2.202   1.00 12.93 ? 33  ARG E CD    1 
ATOM   330  N NE    . ARG B 2 33  ? -9.420  -2.487  1.043   1.00 15.63 ? 33  ARG E NE    1 
ATOM   331  C CZ    . ARG B 2 33  ? -9.413  -1.153  0.993   1.00 15.59 ? 33  ARG E CZ    1 
ATOM   332  N NH1   . ARG B 2 33  ? -9.777  -0.376  1.997   1.00 14.75 ? 33  ARG E NH1   1 
ATOM   333  N NH2   . ARG B 2 33  ? -8.789  -0.585  -0.030  1.00 16.95 ? 33  ARG E NH2   1 
ATOM   334  N N     . ASN B 2 34  ? -9.239  -8.649  1.817   1.00 15.14 ? 34  ASN E N     1 
ATOM   335  C CA    . ASN B 2 34  ? -8.994  -10.040 1.421   1.00 14.47 ? 34  ASN E CA    1 
ATOM   336  C C     . ASN B 2 34  ? -7.559  -10.438 1.133   1.00 11.91 ? 34  ASN E C     1 
ATOM   337  O O     . ASN B 2 34  ? -7.255  -11.366 0.389   1.00 13.55 ? 34  ASN E O     1 
ATOM   338  C CB    . ASN B 2 34  ? -9.877  -10.403 0.210   1.00 20.76 ? 34  ASN E CB    1 
ATOM   339  C CG    . ASN B 2 34  ? -11.332 -10.579 0.645   1.00 27.57 ? 34  ASN E CG    1 
ATOM   340  O OD1   . ASN B 2 34  ? -11.837 -11.691 0.847   1.00 30.45 ? 34  ASN E OD1   1 
ATOM   341  N ND2   . ASN B 2 34  ? -12.068 -9.483  0.835   1.00 29.59 ? 34  ASN E ND2   1 
ATOM   342  N N     . LEU B 2 35  ? -6.612  -9.868  1.860   1.00 12.10 ? 35  LEU E N     1 
ATOM   343  C CA    . LEU B 2 35  ? -5.200  -10.185 1.634   1.00 11.56 ? 35  LEU E CA    1 
ATOM   344  C C     . LEU B 2 35  ? -4.752  -11.417 2.447   1.00 12.16 ? 35  LEU E C     1 
ATOM   345  O O     . LEU B 2 35  ? -3.594  -11.839 2.409   1.00 11.08 ? 35  LEU E O     1 
ATOM   346  C CB    . LEU B 2 35  ? -4.362  -8.927  1.978   1.00 8.39  ? 35  LEU E CB    1 
ATOM   347  C CG    . LEU B 2 35  ? -4.782  -7.540  1.427   1.00 5.99  ? 35  LEU E CG    1 
ATOM   348  C CD1   . LEU B 2 35  ? -3.797  -6.478  1.822   1.00 3.35  ? 35  LEU E CD1   1 
ATOM   349  C CD2   . LEU B 2 35  ? -4.830  -7.579  -0.068  1.00 4.82  ? 35  LEU E CD2   1 
ATOM   350  N N     . THR B 2 36  ? -5.684  -12.045 3.172   1.00 15.01 ? 36  THR E N     1 
ATOM   351  C CA    . THR B 2 36  ? -5.453  -13.273 3.949   1.00 16.84 ? 36  THR E CA    1 
ATOM   352  C C     . THR B 2 36  ? -6.292  -14.475 3.432   1.00 20.20 ? 36  THR E C     1 
ATOM   353  O O     . THR B 2 36  ? -6.621  -15.451 4.108   1.00 21.24 ? 36  THR E O     1 
ATOM   354  C CB    . THR B 2 36  ? -5.780  -12.890 5.389   1.00 17.86 ? 36  THR E CB    1 
ATOM   355  O OG1   . THR B 2 36  ? -7.015  -12.159 5.367   1.00 17.85 ? 36  THR E OG1   1 
ATOM   356  C CG2   . THR B 2 36  ? -4.685  -12.018 6.000   1.00 19.45 ? 36  THR E CG2   1 
ATOM   357  N N     . LYS B 2 37  ? -6.705  -14.465 2.169   1.00 24.43 ? 37  LYS E N     1 
ATOM   358  C CA    . LYS B 2 37  ? -7.549  -15.490 1.585   1.00 24.75 ? 37  LYS E CA    1 
ATOM   359  C C     . LYS B 2 37  ? -6.858  -16.829 1.434   1.00 24.31 ? 37  LYS E C     1 
ATOM   360  O O     . LYS B 2 37  ? -7.494  -17.859 1.555   1.00 29.93 ? 37  LYS E O     1 
ATOM   361  C CB    . LYS B 2 37  ? -8.020  -15.038 0.205   1.00 27.89 ? 37  LYS E CB    1 
ATOM   362  C CG    . LYS B 2 37  ? -9.147  -15.882 -0.395  1.00 31.35 ? 37  LYS E CG    1 
ATOM   363  C CD    . LYS B 2 37  ? -9.110  -15.933 -1.922  1.00 32.77 ? 37  LYS E CD    1 
ATOM   364  C CE    . LYS B 2 37  ? -10.443 -16.363 -2.539  1.00 33.84 ? 37  LYS E CE    1 
ATOM   365  N NZ    . LYS B 2 37  ? -11.350 -15.227 -2.613  1.00 32.40 ? 37  LYS E NZ    1 
ATOM   366  N N     . ASP B 2 38  ? -5.572  -16.921 1.176   1.00 24.92 ? 38  ASP E N     1 
ATOM   367  C CA    . ASP B 2 38  ? -4.925  -18.213 0.851   1.00 25.56 ? 38  ASP E CA    1 
ATOM   368  C C     . ASP B 2 38  ? -3.603  -18.459 1.588   1.00 23.49 ? 38  ASP E C     1 
ATOM   369  O O     . ASP B 2 38  ? -3.052  -19.560 1.662   1.00 19.28 ? 38  ASP E O     1 
ATOM   370  C CB    . ASP B 2 38  ? -4.644  -18.298 -0.676  1.00 27.57 ? 38  ASP E CB    1 
ATOM   371  C CG    . ASP B 2 38  ? -5.133  -17.125 -1.555  1.00 30.02 ? 38  ASP E CG    1 
ATOM   372  O OD1   . ASP B 2 38  ? -4.721  -15.967 -1.384  1.00 29.57 ? 38  ASP E OD1   1 
ATOM   373  O OD2   . ASP B 2 38  ? -5.974  -17.380 -2.416  1.00 33.81 ? 38  ASP E OD2   1 
ATOM   374  N N     . ARG B 2 39  ? -3.057  -17.317 2.014   1.00 21.52 ? 39  ARG E N     1 
ATOM   375  C CA    . ARG B 2 39  ? -1.822  -17.125 2.763   1.00 20.15 ? 39  ARG E CA    1 
ATOM   376  C C     . ARG B 2 39  ? -1.995  -15.766 3.422   1.00 17.15 ? 39  ARG E C     1 
ATOM   377  O O     . ARG B 2 39  ? -2.845  -14.993 2.956   1.00 19.13 ? 39  ARG E O     1 
ATOM   378  C CB    . ARG B 2 39  ? -0.624  -17.089 1.834   1.00 21.14 ? 39  ARG E CB    1 
ATOM   379  C CG    . ARG B 2 39  ? -0.779  -16.546 0.389   1.00 26.40 ? 39  ARG E CG    1 
ATOM   380  C CD    . ARG B 2 39  ? -0.919  -15.021 0.189   1.00 30.27 ? 39  ARG E CD    1 
ATOM   381  N NE    . ARG B 2 39  ? -2.308  -14.583 0.047   1.00 31.99 ? 39  ARG E NE    1 
ATOM   382  C CZ    . ARG B 2 39  ? -2.671  -13.425 -0.526  1.00 33.05 ? 39  ARG E CZ    1 
ATOM   383  N NH1   . ARG B 2 39  ? -1.776  -12.544 -0.992  1.00 31.47 ? 39  ARG E NH1   1 
ATOM   384  N NH2   . ARG B 2 39  ? -3.975  -13.145 -0.617  1.00 32.37 ? 39  ARG E NH2   1 
ATOM   385  N N     . CYS B 2 40  ? -1.300  -15.454 4.501   1.00 11.92 ? 40  CYS E N     1 
ATOM   386  C CA    . CYS B 2 40  ? -1.386  -14.131 5.079   1.00 9.92  ? 40  CYS E CA    1 
ATOM   387  C C     . CYS B 2 40  ? -0.355  -13.349 4.251   1.00 12.42 ? 40  CYS E C     1 
ATOM   388  O O     . CYS B 2 40  ? 0.781   -13.829 4.101   1.00 10.83 ? 40  CYS E O     1 
ATOM   389  C CB    . CYS B 2 40  ? -0.946  -14.107 6.548   1.00 7.67  ? 40  CYS E CB    1 
ATOM   390  S SG    . CYS B 2 40  ? -1.663  -15.265 7.760   1.00 5.86  ? 40  CYS E SG    1 
ATOM   391  N N     . LYS B 2 41  ? -0.650  -12.189 3.653   1.00 12.21 ? 41  LYS E N     1 
ATOM   392  C CA    . LYS B 2 41  ? 0.337   -11.453 2.850   1.00 15.15 ? 41  LYS E CA    1 
ATOM   393  C C     . LYS B 2 41  ? 1.311   -10.776 3.825   1.00 11.84 ? 41  LYS E C     1 
ATOM   394  O O     . LYS B 2 41  ? 0.804   -9.979  4.605   1.00 14.10 ? 41  LYS E O     1 
ATOM   395  C CB    . LYS B 2 41  ? -0.422  -10.436 1.991   1.00 16.65 ? 41  LYS E CB    1 
ATOM   396  C CG    . LYS B 2 41  ? 0.368   -9.930  0.813   1.00 18.72 ? 41  LYS E CG    1 
ATOM   397  C CD    . LYS B 2 41  ? -0.399  -8.784  0.145   1.00 23.44 ? 41  LYS E CD    1 
ATOM   398  C CE    . LYS B 2 41  ? 0.510   -7.927  -0.765  1.00 23.01 ? 41  LYS E CE    1 
ATOM   399  N NZ    . LYS B 2 41  ? 0.140   -6.515  -0.721  1.00 21.95 ? 41  LYS E NZ    1 
ATOM   400  N N     . PRO B 2 42  ? 2.633   -11.027 3.969   1.00 8.61  ? 42  PRO E N     1 
ATOM   401  C CA    . PRO B 2 42  ? 3.414   -10.581 5.117   1.00 3.88  ? 42  PRO E CA    1 
ATOM   402  C C     . PRO B 2 42  ? 3.605   -9.113  5.293   1.00 2.00  ? 42  PRO E C     1 
ATOM   403  O O     . PRO B 2 42  ? 3.699   -8.706  6.438   1.00 6.47  ? 42  PRO E O     1 
ATOM   404  C CB    . PRO B 2 42  ? 4.719   -11.294 5.003   1.00 3.38  ? 42  PRO E CB    1 
ATOM   405  C CG    . PRO B 2 42  ? 4.847   -11.616 3.533   1.00 2.00  ? 42  PRO E CG    1 
ATOM   406  C CD    . PRO B 2 42  ? 3.417   -12.020 3.244   1.00 4.52  ? 42  PRO E CD    1 
ATOM   407  N N     . VAL B 2 43  ? 3.690   -8.261  4.286   1.00 4.20  ? 43  VAL E N     1 
ATOM   408  C CA    . VAL B 2 43  ? 3.823   -6.813  4.494   1.00 2.97  ? 43  VAL E CA    1 
ATOM   409  C C     . VAL B 2 43  ? 2.834   -6.175  3.536   1.00 3.15  ? 43  VAL E C     1 
ATOM   410  O O     . VAL B 2 43  ? 2.703   -6.654  2.393   1.00 2.00  ? 43  VAL E O     1 
ATOM   411  C CB    . VAL B 2 43  ? 5.280   -6.343  4.192   1.00 4.20  ? 43  VAL E CB    1 
ATOM   412  C CG1   . VAL B 2 43  ? 5.380   -4.810  4.047   1.00 4.54  ? 43  VAL E CG1   1 
ATOM   413  C CG2   . VAL B 2 43  ? 6.168   -6.791  5.364   1.00 2.03  ? 43  VAL E CG2   1 
ATOM   414  N N     . ASN B 2 44  ? 2.122   -5.144  4.012   1.00 2.00  ? 44  ASN E N     1 
ATOM   415  C CA    . ASN B 2 44  ? 1.225   -4.421  3.150   1.00 2.00  ? 44  ASN E CA    1 
ATOM   416  C C     . ASN B 2 44  ? 1.057   -3.007  3.662   1.00 2.01  ? 44  ASN E C     1 
ATOM   417  O O     . ASN B 2 44  ? 0.929   -2.801  4.871   1.00 2.00  ? 44  ASN E O     1 
ATOM   418  C CB    . ASN B 2 44  ? -0.125  -5.086  3.102   1.00 2.00  ? 44  ASN E CB    1 
ATOM   419  C CG    . ASN B 2 44  ? -1.013  -4.326  2.162   1.00 2.00  ? 44  ASN E CG    1 
ATOM   420  O OD1   . ASN B 2 44  ? -0.676  -4.241  0.999   1.00 2.00  ? 44  ASN E OD1   1 
ATOM   421  N ND2   . ASN B 2 44  ? -2.068  -3.646  2.579   1.00 2.01  ? 44  ASN E ND2   1 
ATOM   422  N N     . THR B 2 45  ? 1.048   -2.023  2.783   1.00 2.00  ? 45  THR E N     1 
ATOM   423  C CA    . THR B 2 45  ? 0.901   -0.643  3.173   1.00 2.00  ? 45  THR E CA    1 
ATOM   424  C C     . THR B 2 45  ? -0.326  -0.032  2.516   1.00 2.00  ? 45  THR E C     1 
ATOM   425  O O     . THR B 2 45  ? -0.579  -0.249  1.309   1.00 2.00  ? 45  THR E O     1 
ATOM   426  C CB    . THR B 2 45  ? 2.174   0.105   2.783   1.00 2.00  ? 45  THR E CB    1 
ATOM   427  O OG1   . THR B 2 45  ? 3.301   -0.681  3.169   1.00 2.00  ? 45  THR E OG1   1 
ATOM   428  C CG2   . THR B 2 45  ? 2.245   1.437   3.469   1.00 2.38  ? 45  THR E CG2   1 
ATOM   429  N N     . PHE B 2 46  ? -1.057  0.665   3.399   1.00 2.02  ? 46  PHE E N     1 
ATOM   430  C CA    . PHE B 2 46  ? -2.268  1.394   3.103   1.00 2.01  ? 46  PHE E CA    1 
ATOM   431  C C     . PHE B 2 46  ? -2.020  2.896   3.135   1.00 2.02  ? 46  PHE E C     1 
ATOM   432  O O     . PHE B 2 46  ? -1.518  3.403   4.146   1.00 2.00  ? 46  PHE E O     1 
ATOM   433  C CB    . PHE B 2 46  ? -3.360  1.065   4.112   1.00 2.00  ? 46  PHE E CB    1 
ATOM   434  C CG    . PHE B 2 46  ? -3.939  -0.351  4.016   1.00 3.48  ? 46  PHE E CG    1 
ATOM   435  C CD1   . PHE B 2 46  ? -4.903  -0.638  3.057   1.00 4.66  ? 46  PHE E CD1   1 
ATOM   436  C CD2   . PHE B 2 46  ? -3.550  -1.340  4.902   1.00 2.04  ? 46  PHE E CD2   1 
ATOM   437  C CE1   . PHE B 2 46  ? -5.467  -1.897  2.990   1.00 6.18  ? 46  PHE E CE1   1 
ATOM   438  C CE2   . PHE B 2 46  ? -4.121  -2.595  4.830   1.00 4.35  ? 46  PHE E CE2   1 
ATOM   439  C CZ    . PHE B 2 46  ? -5.079  -2.880  3.880   1.00 4.60  ? 46  PHE E CZ    1 
ATOM   440  N N     . VAL B 2 47  ? -2.375  3.639   2.068   1.00 2.00  ? 47  VAL E N     1 
ATOM   441  C CA    . VAL B 2 47  ? -2.172  5.075   1.959   1.00 2.58  ? 47  VAL E CA    1 
ATOM   442  C C     . VAL B 2 47  ? -3.493  5.824   2.236   1.00 3.55  ? 47  VAL E C     1 
ATOM   443  O O     . VAL B 2 47  ? -4.599  5.541   1.756   1.00 2.00  ? 47  VAL E O     1 
ATOM   444  C CB    . VAL B 2 47  ? -1.591  5.423   0.529   1.00 2.88  ? 47  VAL E CB    1 
ATOM   445  C CG1   . VAL B 2 47  ? -1.278  6.902   0.537   1.00 3.73  ? 47  VAL E CG1   1 
ATOM   446  C CG2   . VAL B 2 47  ? -0.293  4.665   0.178   1.00 2.01  ? 47  VAL E CG2   1 
ATOM   447  N N     . HIS B 2 48  ? -3.359  6.876   3.027   1.00 5.97  ? 48  HIS E N     1 
ATOM   448  C CA    . HIS B 2 48  ? -4.492  7.627   3.526   1.00 5.17  ? 48  HIS E CA    1 
ATOM   449  C C     . HIS B 2 48  ? -4.484  8.976   2.850   1.00 6.24  ? 48  HIS E C     1 
ATOM   450  O O     . HIS B 2 48  ? -4.234  10.031  3.465   1.00 8.54  ? 48  HIS E O     1 
ATOM   451  C CB    . HIS B 2 48  ? -4.369  7.811   5.041   1.00 6.72  ? 48  HIS E CB    1 
ATOM   452  C CG    . HIS B 2 48  ? -4.456  6.555   5.875   1.00 6.80  ? 48  HIS E CG    1 
ATOM   453  N ND1   . HIS B 2 48  ? -5.543  5.872   6.213   1.00 8.88  ? 48  HIS E ND1   1 
ATOM   454  C CD2   . HIS B 2 48  ? -3.375  5.891   6.385   1.00 8.68  ? 48  HIS E CD2   1 
ATOM   455  C CE1   . HIS B 2 48  ? -5.168  4.814   6.906   1.00 10.11 ? 48  HIS E CE1   1 
ATOM   456  N NE2   . HIS B 2 48  ? -3.864  4.845   6.998   1.00 9.06  ? 48  HIS E NE2   1 
ATOM   457  N N     . GLU B 2 49  ? -4.647  8.943   1.536   1.00 2.99  ? 49  GLU E N     1 
ATOM   458  C CA    . GLU B 2 49  ? -4.710  10.171  0.777   1.00 2.12  ? 49  GLU E CA    1 
ATOM   459  C C     . GLU B 2 49  ? -5.761  9.997   -0.292  1.00 3.43  ? 49  GLU E C     1 
ATOM   460  O O     . GLU B 2 49  ? -6.384  8.931   -0.463  1.00 2.46  ? 49  GLU E O     1 
ATOM   461  C CB    . GLU B 2 49  ? -3.393  10.500  0.088   1.00 3.73  ? 49  GLU E CB    1 
ATOM   462  C CG    . GLU B 2 49  ? -2.147  10.745  0.945   1.00 9.55  ? 49  GLU E CG    1 
ATOM   463  C CD    . GLU B 2 49  ? -2.275  11.765  2.074   1.00 11.15 ? 49  GLU E CD    1 
ATOM   464  O OE1   . GLU B 2 49  ? -2.948  12.784  1.892   1.00 11.76 ? 49  GLU E OE1   1 
ATOM   465  O OE2   . GLU B 2 49  ? -1.696  11.523  3.140   1.00 8.16  ? 49  GLU E OE2   1 
ATOM   466  N N     . SER B 2 50  ? -5.936  11.030  -1.092  1.00 2.48  ? 50  SER E N     1 
ATOM   467  C CA    . SER B 2 50  ? -6.914  10.963  -2.131  1.00 2.00  ? 50  SER E CA    1 
ATOM   468  C C     . SER B 2 50  ? -6.316  10.136  -3.234  1.00 4.23  ? 50  SER E C     1 
ATOM   469  O O     . SER B 2 50  ? -5.100  10.144  -3.510  1.00 2.43  ? 50  SER E O     1 
ATOM   470  C CB    . SER B 2 50  ? -7.214  12.366  -2.596  1.00 4.25  ? 50  SER E CB    1 
ATOM   471  O OG    . SER B 2 50  ? -6.016  13.117  -2.799  1.00 7.43  ? 50  SER E OG    1 
ATOM   472  N N     . LEU B 2 51  ? -7.234  9.446   -3.903  1.00 6.47  ? 51  LEU E N     1 
ATOM   473  C CA    . LEU B 2 51  ? -6.843  8.685   -5.057  1.00 8.00  ? 51  LEU E CA    1 
ATOM   474  C C     . LEU B 2 51  ? -6.009  9.552   -6.000  1.00 7.46  ? 51  LEU E C     1 
ATOM   475  O O     . LEU B 2 51  ? -4.947  9.125   -6.427  1.00 6.63  ? 51  LEU E O     1 
ATOM   476  C CB    . LEU B 2 51  ? -8.073  8.157   -5.766  1.00 8.46  ? 51  LEU E CB    1 
ATOM   477  C CG    . LEU B 2 51  ? -7.678  7.214   -6.902  1.00 11.46 ? 51  LEU E CG    1 
ATOM   478  C CD1   . LEU B 2 51  ? -6.928  5.991   -6.411  1.00 7.83  ? 51  LEU E CD1   1 
ATOM   479  C CD2   . LEU B 2 51  ? -8.940  6.821   -7.600  1.00 12.35 ? 51  LEU E CD2   1 
ATOM   480  N N     . ALA B 2 52  ? -6.408  10.829  -6.087  1.00 8.00  ? 52  ALA E N     1 
ATOM   481  C CA    . ALA B 2 52  ? -5.815  11.861  -6.936  1.00 7.21  ? 52  ALA E CA    1 
ATOM   482  C C     . ALA B 2 52  ? -4.406  12.287  -6.543  1.00 6.62  ? 52  ALA E C     1 
ATOM   483  O O     . ALA B 2 52  ? -3.540  12.599  -7.394  1.00 2.94  ? 52  ALA E O     1 
ATOM   484  C CB    . ALA B 2 52  ? -6.698  13.091  -6.914  1.00 6.50  ? 52  ALA E CB    1 
ATOM   485  N N     . ASP B 2 53  ? -4.260  12.365  -5.200  1.00 2.27  ? 53  ASP E N     1 
ATOM   486  C CA    . ASP B 2 53  ? -2.958  12.617  -4.669  1.00 3.99  ? 53  ASP E CA    1 
ATOM   487  C C     . ASP B 2 53  ? -2.013  11.436  -4.840  1.00 2.85  ? 53  ASP E C     1 
ATOM   488  O O     . ASP B 2 53  ? -0.830  11.662  -5.062  1.00 2.00  ? 53  ASP E O     1 
ATOM   489  C CB    . ASP B 2 53  ? -3.076  12.980  -3.217  1.00 5.87  ? 53  ASP E CB    1 
ATOM   490  C CG    . ASP B 2 53  ? -3.186  14.477  -3.016  1.00 10.68 ? 53  ASP E CG    1 
ATOM   491  O OD1   . ASP B 2 53  ? -3.203  15.229  -3.988  1.00 12.26 ? 53  ASP E OD1   1 
ATOM   492  O OD2   . ASP B 2 53  ? -3.250  14.921  -1.876  1.00 16.79 ? 53  ASP E OD2   1 
ATOM   493  N N     . VAL B 2 54  ? -2.478  10.191  -4.794  1.00 2.74  ? 54  VAL E N     1 
ATOM   494  C CA    . VAL B 2 54  ? -1.609  9.038   -4.889  1.00 2.90  ? 54  VAL E CA    1 
ATOM   495  C C     . VAL B 2 54  ? -1.318  8.827   -6.348  1.00 3.85  ? 54  VAL E C     1 
ATOM   496  O O     . VAL B 2 54  ? -0.161  8.685   -6.736  1.00 2.01  ? 54  VAL E O     1 
ATOM   497  C CB    . VAL B 2 54  ? -2.321  7.846   -4.239  1.00 6.42  ? 54  VAL E CB    1 
ATOM   498  C CG1   . VAL B 2 54  ? -1.585  6.513   -4.455  1.00 4.62  ? 54  VAL E CG1   1 
ATOM   499  C CG2   . VAL B 2 54  ? -2.381  8.138   -2.726  1.00 5.21  ? 54  VAL E CG2   1 
ATOM   500  N N     . GLN B 2 55  ? -2.348  8.814   -7.199  1.00 6.27  ? 55  GLN E N     1 
ATOM   501  C CA    . GLN B 2 55  ? -2.158  8.726   -8.655  1.00 6.34  ? 55  GLN E CA    1 
ATOM   502  C C     . GLN B 2 55  ? -1.092  9.682   -9.186  1.00 3.84  ? 55  GLN E C     1 
ATOM   503  O O     . GLN B 2 55  ? -0.192  9.269   -9.915  1.00 6.28  ? 55  GLN E O     1 
ATOM   504  C CB    . GLN B 2 55  ? -3.450  9.030   -9.385  1.00 3.68  ? 55  GLN E CB    1 
ATOM   505  C CG    . GLN B 2 55  ? -4.407  7.877   -9.265  1.00 7.29  ? 55  GLN E CG    1 
ATOM   506  C CD    . GLN B 2 55  ? -5.750  8.198   -9.869  1.00 10.69 ? 55  GLN E CD    1 
ATOM   507  O OE1   . GLN B 2 55  ? -6.300  9.300   -9.734  1.00 12.20 ? 55  GLN E OE1   1 
ATOM   508  N NE2   . GLN B 2 55  ? -6.330  7.200   -10.505 1.00 10.49 ? 55  GLN E NE2   1 
ATOM   509  N N     . ALA B 2 56  ? -1.160  10.944  -8.723  1.00 3.59  ? 56  ALA E N     1 
ATOM   510  C CA    . ALA B 2 56  ? -0.258  11.989  -9.119  1.00 2.00  ? 56  ALA E CA    1 
ATOM   511  C C     . ALA B 2 56  ? 1.223   11.646  -8.991  1.00 2.00  ? 56  ALA E C     1 
ATOM   512  O O     . ALA B 2 56  ? 1.973   12.092  -9.855  1.00 2.01  ? 56  ALA E O     1 
ATOM   513  C CB    . ALA B 2 56  ? -0.604  13.211  -8.303  1.00 2.01  ? 56  ALA E CB    1 
ATOM   514  N N     . VAL B 2 57  ? 1.629   10.799  -8.015  1.00 2.33  ? 57  VAL E N     1 
ATOM   515  C CA    . VAL B 2 57  ? 2.988   10.305  -7.785  1.00 2.00  ? 57  VAL E CA    1 
ATOM   516  C C     . VAL B 2 57  ? 3.548   9.799   -9.102  1.00 2.01  ? 57  VAL E C     1 
ATOM   517  O O     . VAL B 2 57  ? 4.698   10.123  -9.412  1.00 2.00  ? 57  VAL E O     1 
ATOM   518  C CB    . VAL B 2 57  ? 3.026   9.145   -6.739  1.00 2.00  ? 57  VAL E CB    1 
ATOM   519  C CG1   . VAL B 2 57  ? 4.419   8.582   -6.553  1.00 2.01  ? 57  VAL E CG1   1 
ATOM   520  C CG2   . VAL B 2 57  ? 2.608   9.692   -5.390  1.00 2.00  ? 57  VAL E CG2   1 
ATOM   521  N N     . CYS B 2 58  ? 2.749   9.125   -9.944  1.00 3.82  ? 58  CYS E N     1 
ATOM   522  C CA    . CYS B 2 58  ? 3.173   8.645   -11.267 1.00 2.01  ? 58  CYS E CA    1 
ATOM   523  C C     . CYS B 2 58  ? 3.729   9.726   -12.183 1.00 2.33  ? 58  CYS E C     1 
ATOM   524  O O     . CYS B 2 58  ? 4.319   9.450   -13.228 1.00 7.20  ? 58  CYS E O     1 
ATOM   525  C CB    . CYS B 2 58  ? 2.004   7.970   -11.964 1.00 2.00  ? 58  CYS E CB    1 
ATOM   526  S SG    . CYS B 2 58  ? 1.477   6.519   -11.022 1.00 2.45  ? 58  CYS E SG    1 
ATOM   527  N N     . SER B 2 59  ? 3.591   10.987  -11.837 1.00 2.00  ? 59  SER E N     1 
ATOM   528  C CA    . SER B 2 59  ? 4.126   12.066  -12.635 1.00 5.66  ? 59  SER E CA    1 
ATOM   529  C C     . SER B 2 59  ? 5.273   12.763  -11.871 1.00 6.25  ? 59  SER E C     1 
ATOM   530  O O     . SER B 2 59  ? 5.559   13.933  -12.148 1.00 3.88  ? 59  SER E O     1 
ATOM   531  C CB    . SER B 2 59  ? 2.973   13.038  -12.901 1.00 2.61  ? 59  SER E CB    1 
ATOM   532  O OG    . SER B 2 59  ? 1.820   12.362  -13.401 1.00 9.22  ? 59  SER E OG    1 
ATOM   533  N N     . GLN B 2 60  ? 5.914   12.148  -10.859 1.00 5.96  ? 60  GLN E N     1 
ATOM   534  C CA    . GLN B 2 60  ? 6.883   12.831  -10.019 1.00 5.51  ? 60  GLN E CA    1 
ATOM   535  C C     . GLN B 2 60  ? 8.309   12.320  -10.143 1.00 7.55  ? 60  GLN E C     1 
ATOM   536  O O     . GLN B 2 60  ? 8.801   12.152  -11.256 1.00 9.28  ? 60  GLN E O     1 
ATOM   537  C CB    . GLN B 2 60  ? 6.371   12.771  -8.551  1.00 3.12  ? 60  GLN E CB    1 
ATOM   538  C CG    . GLN B 2 60  ? 5.224   13.739  -8.454  1.00 2.89  ? 60  GLN E CG    1 
ATOM   539  C CD    . GLN B 2 60  ? 4.431   13.803  -7.160  1.00 5.94  ? 60  GLN E CD    1 
ATOM   540  O OE1   . GLN B 2 60  ? 4.783   13.325  -6.079  1.00 3.53  ? 60  GLN E OE1   1 
ATOM   541  N NE2   . GLN B 2 60  ? 3.275   14.446  -7.219  1.00 6.18  ? 60  GLN E NE2   1 
ATOM   542  N N     . LYS B 2 61  ? 8.994   12.046  -9.040  1.00 5.80  ? 61  LYS E N     1 
ATOM   543  C CA    . LYS B 2 61  ? 10.358  11.654  -9.051  1.00 6.38  ? 61  LYS E CA    1 
ATOM   544  C C     . LYS B 2 61  ? 10.503  10.255  -9.629  1.00 8.32  ? 61  LYS E C     1 
ATOM   545  O O     . LYS B 2 61  ? 10.131  9.306   -8.943  1.00 8.51  ? 61  LYS E O     1 
ATOM   546  C CB    . LYS B 2 61  ? 10.780  11.751  -7.611  1.00 6.67  ? 61  LYS E CB    1 
ATOM   547  C CG    . LYS B 2 61  ? 12.031  12.477  -7.258  1.00 3.33  ? 61  LYS E CG    1 
ATOM   548  C CD    . LYS B 2 61  ? 13.256  11.846  -7.819  1.00 4.10  ? 61  LYS E CD    1 
ATOM   549  C CE    . LYS B 2 61  ? 14.478  12.421  -7.097  1.00 3.48  ? 61  LYS E CE    1 
ATOM   550  N NZ    . LYS B 2 61  ? 14.528  11.999  -5.706  1.00 6.07  ? 61  LYS E NZ    1 
ATOM   551  N N     . ASN B 2 62  ? 10.968  10.053  -10.860 1.00 8.53  ? 62  ASN E N     1 
ATOM   552  C CA    . ASN B 2 62  ? 11.237  8.703   -11.343 1.00 5.02  ? 62  ASN E CA    1 
ATOM   553  C C     . ASN B 2 62  ? 12.470  8.097   -10.637 1.00 5.98  ? 62  ASN E C     1 
ATOM   554  O O     . ASN B 2 62  ? 13.573  8.680   -10.512 1.00 7.98  ? 62  ASN E O     1 
ATOM   555  C CB    . ASN B 2 62  ? 11.463  8.769   -12.830 1.00 2.99  ? 62  ASN E CB    1 
ATOM   556  C CG    . ASN B 2 62  ? 11.561  7.418   -13.498 1.00 4.53  ? 62  ASN E CG    1 
ATOM   557  O OD1   . ASN B 2 62  ? 10.747  6.530   -13.319 1.00 3.51  ? 62  ASN E OD1   1 
ATOM   558  N ND2   . ASN B 2 62  ? 12.556  7.210   -14.338 1.00 6.40  ? 62  ASN E ND2   1 
ATOM   559  N N     . VAL B 2 63  ? 12.319  6.904   -10.094 1.00 3.61  ? 63  VAL E N     1 
ATOM   560  C CA    . VAL B 2 63  ? 13.387  6.255   -9.357  1.00 3.32  ? 63  VAL E CA    1 
ATOM   561  C C     . VAL B 2 63  ? 13.326  4.795   -9.755  1.00 2.01  ? 63  VAL E C     1 
ATOM   562  O O     . VAL B 2 63  ? 12.396  4.324   -10.411 1.00 2.02  ? 63  VAL E O     1 
ATOM   563  C CB    . VAL B 2 63  ? 13.219  6.399   -7.770  1.00 4.88  ? 63  VAL E CB    1 
ATOM   564  C CG1   . VAL B 2 63  ? 13.069  7.863   -7.373  1.00 2.00  ? 63  VAL E CG1   1 
ATOM   565  C CG2   . VAL B 2 63  ? 11.983  5.686   -7.266  1.00 2.00  ? 63  VAL E CG2   1 
ATOM   566  N N     . ALA B 2 64  ? 14.355  4.056   -9.365  1.00 4.50  ? 64  ALA E N     1 
ATOM   567  C CA    . ALA B 2 64  ? 14.461  2.637   -9.622  1.00 2.01  ? 64  ALA E CA    1 
ATOM   568  C C     . ALA B 2 64  ? 13.581  1.929   -8.609  1.00 3.08  ? 64  ALA E C     1 
ATOM   569  O O     . ALA B 2 64  ? 13.481  2.349   -7.452  1.00 2.01  ? 64  ALA E O     1 
ATOM   570  C CB    . ALA B 2 64  ? 15.863  2.188   -9.412  1.00 2.00  ? 64  ALA E CB    1 
ATOM   571  N N     . CYS B 2 65  ? 12.882  0.879   -9.036  1.00 3.32  ? 65  CYS E N     1 
ATOM   572  C CA    . CYS B 2 65  ? 12.174  0.015   -8.124  1.00 2.04  ? 65  CYS E CA    1 
ATOM   573  C C     . CYS B 2 65  ? 13.209  -0.826  -7.434  1.00 2.01  ? 65  CYS E C     1 
ATOM   574  O O     . CYS B 2 65  ? 14.311  -1.070  -7.952  1.00 2.01  ? 65  CYS E O     1 
ATOM   575  C CB    . CYS B 2 65  ? 11.244  -0.902  -8.853  1.00 2.00  ? 65  CYS E CB    1 
ATOM   576  S SG    . CYS B 2 65  ? 10.084  0.046   -9.846  1.00 3.28  ? 65  CYS E SG    1 
ATOM   577  N N     . LYS B 2 66  ? 12.811  -1.367  -6.278  1.00 5.18  ? 66  LYS E N     1 
ATOM   578  C CA    . LYS B 2 66  ? 13.676  -2.193  -5.448  1.00 2.00  ? 66  LYS E CA    1 
ATOM   579  C C     . LYS B 2 66  ? 14.272  -3.352  -6.175  1.00 2.71  ? 66  LYS E C     1 
ATOM   580  O O     . LYS B 2 66  ? 15.317  -3.862  -5.782  1.00 4.19  ? 66  LYS E O     1 
ATOM   581  C CB    . LYS B 2 66  ? 12.935  -2.746  -4.270  1.00 2.11  ? 66  LYS E CB    1 
ATOM   582  C CG    . LYS B 2 66  ? 12.863  -1.897  -3.021  1.00 3.56  ? 66  LYS E CG    1 
ATOM   583  C CD    . LYS B 2 66  ? 12.095  -2.863  -2.146  1.00 6.01  ? 66  LYS E CD    1 
ATOM   584  C CE    . LYS B 2 66  ? 11.568  -2.318  -0.851  1.00 6.22  ? 66  LYS E CE    1 
ATOM   585  N NZ    . LYS B 2 66  ? 12.527  -2.395  0.235   1.00 8.69  ? 66  LYS E NZ    1 
ATOM   586  N N     . ASN B 2 67  ? 13.605  -3.791  -7.234  1.00 3.58  ? 67  ASN E N     1 
ATOM   587  C CA    . ASN B 2 67  ? 14.046  -4.940  -8.004  1.00 2.47  ? 67  ASN E CA    1 
ATOM   588  C C     . ASN B 2 67  ? 14.746  -4.645  -9.307  1.00 2.23  ? 67  ASN E C     1 
ATOM   589  O O     . ASN B 2 67  ? 14.950  -5.588  -10.065 1.00 2.00  ? 67  ASN E O     1 
ATOM   590  C CB    . ASN B 2 67  ? 12.858  -5.840  -8.306  1.00 2.59  ? 67  ASN E CB    1 
ATOM   591  C CG    . ASN B 2 67  ? 11.907  -5.311  -9.357  1.00 5.03  ? 67  ASN E CG    1 
ATOM   592  O OD1   . ASN B 2 67  ? 11.674  -4.108  -9.573  1.00 3.05  ? 67  ASN E OD1   1 
ATOM   593  N ND2   . ASN B 2 67  ? 11.352  -6.284  -10.056 1.00 8.84  ? 67  ASN E ND2   1 
ATOM   594  N N     . GLY B 2 68  ? 15.053  -3.381  -9.626  1.00 2.24  ? 68  GLY E N     1 
ATOM   595  C CA    . GLY B 2 68  ? 15.761  -3.067  -10.862 1.00 2.00  ? 68  GLY E CA    1 
ATOM   596  C C     . GLY B 2 68  ? 14.877  -2.456  -11.944 1.00 3.77  ? 68  GLY E C     1 
ATOM   597  O O     . GLY B 2 68  ? 15.366  -1.903  -12.930 1.00 9.10  ? 68  GLY E O     1 
ATOM   598  N N     . GLN B 2 69  ? 13.553  -2.466  -11.836 1.00 4.56  ? 69  GLN E N     1 
ATOM   599  C CA    . GLN B 2 69  ? 12.722  -1.981  -12.912 1.00 3.68  ? 69  GLN E CA    1 
ATOM   600  C C     . GLN B 2 69  ? 12.646  -0.482  -12.801 1.00 5.58  ? 69  GLN E C     1 
ATOM   601  O O     . GLN B 2 69  ? 12.478  0.081   -11.739 1.00 6.94  ? 69  GLN E O     1 
ATOM   602  C CB    . GLN B 2 69  ? 11.328  -2.628  -12.830 1.00 6.45  ? 69  GLN E CB    1 
ATOM   603  C CG    . GLN B 2 69  ? 11.255  -4.178  -12.945 1.00 6.10  ? 69  GLN E CG    1 
ATOM   604  C CD    . GLN B 2 69  ? 9.818   -4.674  -13.126 1.00 12.22 ? 69  GLN E CD    1 
ATOM   605  O OE1   . GLN B 2 69  ? 9.187   -5.360  -12.317 1.00 12.16 ? 69  GLN E OE1   1 
ATOM   606  N NE2   . GLN B 2 69  ? 9.206   -4.318  -14.230 1.00 13.90 ? 69  GLN E NE2   1 
ATOM   607  N N     . THR B 2 70  ? 12.695  0.175   -13.930 1.00 9.79  ? 70  THR E N     1 
ATOM   608  C CA    . THR B 2 70  ? 12.786  1.622   -14.065 1.00 10.96 ? 70  THR E CA    1 
ATOM   609  C C     . THR B 2 70  ? 11.463  2.399   -13.848 1.00 7.39  ? 70  THR E C     1 
ATOM   610  O O     . THR B 2 70  ? 11.419  3.628   -13.967 1.00 2.00  ? 70  THR E O     1 
ATOM   611  C CB    . THR B 2 70  ? 13.391  1.818   -15.496 1.00 12.31 ? 70  THR E CB    1 
ATOM   612  O OG1   . THR B 2 70  ? 14.569  1.010   -15.522 1.00 19.79 ? 70  THR E OG1   1 
ATOM   613  C CG2   . THR B 2 70  ? 13.787  3.247   -15.842 1.00 16.44 ? 70  THR E CG2   1 
ATOM   614  N N     . ASN B 2 71  ? 10.362  1.740   -13.473 1.00 5.70  ? 71  ASN E N     1 
ATOM   615  C CA    . ASN B 2 71  ? 9.084   2.427   -13.588 1.00 2.94  ? 71  ASN E CA    1 
ATOM   616  C C     . ASN B 2 71  ? 8.442   2.833   -12.274 1.00 4.89  ? 71  ASN E C     1 
ATOM   617  O O     . ASN B 2 71  ? 7.195   2.909   -12.158 1.00 2.00  ? 71  ASN E O     1 
ATOM   618  C CB    . ASN B 2 71  ? 8.139   1.528   -14.406 1.00 4.59  ? 71  ASN E CB    1 
ATOM   619  C CG    . ASN B 2 71  ? 7.601   0.280   -13.705 1.00 3.31  ? 71  ASN E CG    1 
ATOM   620  O OD1   . ASN B 2 71  ? 6.405   0.002   -13.680 1.00 4.92  ? 71  ASN E OD1   1 
ATOM   621  N ND2   . ASN B 2 71  ? 8.396   -0.564  -13.074 1.00 2.01  ? 71  ASN E ND2   1 
ATOM   622  N N     . CYS B 2 72  ? 9.295   3.114   -11.286 1.00 2.00  ? 72  CYS E N     1 
ATOM   623  C CA    . CYS B 2 72  ? 8.782   3.535   -9.986  1.00 4.56  ? 72  CYS E CA    1 
ATOM   624  C C     . CYS B 2 72  ? 8.898   5.047   -9.795  1.00 3.62  ? 72  CYS E C     1 
ATOM   625  O O     . CYS B 2 72  ? 9.775   5.699   -10.365 1.00 3.64  ? 72  CYS E O     1 
ATOM   626  C CB    . CYS B 2 72  ? 9.546   2.836   -8.857  1.00 5.67  ? 72  CYS E CB    1 
ATOM   627  S SG    . CYS B 2 72  ? 8.955   1.152   -8.584  1.00 3.84  ? 72  CYS E SG    1 
ATOM   628  N N     . TYR B 2 73  ? 8.037   5.675   -8.999  1.00 5.36  ? 73  TYR E N     1 
ATOM   629  C CA    . TYR B 2 73  ? 8.021   7.118   -8.800  1.00 6.03  ? 73  TYR E CA    1 
ATOM   630  C C     . TYR B 2 73  ? 7.879   7.386   -7.300  1.00 5.42  ? 73  TYR E C     1 
ATOM   631  O O     . TYR B 2 73  ? 7.258   6.526   -6.630  1.00 3.65  ? 73  TYR E O     1 
ATOM   632  C CB    . TYR B 2 73  ? 6.819   7.717   -9.593  1.00 9.81  ? 73  TYR E CB    1 
ATOM   633  C CG    . TYR B 2 73  ? 6.892   7.436   -11.089 1.00 9.36  ? 73  TYR E CG    1 
ATOM   634  C CD1   . TYR B 2 73  ? 7.641   8.272   -11.898 1.00 10.43 ? 73  TYR E CD1   1 
ATOM   635  C CD2   . TYR B 2 73  ? 6.325   6.283   -11.597 1.00 10.61 ? 73  TYR E CD2   1 
ATOM   636  C CE1   . TYR B 2 73  ? 7.841   7.954   -13.221 1.00 11.37 ? 73  TYR E CE1   1 
ATOM   637  C CE2   . TYR B 2 73  ? 6.523   5.951   -12.913 1.00 12.28 ? 73  TYR E CE2   1 
ATOM   638  C CZ    . TYR B 2 73  ? 7.284   6.785   -13.704 1.00 12.79 ? 73  TYR E CZ    1 
ATOM   639  O OH    . TYR B 2 73  ? 7.516   6.389   -14.987 1.00 11.40 ? 73  TYR E OH    1 
ATOM   640  N N     . GLN B 2 74  ? 8.476   8.471   -6.719  1.00 2.00  ? 74  GLN E N     1 
ATOM   641  C CA    . GLN B 2 74  ? 8.226   8.797   -5.313  1.00 2.01  ? 74  GLN E CA    1 
ATOM   642  C C     . GLN B 2 74  ? 7.627   10.170  -5.143  1.00 4.40  ? 74  GLN E C     1 
ATOM   643  O O     . GLN B 2 74  ? 7.885   11.111  -5.916  1.00 2.00  ? 74  GLN E O     1 
ATOM   644  C CB    . GLN B 2 74  ? 9.453   8.770   -4.414  1.00 2.00  ? 74  GLN E CB    1 
ATOM   645  C CG    . GLN B 2 74  ? 10.687  9.550   -4.763  1.00 6.82  ? 74  GLN E CG    1 
ATOM   646  C CD    . GLN B 2 74  ? 11.801  9.441   -3.722  1.00 9.01  ? 74  GLN E CD    1 
ATOM   647  O OE1   . GLN B 2 74  ? 11.863  10.203  -2.771  1.00 9.91  ? 74  GLN E OE1   1 
ATOM   648  N NE2   . GLN B 2 74  ? 12.737  8.497   -3.783  1.00 10.83 ? 74  GLN E NE2   1 
ATOM   649  N N     . SER B 2 75  ? 6.733   10.242  -4.165  1.00 2.00  ? 75  SER E N     1 
ATOM   650  C CA    . SER B 2 75  ? 6.054   11.462  -3.969  1.00 2.12  ? 75  SER E CA    1 
ATOM   651  C C     . SER B 2 75  ? 7.026   12.583  -3.612  1.00 4.19  ? 75  SER E C     1 
ATOM   652  O O     . SER B 2 75  ? 8.047   12.361  -2.927  1.00 6.26  ? 75  SER E O     1 
ATOM   653  C CB    . SER B 2 75  ? 5.018   11.210  -2.885  1.00 2.01  ? 75  SER E CB    1 
ATOM   654  O OG    . SER B 2 75  ? 5.543   10.697  -1.658  1.00 2.02  ? 75  SER E OG    1 
ATOM   655  N N     . TYR B 2 76  ? 6.767   13.794  -4.093  1.00 2.00  ? 76  TYR E N     1 
ATOM   656  C CA    . TYR B 2 76  ? 7.537   14.953  -3.649  1.00 5.00  ? 76  TYR E CA    1 
ATOM   657  C C     . TYR B 2 76  ? 7.239   15.267  -2.175  1.00 3.94  ? 76  TYR E C     1 
ATOM   658  O O     . TYR B 2 76  ? 8.149   15.617  -1.418  1.00 5.15  ? 76  TYR E O     1 
ATOM   659  C CB    . TYR B 2 76  ? 7.199   16.161  -4.522  1.00 2.00  ? 76  TYR E CB    1 
ATOM   660  C CG    . TYR B 2 76  ? 7.676   16.056  -5.984  1.00 4.65  ? 76  TYR E CG    1 
ATOM   661  C CD1   . TYR B 2 76  ? 8.790   15.320  -6.358  1.00 5.25  ? 76  TYR E CD1   1 
ATOM   662  C CD2   . TYR B 2 76  ? 7.021   16.779  -6.968  1.00 2.88  ? 76  TYR E CD2   1 
ATOM   663  C CE1   . TYR B 2 76  ? 9.236   15.319  -7.670  1.00 6.80  ? 76  TYR E CE1   1 
ATOM   664  C CE2   . TYR B 2 76  ? 7.458   16.792  -8.278  1.00 2.01  ? 76  TYR E CE2   1 
ATOM   665  C CZ    . TYR B 2 76  ? 8.569   16.063  -8.628  1.00 9.02  ? 76  TYR E CZ    1 
ATOM   666  O OH    . TYR B 2 76  ? 9.026   16.065  -9.941  1.00 11.20 ? 76  TYR E OH    1 
ATOM   667  N N     . SER B 2 77  ? 6.016   15.009  -1.708  1.00 2.57  ? 77  SER E N     1 
ATOM   668  C CA    . SER B 2 77  ? 5.599   15.300  -0.347  1.00 4.36  ? 77  SER E CA    1 
ATOM   669  C C     . SER B 2 77  ? 5.598   14.060  0.546   1.00 7.41  ? 77  SER E C     1 
ATOM   670  O O     . SER B 2 77  ? 5.991   12.996  0.045   1.00 12.63 ? 77  SER E O     1 
ATOM   671  C CB    . SER B 2 77  ? 4.231   15.882  -0.425  1.00 3.47  ? 77  SER E CB    1 
ATOM   672  O OG    . SER B 2 77  ? 3.432   14.911  -1.069  1.00 8.93  ? 77  SER E OG    1 
ATOM   673  N N     . THR B 2 78  ? 5.219   14.102  1.840   1.00 4.92  ? 78  THR E N     1 
ATOM   674  C CA    . THR B 2 78  ? 5.166   12.905  2.654   1.00 4.48  ? 78  THR E CA    1 
ATOM   675  C C     . THR B 2 78  ? 3.712   12.506  2.746   1.00 4.66  ? 78  THR E C     1 
ATOM   676  O O     . THR B 2 78  ? 2.850   13.378  2.730   1.00 6.91  ? 78  THR E O     1 
ATOM   677  C CB    . THR B 2 78  ? 5.734   13.112  4.081   1.00 4.51  ? 78  THR E CB    1 
ATOM   678  O OG1   . THR B 2 78  ? 5.260   14.305  4.686   1.00 5.02  ? 78  THR E OG1   1 
ATOM   679  C CG2   . THR B 2 78  ? 7.229   13.184  3.984   1.00 2.00  ? 78  THR E CG2   1 
ATOM   680  N N     . MET B 2 79  ? 3.357   11.231  2.788   1.00 4.85  ? 79  MET E N     1 
ATOM   681  C CA    . MET B 2 79  ? 1.956   10.835  2.820   1.00 6.83  ? 79  MET E CA    1 
ATOM   682  C C     . MET B 2 79  ? 1.702   9.920   4.004   1.00 7.88  ? 79  MET E C     1 
ATOM   683  O O     . MET B 2 79  ? 2.587   9.186   4.470   1.00 13.48 ? 79  MET E O     1 
ATOM   684  C CB    . MET B 2 79  ? 1.586   10.107  1.540   1.00 4.22  ? 79  MET E CB    1 
ATOM   685  C CG    . MET B 2 79  ? 1.829   10.928  0.280   1.00 4.66  ? 79  MET E CG    1 
ATOM   686  S SD    . MET B 2 79  ? 1.243   10.125  -1.233  1.00 2.00  ? 79  MET E SD    1 
ATOM   687  C CE    . MET B 2 79  ? 0.717   11.683  -1.877  1.00 5.99  ? 79  MET E CE    1 
ATOM   688  N N     . SER B 2 80  ? 0.496   10.009  4.520   1.00 5.42  ? 80  SER E N     1 
ATOM   689  C CA    . SER B 2 80  ? 0.022   9.172   5.604   1.00 3.91  ? 80  SER E CA    1 
ATOM   690  C C     . SER B 2 80  ? -0.090  7.776   5.038   1.00 2.00  ? 80  SER E C     1 
ATOM   691  O O     . SER B 2 80  ? -0.747  7.576   4.013   1.00 2.00  ? 80  SER E O     1 
ATOM   692  C CB    . SER B 2 80  ? -1.346  9.679   6.050   1.00 2.00  ? 80  SER E CB    1 
ATOM   693  O OG    . SER B 2 80  ? -2.004  8.743   6.895   1.00 4.38  ? 80  SER E OG    1 
ATOM   694  N N     . ILE B 2 81  ? 0.491   6.814   5.729   1.00 2.40  ? 81  ILE E N     1 
ATOM   695  C CA    . ILE B 2 81  ? 0.535   5.431   5.346   1.00 2.30  ? 81  ILE E CA    1 
ATOM   696  C C     . ILE B 2 81  ? 0.500   4.527   6.582   1.00 5.53  ? 81  ILE E C     1 
ATOM   697  O O     . ILE B 2 81  ? 1.108   4.852   7.604   1.00 6.34  ? 81  ILE E O     1 
ATOM   698  C CB    . ILE B 2 81  ? 1.826   5.135   4.543   1.00 2.00  ? 81  ILE E CB    1 
ATOM   699  C CG1   . ILE B 2 81  ? 3.060   5.720   5.190   1.00 2.00  ? 81  ILE E CG1   1 
ATOM   700  C CG2   . ILE B 2 81  ? 1.658   5.707   3.168   1.00 2.96  ? 81  ILE E CG2   1 
ATOM   701  C CD1   . ILE B 2 81  ? 4.159   4.677   5.411   1.00 2.00  ? 81  ILE E CD1   1 
ATOM   702  N N     . THR B 2 82  ? -0.202  3.388   6.584   1.00 9.79  ? 82  THR E N     1 
ATOM   703  C CA    . THR B 2 82  ? -0.120  2.429   7.682   1.00 7.31  ? 82  THR E CA    1 
ATOM   704  C C     . THR B 2 82  ? 0.551   1.202   7.126   1.00 6.48  ? 82  THR E C     1 
ATOM   705  O O     . THR B 2 82  ? 0.009   0.574   6.199   1.00 7.72  ? 82  THR E O     1 
ATOM   706  C CB    . THR B 2 82  ? -1.458  1.942   8.191   1.00 3.61  ? 82  THR E CB    1 
ATOM   707  O OG1   . THR B 2 82  ? -2.333  3.032   8.357   1.00 3.97  ? 82  THR E OG1   1 
ATOM   708  C CG2   . THR B 2 82  ? -1.281  1.269   9.513   1.00 3.36  ? 82  THR E CG2   1 
ATOM   709  N N     . ASP B 2 83  ? 1.763   0.926   7.605   1.00 8.32  ? 83  ASP E N     1 
ATOM   710  C CA    . ASP B 2 83  ? 2.458   -0.305  7.260   1.00 8.90  ? 83  ASP E CA    1 
ATOM   711  C C     . ASP B 2 83  ? 1.828   -1.401  8.123   1.00 11.03 ? 83  ASP E C     1 
ATOM   712  O O     . ASP B 2 83  ? 1.520   -1.136  9.296   1.00 8.09  ? 83  ASP E O     1 
ATOM   713  C CB    . ASP B 2 83  ? 3.931   -0.219  7.617   1.00 12.61 ? 83  ASP E CB    1 
ATOM   714  C CG    . ASP B 2 83  ? 4.888   0.383   6.597   1.00 17.25 ? 83  ASP E CG    1 
ATOM   715  O OD1   . ASP B 2 83  ? 4.640   0.255   5.402   1.00 21.31 ? 83  ASP E OD1   1 
ATOM   716  O OD2   . ASP B 2 83  ? 5.922   0.945   6.968   1.00 20.90 ? 83  ASP E OD2   1 
ATOM   717  N N     . CYS B 2 84  ? 1.671   -2.618  7.607   1.00 9.93  ? 84  CYS E N     1 
ATOM   718  C CA    . CYS B 2 84  ? 1.142   -3.756  8.351   1.00 9.94  ? 84  CYS E CA    1 
ATOM   719  C C     . CYS B 2 84  ? 2.063   -4.950  8.163   1.00 12.74 ? 84  CYS E C     1 
ATOM   720  O O     . CYS B 2 84  ? 2.272   -5.330  7.005   1.00 14.08 ? 84  CYS E O     1 
ATOM   721  C CB    . CYS B 2 84  ? -0.201  -4.224  7.844   1.00 8.57  ? 84  CYS E CB    1 
ATOM   722  S SG    . CYS B 2 84  ? -1.545  -3.041  7.823   1.00 7.43  ? 84  CYS E SG    1 
ATOM   723  N N     . ARG B 2 85  ? 2.631   -5.562  9.201   1.00 14.02 ? 85  ARG E N     1 
ATOM   724  C CA    . ARG B 2 85  ? 3.484   -6.732  9.010   1.00 16.53 ? 85  ARG E CA    1 
ATOM   725  C C     . ARG B 2 85  ? 3.007   -7.922  9.845   1.00 13.48 ? 85  ARG E C     1 
ATOM   726  O O     . ARG B 2 85  ? 2.516   -7.678  10.950  1.00 11.91 ? 85  ARG E O     1 
ATOM   727  C CB    . ARG B 2 85  ? 4.947   -6.423  9.376   1.00 19.18 ? 85  ARG E CB    1 
ATOM   728  C CG    . ARG B 2 85  ? 5.236   -5.377  10.447  1.00 24.14 ? 85  ARG E CG    1 
ATOM   729  C CD    . ARG B 2 85  ? 5.719   -4.135  9.688   1.00 28.26 ? 85  ARG E CD    1 
ATOM   730  N NE    . ARG B 2 85  ? 7.089   -4.248  9.227   1.00 31.18 ? 85  ARG E NE    1 
ATOM   731  C CZ    . ARG B 2 85  ? 7.584   -3.628  8.142   1.00 32.20 ? 85  ARG E CZ    1 
ATOM   732  N NH1   . ARG B 2 85  ? 6.838   -2.839  7.353   1.00 31.63 ? 85  ARG E NH1   1 
ATOM   733  N NH2   . ARG B 2 85  ? 8.893   -3.770  7.890   1.00 31.10 ? 85  ARG E NH2   1 
ATOM   734  N N     . GLU B 2 86  ? 3.031   -9.187  9.416   1.00 8.36  ? 86  GLU E N     1 
ATOM   735  C CA    . GLU B 2 86  ? 2.544   -10.229 10.301  1.00 8.45  ? 86  GLU E CA    1 
ATOM   736  C C     . GLU B 2 86  ? 3.634   -10.589 11.288  1.00 5.20  ? 86  GLU E C     1 
ATOM   737  O O     . GLU B 2 86  ? 4.826   -10.638 10.959  1.00 7.34  ? 86  GLU E O     1 
ATOM   738  C CB    . GLU B 2 86  ? 2.113   -11.501 9.557   1.00 6.69  ? 86  GLU E CB    1 
ATOM   739  C CG    . GLU B 2 86  ? 3.189   -12.411 9.073   1.00 8.40  ? 86  GLU E CG    1 
ATOM   740  C CD    . GLU B 2 86  ? 2.691   -13.583 8.242   1.00 10.52 ? 86  GLU E CD    1 
ATOM   741  O OE1   . GLU B 2 86  ? 1.729   -14.260 8.644   1.00 10.59 ? 86  GLU E OE1   1 
ATOM   742  O OE2   . GLU B 2 86  ? 3.318   -13.819 7.200   1.00 9.86  ? 86  GLU E OE2   1 
ATOM   743  N N     . THR B 2 87  ? 3.143   -10.804 12.486  1.00 2.01  ? 87  THR E N     1 
ATOM   744  C CA    . THR B 2 87  ? 3.940   -11.118 13.635  1.00 2.00  ? 87  THR E CA    1 
ATOM   745  C C     . THR B 2 87  ? 4.384   -12.551 13.628  1.00 2.00  ? 87  THR E C     1 
ATOM   746  O O     . THR B 2 87  ? 3.837   -13.410 12.931  1.00 2.01  ? 87  THR E O     1 
ATOM   747  C CB    . THR B 2 87  ? 3.096   -10.832 14.802  1.00 2.01  ? 87  THR E CB    1 
ATOM   748  O OG1   . THR B 2 87  ? 1.893   -11.586 14.582  1.00 2.62  ? 87  THR E OG1   1 
ATOM   749  C CG2   . THR B 2 87  ? 2.828   -9.318  14.953  1.00 2.61  ? 87  THR E CG2   1 
ATOM   750  N N     . GLY B 2 88  ? 5.308   -12.785 14.559  1.00 3.37  ? 88  GLY E N     1 
ATOM   751  C CA    . GLY B 2 88  ? 5.867   -14.103 14.790  1.00 2.00  ? 88  GLY E CA    1 
ATOM   752  C C     . GLY B 2 88  ? 4.798   -15.083 15.202  1.00 2.34  ? 88  GLY E C     1 
ATOM   753  O O     . GLY B 2 88  ? 4.927   -16.249 14.866  1.00 4.93  ? 88  GLY E O     1 
ATOM   754  N N     . SER B 2 89  ? 3.774   -14.629 15.931  1.00 2.59  ? 89  SER E N     1 
ATOM   755  C CA    . SER B 2 89  ? 2.681   -15.474 16.350  1.00 6.09  ? 89  SER E CA    1 
ATOM   756  C C     . SER B 2 89  ? 1.500   -15.691 15.405  1.00 8.72  ? 89  SER E C     1 
ATOM   757  O O     . SER B 2 89  ? 0.473   -16.262 15.816  1.00 7.12  ? 89  SER E O     1 
ATOM   758  C CB    . SER B 2 89  ? 2.197   -14.909 17.674  1.00 5.97  ? 89  SER E CB    1 
ATOM   759  O OG    . SER B 2 89  ? 1.930   -13.509 17.712  1.00 10.91 ? 89  SER E OG    1 
ATOM   760  N N     . SER B 2 90  ? 1.604   -15.160 14.172  1.00 13.82 ? 90  SER E N     1 
ATOM   761  C CA    . SER B 2 90  ? 0.555   -15.219 13.160  1.00 15.38 ? 90  SER E CA    1 
ATOM   762  C C     . SER B 2 90  ? 0.546   -16.644 12.622  1.00 17.21 ? 90  SER E C     1 
ATOM   763  O O     . SER B 2 90  ? 1.599   -17.278 12.474  1.00 19.26 ? 90  SER E O     1 
ATOM   764  C CB    . SER B 2 90  ? 0.874   -14.214 12.048  1.00 18.26 ? 90  SER E CB    1 
ATOM   765  O OG    . SER B 2 90  ? -0.115  -14.084 11.025  1.00 18.00 ? 90  SER E OG    1 
ATOM   766  N N     . LYS B 2 91  ? -0.630  -17.213 12.361  1.00 17.26 ? 91  LYS E N     1 
ATOM   767  C CA    . LYS B 2 91  ? -0.724  -18.555 11.821  1.00 14.13 ? 91  LYS E CA    1 
ATOM   768  C C     . LYS B 2 91  ? -2.052  -18.541 11.083  1.00 14.62 ? 91  LYS E C     1 
ATOM   769  O O     . LYS B 2 91  ? -3.141  -18.362 11.667  1.00 11.28 ? 91  LYS E O     1 
ATOM   770  C CB    . LYS B 2 91  ? -0.753  -19.607 12.950  1.00 14.68 ? 91  LYS E CB    1 
ATOM   771  C CG    . LYS B 2 91  ? -0.839  -21.076 12.498  1.00 12.61 ? 91  LYS E CG    1 
ATOM   772  C CD    . LYS B 2 91  ? 0.539   -21.587 12.106  1.00 14.32 ? 91  LYS E CD    1 
ATOM   773  C CE    . LYS B 2 91  ? 0.501   -23.044 11.648  1.00 14.04 ? 91  LYS E CE    1 
ATOM   774  N NZ    . LYS B 2 91  ? -0.117  -23.938 12.611  1.00 18.38 ? 91  LYS E NZ    1 
ATOM   775  N N     . TYR B 2 92  ? -1.923  -18.641 9.763   1.00 14.42 ? 92  TYR E N     1 
ATOM   776  C CA    . TYR B 2 92  ? -3.063  -18.732 8.877   1.00 15.70 ? 92  TYR E CA    1 
ATOM   777  C C     . TYR B 2 92  ? -3.942  -19.862 9.375   1.00 15.15 ? 92  TYR E C     1 
ATOM   778  O O     . TYR B 2 92  ? -3.400  -20.930 9.644   1.00 17.41 ? 92  TYR E O     1 
ATOM   779  C CB    . TYR B 2 92  ? -2.585  -19.020 7.459   1.00 19.78 ? 92  TYR E CB    1 
ATOM   780  C CG    . TYR B 2 92  ? -3.720  -19.092 6.442   1.00 23.57 ? 92  TYR E CG    1 
ATOM   781  C CD1   . TYR B 2 92  ? -4.257  -17.938 5.889   1.00 22.27 ? 92  TYR E CD1   1 
ATOM   782  C CD2   . TYR B 2 92  ? -4.226  -20.335 6.110   1.00 25.74 ? 92  TYR E CD2   1 
ATOM   783  C CE1   . TYR B 2 92  ? -5.298  -18.028 4.997   1.00 24.46 ? 92  TYR E CE1   1 
ATOM   784  C CE2   . TYR B 2 92  ? -5.267  -20.419 5.224   1.00 27.44 ? 92  TYR E CE2   1 
ATOM   785  C CZ    . TYR B 2 92  ? -5.786  -19.273 4.671   1.00 27.26 ? 92  TYR E CZ    1 
ATOM   786  O OH    . TYR B 2 92  ? -6.809  -19.443 3.770   1.00 30.30 ? 92  TYR E OH    1 
ATOM   787  N N     . PRO B 2 93  ? -5.262  -19.734 9.510   1.00 13.69 ? 93  PRO E N     1 
ATOM   788  C CA    . PRO B 2 93  ? -6.049  -18.653 8.982   1.00 12.33 ? 93  PRO E CA    1 
ATOM   789  C C     . PRO B 2 93  ? -6.111  -17.426 9.851   1.00 12.22 ? 93  PRO E C     1 
ATOM   790  O O     . PRO B 2 93  ? -6.659  -16.430 9.409   1.00 12.98 ? 93  PRO E O     1 
ATOM   791  C CB    . PRO B 2 93  ? -7.404  -19.288 8.754   1.00 14.36 ? 93  PRO E CB    1 
ATOM   792  C CG    . PRO B 2 93  ? -7.218  -20.773 8.970   1.00 11.40 ? 93  PRO E CG    1 
ATOM   793  C CD    . PRO B 2 93  ? -6.148  -20.766 10.039  1.00 13.76 ? 93  PRO E CD    1 
ATOM   794  N N     . ASN B 2 94  ? -5.597  -17.382 11.072  1.00 12.52 ? 94  ASN E N     1 
ATOM   795  C CA    . ASN B 2 94  ? -5.833  -16.201 11.896  1.00 13.86 ? 94  ASN E CA    1 
ATOM   796  C C     . ASN B 2 94  ? -4.615  -15.321 11.934  1.00 9.59  ? 94  ASN E C     1 
ATOM   797  O O     . ASN B 2 94  ? -3.860  -15.220 12.888  1.00 8.98  ? 94  ASN E O     1 
ATOM   798  C CB    . ASN B 2 94  ? -6.244  -16.616 13.328  1.00 19.20 ? 94  ASN E CB    1 
ATOM   799  C CG    . ASN B 2 94  ? -7.234  -17.790 13.338  1.00 24.36 ? 94  ASN E CG    1 
ATOM   800  O OD1   . ASN B 2 94  ? -8.379  -17.772 12.859  1.00 25.98 ? 94  ASN E OD1   1 
ATOM   801  N ND2   . ASN B 2 94  ? -6.778  -18.914 13.868  1.00 24.70 ? 94  ASN E ND2   1 
ATOM   802  N N     . CYS B 2 95  ? -4.409  -14.720 10.792  1.00 7.81  ? 95  CYS E N     1 
ATOM   803  C CA    . CYS B 2 95  ? -3.291  -13.852 10.535  1.00 6.66  ? 95  CYS E CA    1 
ATOM   804  C C     . CYS B 2 95  ? -3.230  -12.669 11.476  1.00 5.39  ? 95  CYS E C     1 
ATOM   805  O O     . CYS B 2 95  ? -4.236  -11.989 11.636  1.00 8.19  ? 95  CYS E O     1 
ATOM   806  C CB    . CYS B 2 95  ? -3.415  -13.369 9.146   1.00 6.01  ? 95  CYS E CB    1 
ATOM   807  S SG    . CYS B 2 95  ? -3.575  -14.754 7.997   1.00 6.34  ? 95  CYS E SG    1 
ATOM   808  N N     . ALA B 2 96  ? -2.092  -12.457 12.148  1.00 6.76  ? 96  ALA E N     1 
ATOM   809  C CA    . ALA B 2 96  ? -1.909  -11.339 13.066  1.00 4.26  ? 96  ALA E CA    1 
ATOM   810  C C     . ALA B 2 96  ? -0.874  -10.409 12.473  1.00 4.25  ? 96  ALA E C     1 
ATOM   811  O O     . ALA B 2 96  ? 0.161   -10.857 11.987  1.00 3.39  ? 96  ALA E O     1 
ATOM   812  C CB    . ALA B 2 96  ? -1.361  -11.746 14.419  1.00 2.00  ? 96  ALA E CB    1 
ATOM   813  N N     . TYR B 2 97  ? -1.169  -9.126  12.516  1.00 3.87  ? 97  TYR E N     1 
ATOM   814  C CA    . TYR B 2 97  ? -0.336  -8.115  11.945  1.00 3.16  ? 97  TYR E CA    1 
ATOM   815  C C     . TYR B 2 97  ? -0.028  -7.059  12.976  1.00 3.21  ? 97  TYR E C     1 
ATOM   816  O O     . TYR B 2 97  ? -0.830  -6.887  13.887  1.00 2.00  ? 97  TYR E O     1 
ATOM   817  C CB    . TYR B 2 97  ? -1.077  -7.514  10.741  1.00 2.00  ? 97  TYR E CB    1 
ATOM   818  C CG    . TYR B 2 97  ? -1.115  -8.428  9.520   1.00 2.06  ? 97  TYR E CG    1 
ATOM   819  C CD1   . TYR B 2 97  ? -2.147  -9.347  9.393   1.00 4.70  ? 97  TYR E CD1   1 
ATOM   820  C CD2   . TYR B 2 97  ? -0.105  -8.380  8.571   1.00 2.00  ? 97  TYR E CD2   1 
ATOM   821  C CE1   . TYR B 2 97  ? -2.173  -10.229 8.338   1.00 2.01  ? 97  TYR E CE1   1 
ATOM   822  C CE2   . TYR B 2 97  ? -0.121  -9.260  7.519   1.00 2.00  ? 97  TYR E CE2   1 
ATOM   823  C CZ    . TYR B 2 97  ? -1.155  -10.167 7.419   1.00 2.00  ? 97  TYR E CZ    1 
ATOM   824  O OH    . TYR B 2 97  ? -1.166  -11.050 6.360   1.00 2.00  ? 97  TYR E OH    1 
ATOM   825  N N     . LYS B 2 98  ? 1.128   -6.370  12.845  1.00 8.02  ? 98  LYS E N     1 
ATOM   826  C CA    . LYS B 2 98  ? 1.576   -5.220  13.652  1.00 8.23  ? 98  LYS E CA    1 
ATOM   827  C C     . LYS B 2 98  ? 1.333   -3.963  12.814  1.00 4.03  ? 98  LYS E C     1 
ATOM   828  O O     . LYS B 2 98  ? 1.848   -3.935  11.693  1.00 2.03  ? 98  LYS E O     1 
ATOM   829  C CB    . LYS B 2 98  ? 3.075   -5.200  13.953  1.00 12.08 ? 98  LYS E CB    1 
ATOM   830  C CG    . LYS B 2 98  ? 3.319   -4.076  14.984  1.00 15.78 ? 98  LYS E CG    1 
ATOM   831  C CD    . LYS B 2 98  ? 4.669   -3.384  14.795  1.00 17.14 ? 98  LYS E CD    1 
ATOM   832  C CE    . LYS B 2 98  ? 4.735   -2.239  15.792  1.00 19.91 ? 98  LYS E CE    1 
ATOM   833  N NZ    . LYS B 2 98  ? 3.699   -1.213  15.590  1.00 19.08 ? 98  LYS E NZ    1 
ATOM   834  N N     . THR B 2 99  ? 0.627   -2.982  13.379  1.00 2.00  ? 99  THR E N     1 
ATOM   835  C CA    . THR B 2 99  ? 0.232   -1.746  12.748  1.00 2.97  ? 99  THR E CA    1 
ATOM   836  C C     . THR B 2 99  ? 1.160   -0.593  13.109  1.00 4.69  ? 99  THR E C     1 
ATOM   837  O O     . THR B 2 99  ? 1.338   -0.266  14.292  1.00 4.41  ? 99  THR E O     1 
ATOM   838  C CB    . THR B 2 99  ? -1.211  -1.430  13.181  1.00 5.67  ? 99  THR E CB    1 
ATOM   839  O OG1   . THR B 2 99  ? -1.998  -2.602  12.873  1.00 8.11  ? 99  THR E OG1   1 
ATOM   840  C CG2   . THR B 2 99  ? -1.755  -0.178  12.538  1.00 2.01  ? 99  THR E CG2   1 
ATOM   841  N N     . THR B 2 100 ? 1.745   0.054   12.094  1.00 3.46  ? 100 THR E N     1 
ATOM   842  C CA    . THR B 2 100 ? 2.613   1.197   12.266  1.00 3.48  ? 100 THR E CA    1 
ATOM   843  C C     . THR B 2 100 ? 2.018   2.354   11.428  1.00 4.93  ? 100 THR E C     1 
ATOM   844  O O     . THR B 2 100 ? 1.705   2.166   10.236  1.00 2.91  ? 100 THR E O     1 
ATOM   845  C CB    . THR B 2 100 ? 4.020   0.688   11.822  1.00 3.53  ? 100 THR E CB    1 
ATOM   846  O OG1   . THR B 2 100 ? 4.360   -0.338  12.755  1.00 2.02  ? 100 THR E OG1   1 
ATOM   847  C CG2   . THR B 2 100 ? 5.076   1.788   11.718  1.00 2.00  ? 100 THR E CG2   1 
ATOM   848  N N     . GLN B 2 101 ? 1.798   3.567   11.978  1.00 4.70  ? 101 GLN E N     1 
ATOM   849  C CA    . GLN B 2 101 ? 1.218   4.680   11.214  1.00 4.04  ? 101 GLN E CA    1 
ATOM   850  C C     . GLN B 2 101 ? 2.359   5.618   10.978  1.00 6.18  ? 101 GLN E C     1 
ATOM   851  O O     . GLN B 2 101 ? 3.059   5.956   11.931  1.00 7.86  ? 101 GLN E O     1 
ATOM   852  C CB    . GLN B 2 101 ? 0.156   5.402   12.034  1.00 5.23  ? 101 GLN E CB    1 
ATOM   853  C CG    . GLN B 2 101 ? -0.357  6.749   11.537  1.00 2.01  ? 101 GLN E CG    1 
ATOM   854  C CD    . GLN B 2 101 ? -0.920  6.615   10.158  1.00 2.00  ? 101 GLN E CD    1 
ATOM   855  O OE1   . GLN B 2 101 ? -1.817  5.829   9.878   1.00 3.77  ? 101 GLN E OE1   1 
ATOM   856  N NE2   . GLN B 2 101 ? -0.370  7.344   9.229   1.00 3.91  ? 101 GLN E NE2   1 
ATOM   857  N N     . ALA B 2 102 ? 2.589   6.070   9.770   1.00 5.28  ? 102 ALA E N     1 
ATOM   858  C CA    . ALA B 2 102 ? 3.703   6.964   9.564   1.00 3.92  ? 102 ALA E CA    1 
ATOM   859  C C     . ALA B 2 102 ? 3.339   7.869   8.406   1.00 5.50  ? 102 ALA E C     1 
ATOM   860  O O     . ALA B 2 102 ? 2.433   7.615   7.588   1.00 2.01  ? 102 ALA E O     1 
ATOM   861  C CB    . ALA B 2 102 ? 4.946   6.198   9.203   1.00 2.00  ? 102 ALA E CB    1 
ATOM   862  N N     . ASN B 2 103 ? 4.031   9.004   8.475   1.00 6.77  ? 103 ASN E N     1 
ATOM   863  C CA    . ASN B 2 103 ? 3.932   10.010  7.456   1.00 5.67  ? 103 ASN E CA    1 
ATOM   864  C C     . ASN B 2 103 ? 5.235   10.029  6.652   1.00 6.09  ? 103 ASN E C     1 
ATOM   865  O O     . ASN B 2 103 ? 6.208   10.616  7.133   1.00 5.81  ? 103 ASN E O     1 
ATOM   866  C CB    . ASN B 2 103 ? 3.676   11.307  8.158   1.00 7.86  ? 103 ASN E CB    1 
ATOM   867  C CG    . ASN B 2 103 ? 3.257   12.398  7.192   1.00 9.52  ? 103 ASN E CG    1 
ATOM   868  O OD1   . ASN B 2 103 ? 2.590   12.145  6.199   1.00 9.64  ? 103 ASN E OD1   1 
ATOM   869  N ND2   . ASN B 2 103 ? 3.584   13.660  7.420   1.00 12.31 ? 103 ASN E ND2   1 
ATOM   870  N N     . LYS B 2 104 ? 5.391   9.364   5.486   1.00 5.52  ? 104 LYS E N     1 
ATOM   871  C CA    . LYS B 2 104 ? 6.622   9.498   4.700   1.00 6.02  ? 104 LYS E CA    1 
ATOM   872  C C     . LYS B 2 104 ? 6.450   9.380   3.175   1.00 4.91  ? 104 LYS E C     1 
ATOM   873  O O     . LYS B 2 104 ? 5.345   9.325   2.622   1.00 2.01  ? 104 LYS E O     1 
ATOM   874  C CB    . LYS B 2 104 ? 7.667   8.485   5.218   1.00 5.27  ? 104 LYS E CB    1 
ATOM   875  C CG    . LYS B 2 104 ? 7.297   7.047   5.118   1.00 6.69  ? 104 LYS E CG    1 
ATOM   876  C CD    . LYS B 2 104 ? 7.528   6.397   6.448   1.00 7.65  ? 104 LYS E CD    1 
ATOM   877  C CE    . LYS B 2 104 ? 8.848   5.644   6.685   1.00 9.46  ? 104 LYS E CE    1 
ATOM   878  N NZ    . LYS B 2 104 ? 8.831   5.088   8.034   1.00 5.53  ? 104 LYS E NZ    1 
ATOM   879  N N     . HIS B 2 105 ? 7.505   9.442   2.371   1.00 6.82  ? 105 HIS E N     1 
ATOM   880  C CA    . HIS B 2 105 ? 7.318   9.459   0.920   1.00 6.38  ? 105 HIS E CA    1 
ATOM   881  C C     . HIS B 2 105 ? 6.935   8.066   0.528   1.00 3.15  ? 105 HIS E C     1 
ATOM   882  O O     . HIS B 2 105 ? 7.554   7.151   1.061   1.00 2.49  ? 105 HIS E O     1 
ATOM   883  C CB    . HIS B 2 105 ? 8.601   9.806   0.175   1.00 3.97  ? 105 HIS E CB    1 
ATOM   884  C CG    . HIS B 2 105 ? 9.061   11.190  0.552   1.00 2.00  ? 105 HIS E CG    1 
ATOM   885  N ND1   . HIS B 2 105 ? 8.771   12.305  -0.092  1.00 5.36  ? 105 HIS E ND1   1 
ATOM   886  C CD2   . HIS B 2 105 ? 9.776   11.516  1.671   1.00 2.00  ? 105 HIS E CD2   1 
ATOM   887  C CE1   . HIS B 2 105 ? 9.262   13.300  0.601   1.00 5.49  ? 105 HIS E CE1   1 
ATOM   888  N NE2   . HIS B 2 105 ? 9.866   12.814  1.660   1.00 2.00  ? 105 HIS E NE2   1 
ATOM   889  N N     . ILE B 2 106 ? 5.944   7.850   -0.323  1.00 3.86  ? 106 ILE E N     1 
ATOM   890  C CA    . ILE B 2 106 ? 5.709   6.509   -0.846  1.00 3.52  ? 106 ILE E CA    1 
ATOM   891  C C     . ILE B 2 106 ? 6.399   6.337   -2.219  1.00 4.99  ? 106 ILE E C     1 
ATOM   892  O O     . ILE B 2 106 ? 6.568   7.323   -2.964  1.00 4.10  ? 106 ILE E O     1 
ATOM   893  C CB    . ILE B 2 106 ? 4.196   6.254   -0.979  1.00 2.58  ? 106 ILE E CB    1 
ATOM   894  C CG1   . ILE B 2 106 ? 3.525   7.224   -1.917  1.00 5.77  ? 106 ILE E CG1   1 
ATOM   895  C CG2   . ILE B 2 106 ? 3.581   6.368   0.399   1.00 4.85  ? 106 ILE E CG2   1 
ATOM   896  C CD1   . ILE B 2 106 ? 2.114   6.697   -2.307  1.00 4.74  ? 106 ILE E CD1   1 
ATOM   897  N N     . ILE B 2 107 ? 6.859   5.131   -2.574  1.00 3.22  ? 107 ILE E N     1 
ATOM   898  C CA    . ILE B 2 107 ? 7.384   4.859   -3.908  1.00 3.98  ? 107 ILE E CA    1 
ATOM   899  C C     . ILE B 2 107 ? 6.437   3.786   -4.505  1.00 6.95  ? 107 ILE E C     1 
ATOM   900  O O     . ILE B 2 107 ? 6.271   2.664   -4.000  1.00 4.41  ? 107 ILE E O     1 
ATOM   901  C CB    . ILE B 2 107 ? 8.855   4.330   -3.871  1.00 2.01  ? 107 ILE E CB    1 
ATOM   902  C CG1   . ILE B 2 107 ? 9.785   5.400   -3.371  1.00 3.18  ? 107 ILE E CG1   1 
ATOM   903  C CG2   . ILE B 2 107 ? 9.392   4.038   -5.248  1.00 2.00  ? 107 ILE E CG2   1 
ATOM   904  C CD1   . ILE B 2 107 ? 10.351  5.027   -2.006  1.00 2.88  ? 107 ILE E CD1   1 
ATOM   905  N N     . VAL B 2 108 ? 5.744   4.147   -5.583  1.00 7.57  ? 108 VAL E N     1 
ATOM   906  C CA    . VAL B 2 108 ? 4.830   3.271   -6.311  1.00 6.43  ? 108 VAL E CA    1 
ATOM   907  C C     . VAL B 2 108 ? 5.364   2.989   -7.726  1.00 7.04  ? 108 VAL E C     1 
ATOM   908  O O     . VAL B 2 108 ? 6.159   3.786   -8.228  1.00 9.29  ? 108 VAL E O     1 
ATOM   909  C CB    . VAL B 2 108 ? 3.449   3.906   -6.446  1.00 3.53  ? 108 VAL E CB    1 
ATOM   910  C CG1   . VAL B 2 108 ? 2.839   4.160   -5.090  1.00 2.01  ? 108 VAL E CG1   1 
ATOM   911  C CG2   . VAL B 2 108 ? 3.570   5.210   -7.183  1.00 2.00  ? 108 VAL E CG2   1 
ATOM   912  N N     . ALA B 2 109 ? 5.005   1.869   -8.372  1.00 5.21  ? 109 ALA E N     1 
ATOM   913  C CA    . ALA B 2 109 ? 5.350   1.586   -9.773  1.00 2.01  ? 109 ALA E CA    1 
ATOM   914  C C     . ALA B 2 109 ? 4.077   1.853   -10.615 1.00 3.68  ? 109 ALA E C     1 
ATOM   915  O O     . ALA B 2 109 ? 2.956   1.551   -10.135 1.00 2.00  ? 109 ALA E O     1 
ATOM   916  C CB    . ALA B 2 109 ? 5.761   0.131   -9.918  1.00 2.01  ? 109 ALA E CB    1 
ATOM   917  N N     . CYS B 2 110 ? 4.177   2.388   -11.845 1.00 2.96  ? 110 CYS E N     1 
ATOM   918  C CA    . CYS B 2 110 ? 3.031   2.774   -12.632 1.00 2.01  ? 110 CYS E CA    1 
ATOM   919  C C     . CYS B 2 110 ? 2.973   2.139   -14.004 1.00 2.32  ? 110 CYS E C     1 
ATOM   920  O O     . CYS B 2 110 ? 4.007   1.964   -14.664 1.00 3.05  ? 110 CYS E O     1 
ATOM   921  C CB    . CYS B 2 110 ? 3.032   4.265   -12.831 1.00 2.87  ? 110 CYS E CB    1 
ATOM   922  S SG    . CYS B 2 110 ? 3.054   5.246   -11.327 1.00 2.02  ? 110 CYS E SG    1 
ATOM   923  N N     . GLU B 2 111 ? 1.748   1.889   -14.481 1.00 2.01  ? 111 GLU E N     1 
ATOM   924  C CA    . GLU B 2 111 ? 1.541   1.329   -15.806 1.00 3.30  ? 111 GLU E CA    1 
ATOM   925  C C     . GLU B 2 111 ? 0.259   1.767   -16.474 1.00 3.79  ? 111 GLU E C     1 
ATOM   926  O O     . GLU B 2 111 ? -0.762  2.028   -15.812 1.00 7.91  ? 111 GLU E O     1 
ATOM   927  C CB    . GLU B 2 111 ? 1.474   -0.188  -15.824 1.00 2.01  ? 111 GLU E CB    1 
ATOM   928  C CG    . GLU B 2 111 ? 2.755   -0.975  -15.600 1.00 2.56  ? 111 GLU E CG    1 
ATOM   929  C CD    . GLU B 2 111 ? 2.604   -2.483  -15.788 1.00 4.65  ? 111 GLU E CD    1 
ATOM   930  O OE1   . GLU B 2 111 ? 1.552   -2.979  -16.207 1.00 3.24  ? 111 GLU E OE1   1 
ATOM   931  O OE2   . GLU B 2 111 ? 3.576   -3.180  -15.535 1.00 3.86  ? 111 GLU E OE2   1 
ATOM   932  N N     . GLY B 2 112 ? 0.307   1.869   -17.786 1.00 2.00  ? 112 GLY E N     1 
ATOM   933  C CA    . GLY B 2 112 ? -0.914  2.034   -18.547 1.00 2.00  ? 112 GLY E CA    1 
ATOM   934  C C     . GLY B 2 112 ? -1.195  3.426   -19.014 1.00 2.01  ? 112 GLY E C     1 
ATOM   935  O O     . GLY B 2 112 ? -0.447  4.401   -18.866 1.00 3.19  ? 112 GLY E O     1 
ATOM   936  N N     . ASN B 2 113 ? -2.365  3.464   -19.616 1.00 3.05  ? 113 ASN E N     1 
ATOM   937  C CA    . ASN B 2 113 ? -2.897  4.708   -20.082 1.00 2.01  ? 113 ASN E CA    1 
ATOM   938  C C     . ASN B 2 113 ? -4.365  4.714   -19.653 1.00 4.04  ? 113 ASN E C     1 
ATOM   939  O O     . ASN B 2 113 ? -5.163  4.000   -20.254 1.00 7.60  ? 113 ASN E O     1 
ATOM   940  C CB    . ASN B 2 113 ? -2.786  4.794   -21.575 1.00 4.36  ? 113 ASN E CB    1 
ATOM   941  C CG    . ASN B 2 113 ? -3.422  6.097   -21.951 1.00 8.90  ? 113 ASN E CG    1 
ATOM   942  O OD1   . ASN B 2 113 ? -2.981  7.167   -21.542 1.00 13.78 ? 113 ASN E OD1   1 
ATOM   943  N ND2   . ASN B 2 113 ? -4.542  6.103   -22.637 1.00 14.19 ? 113 ASN E ND2   1 
ATOM   944  N N     . PRO B 2 114 ? -4.827  5.430   -18.633 1.00 4.53  ? 114 PRO E N     1 
ATOM   945  C CA    . PRO B 2 114 ? -4.003  6.313   -17.785 1.00 6.26  ? 114 PRO E CA    1 
ATOM   946  C C     . PRO B 2 114 ? -2.890  5.644   -16.935 1.00 7.07  ? 114 PRO E C     1 
ATOM   947  O O     . PRO B 2 114 ? -3.000  4.478   -16.513 1.00 6.68  ? 114 PRO E O     1 
ATOM   948  C CB    . PRO B 2 114 ? -5.067  7.039   -16.975 1.00 4.91  ? 114 PRO E CB    1 
ATOM   949  C CG    . PRO B 2 114 ? -6.129  5.980   -16.795 1.00 2.71  ? 114 PRO E CG    1 
ATOM   950  C CD    . PRO B 2 114 ? -6.206  5.321   -18.163 1.00 2.00  ? 114 PRO E CD    1 
ATOM   951  N N     . TYR B 2 115 ? -1.783  6.373   -16.690 1.00 6.73  ? 115 TYR E N     1 
ATOM   952  C CA    . TYR B 2 115 ? -0.590  5.852   -16.033 1.00 3.88  ? 115 TYR E CA    1 
ATOM   953  C C     . TYR B 2 115 ? -0.916  5.939   -14.563 1.00 6.40  ? 115 TYR E C     1 
ATOM   954  O O     . TYR B 2 115 ? -0.964  7.020   -13.970 1.00 2.00  ? 115 TYR E O     1 
ATOM   955  C CB    . TYR B 2 115 ? 0.588   6.731   -16.463 1.00 3.77  ? 115 TYR E CB    1 
ATOM   956  C CG    . TYR B 2 115 ? 1.966   6.115   -16.345 1.00 3.67  ? 115 TYR E CG    1 
ATOM   957  C CD1   . TYR B 2 115 ? 2.229   4.852   -16.840 1.00 6.31  ? 115 TYR E CD1   1 
ATOM   958  C CD2   . TYR B 2 115 ? 2.963   6.818   -15.721 1.00 4.25  ? 115 TYR E CD2   1 
ATOM   959  C CE1   . TYR B 2 115 ? 3.471   4.287   -16.700 1.00 4.51  ? 115 TYR E CE1   1 
ATOM   960  C CE2   . TYR B 2 115 ? 4.209   6.250   -15.584 1.00 5.45  ? 115 TYR E CE2   1 
ATOM   961  C CZ    . TYR B 2 115 ? 4.467   4.991   -16.074 1.00 4.39  ? 115 TYR E CZ    1 
ATOM   962  O OH    . TYR B 2 115 ? 5.728   4.447   -15.942 1.00 2.02  ? 115 TYR E OH    1 
ATOM   963  N N     . VAL B 2 116 ? -1.241  4.743   -14.073 1.00 8.63  ? 116 VAL E N     1 
ATOM   964  C CA    . VAL B 2 116 ? -1.768  4.560   -12.737 1.00 9.13  ? 116 VAL E CA    1 
ATOM   965  C C     . VAL B 2 116 ? -0.817  3.762   -11.843 1.00 6.70  ? 116 VAL E C     1 
ATOM   966  O O     . VAL B 2 116 ? -0.097  2.938   -12.427 1.00 9.37  ? 116 VAL E O     1 
ATOM   967  C CB    . VAL B 2 116 ? -3.167  3.889   -12.963 1.00 10.08 ? 116 VAL E CB    1 
ATOM   968  C CG1   . VAL B 2 116 ? -3.739  3.361   -11.669 1.00 14.31 ? 116 VAL E CG1   1 
ATOM   969  C CG2   . VAL B 2 116 ? -4.189  4.929   -13.397 1.00 8.33  ? 116 VAL E CG2   1 
ATOM   970  N N     . PRO B 2 117 ? -0.707  3.914   -10.503 1.00 5.37  ? 117 PRO E N     1 
ATOM   971  C CA    . PRO B 2 117 ? -0.031  2.969   -9.632  1.00 5.27  ? 117 PRO E CA    1 
ATOM   972  C C     . PRO B 2 117 ? -0.660  1.594   -9.699  1.00 3.70  ? 117 PRO E C     1 
ATOM   973  O O     . PRO B 2 117 ? -1.882  1.389   -9.722  1.00 2.01  ? 117 PRO E O     1 
ATOM   974  C CB    . PRO B 2 117 ? -0.069  3.587   -8.249  1.00 2.02  ? 117 PRO E CB    1 
ATOM   975  C CG    . PRO B 2 117 ? -1.131  4.633   -8.361  1.00 6.46  ? 117 PRO E CG    1 
ATOM   976  C CD    . PRO B 2 117 ? -0.949  5.141   -9.765  1.00 4.88  ? 117 PRO E CD    1 
ATOM   977  N N     . VAL B 2 118 ? 0.313   0.700   -9.810  1.00 2.75  ? 118 VAL E N     1 
ATOM   978  C CA    . VAL B 2 118 ? 0.062   -0.706  -10.062 1.00 3.28  ? 118 VAL E CA    1 
ATOM   979  C C     . VAL B 2 118 ? 0.679   -1.630  -9.006  1.00 2.00  ? 118 VAL E C     1 
ATOM   980  O O     . VAL B 2 118 ? 0.327   -2.797  -8.846  1.00 2.00  ? 118 VAL E O     1 
ATOM   981  C CB    . VAL B 2 118 ? 0.584   -0.916  -11.523 1.00 4.72  ? 118 VAL E CB    1 
ATOM   982  C CG1   . VAL B 2 118 ? 1.305   -2.243  -11.752 1.00 5.61  ? 118 VAL E CG1   1 
ATOM   983  C CG2   . VAL B 2 118 ? -0.678  -0.885  -12.436 1.00 6.25  ? 118 VAL E CG2   1 
ATOM   984  N N     . HIS B 2 119 ? 1.585   -1.082  -8.215  1.00 3.08  ? 119 HIS E N     1 
ATOM   985  C CA    . HIS B 2 119 ? 2.334   -1.842  -7.228  1.00 2.90  ? 119 HIS E CA    1 
ATOM   986  C C     . HIS B 2 119 ? 2.805   -0.823  -6.208  1.00 2.00  ? 119 HIS E C     1 
ATOM   987  O O     . HIS B 2 119 ? 3.059   0.305   -6.635  1.00 2.75  ? 119 HIS E O     1 
ATOM   988  C CB    . HIS B 2 119 ? 3.501   -2.534  -7.972  1.00 2.27  ? 119 HIS E CB    1 
ATOM   989  C CG    . HIS B 2 119 ? 4.705   -2.916  -7.119  1.00 2.69  ? 119 HIS E CG    1 
ATOM   990  N ND1   . HIS B 2 119 ? 4.863   -3.997  -6.334  1.00 2.04  ? 119 HIS E ND1   1 
ATOM   991  C CD2   . HIS B 2 119 ? 5.822   -2.125  -7.026  1.00 2.01  ? 119 HIS E CD2   1 
ATOM   992  C CE1   . HIS B 2 119 ? 6.017   -3.886  -5.752  1.00 2.17  ? 119 HIS E CE1   1 
ATOM   993  N NE2   . HIS B 2 119 ? 6.574   -2.769  -6.181  1.00 5.27  ? 119 HIS E NE2   1 
ATOM   994  N N     . PHE B 2 120 ? 2.949   -1.199  -4.925  1.00 2.01  ? 120 PHE E N     1 
ATOM   995  C CA    . PHE B 2 120 ? 3.486   -0.345  -3.860  1.00 2.00  ? 120 PHE E CA    1 
ATOM   996  C C     . PHE B 2 120 ? 4.916   -0.860  -3.676  1.00 2.01  ? 120 PHE E C     1 
ATOM   997  O O     . PHE B 2 120 ? 5.116   -2.056  -3.509  1.00 2.00  ? 120 PHE E O     1 
ATOM   998  C CB    . PHE B 2 120 ? 2.749   -0.509  -2.503  1.00 2.00  ? 120 PHE E CB    1 
ATOM   999  C CG    . PHE B 2 120 ? 3.194   0.531   -1.496  1.00 2.00  ? 120 PHE E CG    1 
ATOM   1000 C CD1   . PHE B 2 120 ? 4.322   0.331   -0.735  1.00 2.00  ? 120 PHE E CD1   1 
ATOM   1001 C CD2   . PHE B 2 120 ? 2.534   1.727   -1.441  1.00 2.01  ? 120 PHE E CD2   1 
ATOM   1002 C CE1   . PHE B 2 120 ? 4.789   1.342   0.057   1.00 2.00  ? 120 PHE E CE1   1 
ATOM   1003 C CE2   . PHE B 2 120 ? 3.010   2.732   -0.642  1.00 2.00  ? 120 PHE E CE2   1 
ATOM   1004 C CZ    . PHE B 2 120 ? 4.141   2.552   0.109   1.00 2.01  ? 120 PHE E CZ    1 
ATOM   1005 N N     . ASP B 2 121 ? 5.957   -0.052  -3.696  1.00 3.07  ? 121 ASP E N     1 
ATOM   1006 C CA    . ASP B 2 121 ? 7.299   -0.558  -3.663  1.00 2.00  ? 121 ASP E CA    1 
ATOM   1007 C C     . ASP B 2 121 ? 8.053   -0.274  -2.381  1.00 5.02  ? 121 ASP E C     1 
ATOM   1008 O O     . ASP B 2 121 ? 8.756   -1.160  -1.904  1.00 2.00  ? 121 ASP E O     1 
ATOM   1009 C CB    . ASP B 2 121 ? 8.036   0.020   -4.869  1.00 2.63  ? 121 ASP E CB    1 
ATOM   1010 C CG    . ASP B 2 121 ? 9.442   -0.549  -5.055  1.00 5.38  ? 121 ASP E CG    1 
ATOM   1011 O OD1   . ASP B 2 121 ? 9.535   -1.649  -5.597  1.00 2.43  ? 121 ASP E OD1   1 
ATOM   1012 O OD2   . ASP B 2 121 ? 10.425  0.099   -4.676  1.00 3.99  ? 121 ASP E OD2   1 
ATOM   1013 N N     . ALA B 2 122 ? 7.900   0.909   -1.776  1.00 6.16  ? 122 ALA E N     1 
ATOM   1014 C CA    . ALA B 2 122 ? 8.711   1.277   -0.629  1.00 3.82  ? 122 ALA E CA    1 
ATOM   1015 C C     . ALA B 2 122 ? 8.244   2.618   -0.120  1.00 2.00  ? 122 ALA E C     1 
ATOM   1016 O O     . ALA B 2 122 ? 7.493   3.287   -0.810  1.00 2.01  ? 122 ALA E O     1 
ATOM   1017 C CB    . ALA B 2 122 ? 10.183  1.438   -1.007  1.00 2.01  ? 122 ALA E CB    1 
ATOM   1018 N N     . SER B 2 123 ? 8.616   3.012   1.078   1.00 2.00  ? 123 SER E N     1 
ATOM   1019 C CA    . SER B 2 123 ? 8.391   4.353   1.554   1.00 3.31  ? 123 SER E CA    1 
ATOM   1020 C C     . SER B 2 123 ? 9.742   4.783   2.085   1.00 5.40  ? 123 SER E C     1 
ATOM   1021 O O     . SER B 2 123 ? 10.600  3.910   2.357   1.00 6.66  ? 123 SER E O     1 
ATOM   1022 C CB    . SER B 2 123 ? 7.364   4.358   2.642   1.00 2.00  ? 123 SER E CB    1 
ATOM   1023 O OG    . SER B 2 123 ? 7.301   3.149   3.374   1.00 6.89  ? 123 SER E OG    1 
ATOM   1024 N N     . VAL B 2 124 ? 9.973   6.076   2.231   1.00 3.17  ? 124 VAL E N     1 
ATOM   1025 C CA    . VAL B 2 124 ? 11.256  6.557   2.678   1.00 9.39  ? 124 VAL E CA    1 
ATOM   1026 C C     . VAL B 2 124 ? 11.114  7.955   3.282   1.00 8.78  ? 124 VAL E C     1 
ATOM   1027 O O     . VAL B 2 124 ? 10.254  8.719   2.841   1.00 9.87  ? 124 VAL E O     1 
ATOM   1028 C CB    . VAL B 2 124 ? 12.191  6.476   1.430   1.00 11.24 ? 124 VAL E CB    1 
ATOM   1029 C CG1   . VAL B 2 124 ? 11.751  7.422   0.322   1.00 12.12 ? 124 VAL E CG1   1 
ATOM   1030 C CG2   . VAL B 2 124 ? 13.602  6.758   1.895   1.00 15.29 ? 124 VAL E CG2   1 
ATOM   1031 O OXT   . VAL B 2 124 ? 11.830  8.252   4.238   1.00 10.60 ? 124 VAL E OXT   1 
HETATM 1032 O O     . HOH C 3 .   ? 9.982   -11.157 -2.051  1.00 2.00  ? 194 HOH D O     1 
HETATM 1033 O O     . HOH C 3 .   ? 11.180  -4.407  4.577   1.00 4.84  ? 201 HOH D O     1 
HETATM 1034 O O     . HOH C 3 .   ? 6.819   -12.275 -0.529  1.00 11.54 ? 210 HOH D O     1 
HETATM 1035 O O     . HOH C 3 .   ? -1.906  -20.770 -7.096  1.00 15.85 ? 217 HOH D O     1 
HETATM 1036 O O     . HOH C 3 .   ? 2.278   -12.847 -10.946 1.00 17.80 ? 220 HOH D O     1 
HETATM 1037 O O     . HOH C 3 .   ? -0.730  -3.402  -6.185  1.00 19.47 ? 222 HOH D O     1 
HETATM 1038 O O     . HOH C 3 .   ? 2.358   -16.342 -8.284  1.00 20.23 ? 223 HOH D O     1 
HETATM 1039 O O     . HOH C 3 .   ? 5.610   -13.170 -11.084 1.00 23.62 ? 232 HOH D O     1 
HETATM 1040 O O     . HOH C 3 .   ? -0.640  -16.252 -6.074  1.00 32.08 ? 242 HOH D O     1 
HETATM 1041 O O     . HOH C 3 .   ? 1.555   -11.652 -4.868  1.00 43.33 ? 254 HOH D O     1 
HETATM 1042 O O     . HOH C 3 .   ? 6.058   -12.269 -3.049  1.00 43.63 ? 255 HOH D O     1 
HETATM 1043 O O     . HOH C 3 .   ? 2.189   -13.772 -6.975  1.00 44.00 ? 256 HOH D O     1 
HETATM 1044 O O     . HOH C 3 .   ? 3.653   -11.106 -2.462  1.00 50.45 ? 260 HOH D O     1 
HETATM 1045 O O     . HOH D 3 .   ? -4.836  13.298  -0.193  1.00 2.00  ? 193 HOH E O     1 
HETATM 1046 O O     . HOH D 3 .   ? 3.879   -2.292  11.000  1.00 2.00  ? 195 HOH E O     1 
HETATM 1047 O O     . HOH D 3 .   ? -4.888  11.744  11.163  1.00 2.01  ? 196 HOH E O     1 
HETATM 1048 O O     . HOH D 3 .   ? 10.435  -4.483  -6.364  1.00 2.01  ? 197 HOH E O     1 
HETATM 1049 O O     . HOH D 3 .   ? 3.990   -18.625 13.665  1.00 2.45  ? 198 HOH E O     1 
HETATM 1050 O O     . HOH D 3 .   ? -4.448  2.133   -16.289 1.00 3.77  ? 199 HOH E O     1 
HETATM 1051 O O     . HOH D 3 .   ? 12.679  1.381   1.050   1.00 4.48  ? 200 HOH E O     1 
HETATM 1052 O O     . HOH D 3 .   ? 15.469  -8.029  -7.858  1.00 5.42  ? 202 HOH E O     1 
HETATM 1053 O O     . HOH D 3 .   ? -7.689  4.764   -11.932 1.00 5.79  ? 203 HOH E O     1 
HETATM 1054 O O     . HOH D 3 .   ? -6.007  4.508   -9.683  1.00 6.09  ? 204 HOH E O     1 
HETATM 1055 O O     . HOH D 3 .   ? 3.931   13.957  -3.531  1.00 7.58  ? 205 HOH E O     1 
HETATM 1056 O O     . HOH D 3 .   ? 9.537   14.787  -12.097 1.00 8.81  ? 206 HOH E O     1 
HETATM 1057 O O     . HOH D 3 .   ? 14.541  6.311   -3.073  1.00 8.87  ? 207 HOH E O     1 
HETATM 1058 O O     . HOH D 3 .   ? -4.717  2.391   -8.718  1.00 9.03  ? 208 HOH E O     1 
HETATM 1059 O O     . HOH D 3 .   ? -10.473 2.695   -11.332 1.00 10.26 ? 209 HOH E O     1 
HETATM 1060 O O     . HOH D 3 .   ? 20.445  0.953   -12.527 1.00 12.31 ? 211 HOH E O     1 
HETATM 1061 O O     . HOH D 3 .   ? -3.020  -13.472 -9.404  1.00 12.75 ? 212 HOH E O     1 
HETATM 1062 O O     . HOH D 3 .   ? -8.692  7.701   12.167  1.00 13.56 ? 213 HOH E O     1 
HETATM 1063 O O     . HOH D 3 .   ? -10.230 5.184   -10.012 1.00 13.71 ? 214 HOH E O     1 
HETATM 1064 O O     . HOH D 3 .   ? -6.093  6.719   19.105  1.00 14.16 ? 215 HOH E O     1 
HETATM 1065 O O     . HOH D 3 .   ? -1.896  -1.852  -16.110 1.00 14.82 ? 216 HOH E O     1 
HETATM 1066 O O     . HOH D 3 .   ? 0.624   -5.563  -14.661 1.00 16.82 ? 218 HOH E O     1 
HETATM 1067 O O     . HOH D 3 .   ? -10.256 0.623   -13.826 1.00 17.40 ? 219 HOH E O     1 
HETATM 1068 O O     . HOH D 3 .   ? -9.420  1.749   -2.385  1.00 19.09 ? 221 HOH E O     1 
HETATM 1069 O O     . HOH D 3 .   ? -0.071  -27.277 12.297  1.00 20.63 ? 224 HOH E O     1 
HETATM 1070 O O     . HOH D 3 .   ? 8.687   -4.572  5.371   1.00 21.41 ? 225 HOH E O     1 
HETATM 1071 O O     . HOH D 3 .   ? 0.732   -18.047 6.204   1.00 22.33 ? 226 HOH E O     1 
HETATM 1072 O O     . HOH D 3 .   ? -11.734 -3.156  -16.768 1.00 22.33 ? 227 HOH E O     1 
HETATM 1073 O O     . HOH D 3 .   ? 2.334   3.386   15.361  1.00 22.54 ? 228 HOH E O     1 
HETATM 1074 O O     . HOH D 3 .   ? -12.306 -1.795  -2.096  1.00 22.64 ? 229 HOH E O     1 
HETATM 1075 O O     . HOH D 3 .   ? -9.525  5.657   -18.024 1.00 22.67 ? 230 HOH E O     1 
HETATM 1076 O O     . HOH D 3 .   ? 11.318  -4.449  1.486   1.00 23.52 ? 231 HOH E O     1 
HETATM 1077 O O     . HOH D 3 .   ? 10.566  0.614   7.813   1.00 26.06 ? 233 HOH E O     1 
HETATM 1078 O O     . HOH D 3 .   ? 1.510   -6.522  -16.951 1.00 26.13 ? 234 HOH E O     1 
HETATM 1079 O O     . HOH D 3 .   ? 12.012  2.251   5.571   1.00 26.14 ? 235 HOH E O     1 
HETATM 1080 O O     . HOH D 3 .   ? 13.194  5.515   5.456   1.00 26.68 ? 236 HOH E O     1 
HETATM 1081 O O     . HOH D 3 .   ? 18.215  -0.016  -13.491 1.00 26.90 ? 237 HOH E O     1 
HETATM 1082 O O     . HOH D 3 .   ? -2.503  -29.375 13.612  1.00 28.29 ? 238 HOH E O     1 
HETATM 1083 O O     . HOH D 3 .   ? -9.573  4.688   -1.554  1.00 29.10 ? 239 HOH E O     1 
HETATM 1084 O O     . HOH D 3 .   ? 2.824   1.507   -19.185 1.00 30.46 ? 240 HOH E O     1 
HETATM 1085 O O     . HOH D 3 .   ? 4.845   -11.729 17.467  1.00 30.54 ? 241 HOH E O     1 
HETATM 1086 O O     . HOH D 3 .   ? -6.474  -12.465 13.945  1.00 32.78 ? 243 HOH E O     1 
HETATM 1087 O O     . HOH D 3 .   ? -2.621  -7.423  -12.231 1.00 33.11 ? 244 HOH E O     1 
HETATM 1088 O O     . HOH D 3 .   ? -12.048 1.441   -1.548  1.00 34.40 ? 245 HOH E O     1 
HETATM 1089 O O     . HOH D 3 .   ? 0.607   0.536   -21.700 1.00 35.73 ? 246 HOH E O     1 
HETATM 1090 O O     . HOH D 3 .   ? 14.570  3.145   5.936   1.00 36.29 ? 247 HOH E O     1 
HETATM 1091 O O     . HOH D 3 .   ? -6.375  -10.781 9.987   1.00 36.44 ? 248 HOH E O     1 
HETATM 1092 O O     . HOH D 3 .   ? -4.611  -2.417  -16.250 1.00 37.40 ? 249 HOH E O     1 
HETATM 1093 O O     . HOH D 3 .   ? -6.802  3.474   -15.205 1.00 37.87 ? 250 HOH E O     1 
HETATM 1094 O O     . HOH D 3 .   ? -9.585  -1.708  -18.097 1.00 38.93 ? 251 HOH E O     1 
HETATM 1095 O O     . HOH D 3 .   ? -2.120  -6.010  -15.075 1.00 38.98 ? 252 HOH E O     1 
HETATM 1096 O O     . HOH D 3 .   ? -10.902 -2.115  -13.560 1.00 42.46 ? 253 HOH E O     1 
HETATM 1097 O O     . HOH D 3 .   ? -4.620  0.911   19.719  1.00 45.34 ? 257 HOH E O     1 
HETATM 1098 O O     . HOH D 3 .   ? -9.776  -15.819 9.832   1.00 45.35 ? 258 HOH E O     1 
HETATM 1099 O O     . HOH D 3 .   ? -1.239  -6.144  -17.847 1.00 45.35 ? 259 HOH E O     1 
# 
